data_6KIX
#
_entry.id   6KIX
#
_cell.length_a   1.00
_cell.length_b   1.00
_cell.length_c   1.00
_cell.angle_alpha   90.00
_cell.angle_beta   90.00
_cell.angle_gamma   90.00
#
_symmetry.space_group_name_H-M   'P 1'
#
loop_
_entity.id
_entity.type
_entity.pdbx_description
1 polymer 'Histone H3'
2 polymer 'Histone H4'
3 polymer 'Histone H2A'
4 polymer 'Histone H2B 1.1'
5 polymer 'DNA (145-MER)'
6 polymer 'DNA (145-MER)'
7 polymer 'Retinoblastoma-binding protein 5'
8 polymer 'Histone-lysine N-methyltransferase 2A'
9 polymer 'WD repeat-containing protein 5'
10 polymer 'Set1/Ash2 histone methyltransferase complex subunit ASH2'
11 non-polymer S-ADENOSYL-L-HOMOCYSTEINE
12 non-polymer 'ZINC ION'
13 non-polymer LYSINE
14 non-polymer GLUTAMINE
#
loop_
_entity_poly.entity_id
_entity_poly.type
_entity_poly.pdbx_seq_one_letter_code
_entity_poly.pdbx_strand_id
1 'polypeptide(L)'
;ARTKQTARKSTGGKAPRKQLATKAARKSAPATGGVKKPHRYRPGTVALREIRRYQKSTELLIRKLPFQRLVREIAQDFKT
DLRFQSSAVMALQEASEAYLVALFEDTNLCAIHAKRVTIMPKDIQLARRIRGERA
;
A,E
2 'polypeptide(L)'
;SGRGKGGKGLGKGGAKRHRKVLRDNIQGITKPAIRRLARRGGVKRISGLIYEETRGVLKVFLENVIRDAVTYTEHAKRKT
VTAMDVVYALKRQGRTLYGFGG
;
B,F
3 'polypeptide(L)'
;SGRGKQGGKTRAKAKTRSSRAGLQFPVGRVHRLLRKGNYAERVGAGAPVYLAAVLEYLTAEILELAGNAARDNKKTRIIP
RHLQLAVRNDEELNKLLGRVTIAQGGVLPNIQSVLLPKKTESSKSAKSK
;
C,G
4 'polypeptide(L)'
;AKSAPAPKKGSKKAVTKTQKKDGKKRRKTRKESYAIYVYKVLKQVHPDTGISSKAMSIMNSFVNDVFERIAGEASRLAHY
NKRSTITSREIQTAVRLLLPGELAKHAVSEGTKAVTCYTSAK
;
D,H
5 'polydeoxyribonucleotide'
;(DT)(DC)(DG)(DA)(DG)(DA)(DA)(DT)(DC)(DC)(DC)(DG)(DG)(DT)(DG)(DC)(DC)(DG)(DA)(DG)
(DG)(DC)(DC)(DG)(DC)(DT)(DC)(DA)(DA)(DT)(DT)(DG)(DG)(DT)(DC)(DG)(DT)(DA)(DG)(DA)
(DC)(DA)(DG)(DC)(DT)(DC)(DT)(DA)(DG)(DC)(DA)(DC)(DC)(DG)(DC)(DT)(DT)(DA)(DA)(DA)
(DC)(DG)(DC)(DA)(DC)(DG)(DT)(DA)(DC)(DG)(DC)(DG)(DC)(DT)(DG)(DT)(DC)(DC)(DC)(DC)
(DC)(DG)(DC)(DG)(DT)(DT)(DT)(DT)(DA)(DA)(DC)(DC)(DG)(DC)(DC)(DA)(DA)(DG)(DG)(DG)
(DG)(DA)(DT)(DT)(DA)(DC)(DT)(DC)(DC)(DC)(DT)(DA)(DG)(DT)(DC)(DT)(DC)(DC)(DA)(DG)
(DG)(DC)(DA)(DC)(DG)(DT)(DG)(DT)(DC)(DA)(DG)(DA)(DT)(DA)(DT)(DA)(DT)(DA)(DC)(DA)
(DT)(DC)(DC)(DG)(DA)
;
I
6 'polydeoxyribonucleotide'
;(DT)(DC)(DG)(DG)(DA)(DT)(DG)(DT)(DA)(DT)(DA)(DT)(DA)(DT)(DC)(DT)(DG)(DA)(DC)(DA)
(DC)(DG)(DT)(DG)(DC)(DC)(DT)(DG)(DG)(DA)(DG)(DA)(DC)(DT)(DA)(DG)(DG)(DG)(DA)(DG)
(DT)(DA)(DA)(DT)(DC)(DC)(DC)(DC)(DT)(DT)(DG)(DG)(DC)(DG)(DG)(DT)(DT)(DA)(DA)(DA)
(DA)(DC)(DG)(DC)(DG)(DG)(DG)(DG)(DG)(DA)(DC)(DA)(DG)(DC)(DG)(DC)(DG)(DT)(DA)(DC)
(DG)(DT)(DG)(DC)(DG)(DT)(DT)(DT)(DA)(DA)(DG)(DC)(DG)(DG)(DT)(DG)(DC)(DT)(DA)(DG)
(DA)(DG)(DC)(DT)(DG)(DT)(DC)(DT)(DA)(DC)(DG)(DA)(DC)(DC)(DA)(DA)(DT)(DT)(DG)(DA)
(DG)(DC)(DG)(DG)(DC)(DC)(DT)(DC)(DG)(DG)(DC)(DA)(DC)(DC)(DG)(DG)(DG)(DA)(DT)(DT)
(DC)(DT)(DC)(DG)(DA)
;
J
7 'polypeptide(L)'
;MNLELLESFGQNYPEEADGTLDCISMALTCTFNRWGTLLAVGCNDGRIVIWDFLTRGIAKIISAHIHPVCSLCWSRDGHK
LVSASTDNIVSQWDVLSGDCDQRFRFPSPILKVQYHPRDQNKVLVCPMKSAPVMLTLSDSKHVVLPVDDDSDLNVVASFD
RRGEYIYTGNAKGKILVLKTDSQDLVASFRVTTGTSNTTAIKSIEFARKGSCFLINTADRIIRVYDGREILTCGRDGEPE
PMQKLQDLVNRTPWKKCCFSGDGEYIVAGSARQHALYIWEKSIGNLVKILHGTRGELLLDVAWHPVRPIIASISSGVVSI
WAQNQVENWSAFAPDFKELDENVEYEERESEFDIEDEDKSEPEQTGADAAEDEEVDVTSVDPIAAFCSSDEELEDSKALL
YLPIAPEVEDPEENPYGPPPDAVQTSLMDEGASSEKKRQSSADGSQPPKKKPKTTNIELQGVPNDEVHPLLGVKGDGKSK
KKQAGRPKGSKGKEKDSPFKPKLYKGDRGLPLEGSAKGKVQAELSQPLTAGGAISELL
;
N
8 'polypeptide(L)'
;NEPPLNPHGSARAEVHLRKSAFDMFNFLASKHRQPPEYNPNDEEEEEVQLKSARRATSMDLPMPMRFRHLKKTSKEAVGV
YRSPIHGRGLFCKRNIDAGEMVIEYAGNVIRSIQTDKREKYYDSKGIGCYMFRIDDSEVVDATMHGNAARFINHSCEPNC
YSRVINIDGQKHIVIFAMRKIYRGEELTYDYKFPIEDASNKLPCNCGAKKCRKFLN
;
K
9 'polypeptide(L)'
;MATEEKKPETEAARAQPTPSSSATQSKPTPVKPNYALKFTLAGHTKAVSSVKFSPNGEWLASSSADKLIKIWGAYDGKFE
KTISGHKLGISDVAWSSDSNLLVSASDDKTLKIWDVSSGKCLKTLKGHSNYVFCCNFNPQSNLIVSGSFDESVRIWDVKT
GKCLKTLPAHSDPVSAVHFNRDGSLIVSSSYDGLCRIWDTASGQCLKTLIDDDNPPVSFVKFSPNGKYILAATLDNTLKL
WDYSKGKCLKTYTGHKNEKYCIFANFSVTGGKWIVSGSEDNLVYIWNLQTKEIVQKLQGHTDVVISTACHPTENIIASAA
LENDKTIKLWKSDC
;
R
10 'polypeptide(L)'
;MDTQAGSVDEENGRQLGEVELQCGICTKWFTADTFGIDTSSCLPFMTNYSFHCNVCHHSGNTYFLRKQANLKEMCLSALA
NLTWQSRTQDEHPKTMFSKDKDIIPFIDKYWECMTTRQRPGKMTWPNNIVKTMSKERDVFLVKEHPDPGSKDPEEDYPKF
GLLDQDLSNIGPAYDNQKQSSAVSTSGNLNGGIAAGSSGKGRGAKRKQQDGGTTGTTKKARSDPLFSAQRLPPHGYPLEH
PFNKDGYRYILAEPDPHAPDPEKLELDCWAGKPIPGDLYRACLYERVLLALHDRAPQLKISDDRLTVVGEKGYSMVRASH
GVRKGAWYFEITVDEMPPDTAARLGWSQPLGNLQAPLGYDKFSYSWRSKKGTKFHQSIGKHYSSGYGQGDVLGFYINLPE
DTETAKSLPDTYKDKALIKFKSYLYFEEKDFVDKAEKSLKQTPHSEIIFYKNGVNQGVAYKDIFEGVYFPAISLYKSCTV
SINFGPCFKYPPKDLTYRPMSDMGWGAVVEHTLADVLYHVETEVDGRRSPPWEP
;
T
#
# COMPACT_ATOMS: atom_id res chain seq x y z
N PRO A 38 57.74 32.45 16.30
CA PRO A 38 57.23 31.11 16.00
C PRO A 38 56.58 30.48 17.22
N HIS A 39 55.28 30.70 17.41
CA HIS A 39 54.60 30.24 18.61
C HIS A 39 53.26 29.64 18.26
N ARG A 40 52.98 28.46 18.80
CA ARG A 40 51.69 27.79 18.66
C ARG A 40 51.22 27.36 20.03
N TYR A 41 49.93 27.57 20.30
CA TYR A 41 49.39 27.21 21.61
C TYR A 41 49.29 25.69 21.75
N ARG A 42 49.38 25.25 22.98
CA ARG A 42 49.01 23.88 23.32
C ARG A 42 47.53 23.70 23.04
N PRO A 43 47.11 22.63 22.38
CA PRO A 43 45.73 22.53 21.88
C PRO A 43 44.69 22.40 22.97
N GLY A 44 43.72 23.31 22.97
CA GLY A 44 42.65 23.33 23.94
C GLY A 44 42.33 24.72 24.44
N THR A 45 43.37 25.57 24.49
CA THR A 45 43.22 26.91 25.05
C THR A 45 42.38 27.79 24.14
N VAL A 46 42.60 27.70 22.83
CA VAL A 46 41.79 28.44 21.88
C VAL A 46 40.35 27.95 21.88
N ALA A 47 40.15 26.65 22.12
CA ALA A 47 38.81 26.10 22.28
C ALA A 47 38.11 26.70 23.50
N LEU A 48 38.83 26.82 24.62
CA LEU A 48 38.22 27.37 25.83
C LEU A 48 37.88 28.85 25.67
N ARG A 49 38.76 29.62 25.05
CA ARG A 49 38.40 31.02 24.87
C ARG A 49 37.35 31.22 23.79
N GLU A 50 37.23 30.31 22.83
CA GLU A 50 36.08 30.37 21.93
C GLU A 50 34.78 30.06 22.66
N ILE A 51 34.82 29.13 23.63
CA ILE A 51 33.62 28.83 24.41
C ILE A 51 33.19 30.04 25.21
N ARG A 52 34.14 30.72 25.87
CA ARG A 52 33.77 31.91 26.63
C ARG A 52 33.31 33.05 25.72
N ARG A 53 33.97 33.23 24.57
CA ARG A 53 33.62 34.34 23.68
C ARG A 53 32.26 34.14 23.04
N TYR A 54 31.87 32.90 22.73
CA TYR A 54 30.55 32.71 22.17
C TYR A 54 29.46 32.65 23.22
N GLN A 55 29.76 32.19 24.44
CA GLN A 55 28.72 32.25 25.47
C GLN A 55 28.52 33.66 25.99
N LYS A 56 29.46 34.57 25.75
CA LYS A 56 29.24 35.96 26.12
C LYS A 56 28.10 36.59 25.34
N SER A 57 28.25 36.70 24.03
CA SER A 57 27.39 37.56 23.23
C SER A 57 26.21 36.79 22.64
N THR A 58 25.29 37.55 22.05
CA THR A 58 24.12 37.02 21.38
C THR A 58 24.10 37.50 19.93
N GLU A 59 23.99 36.56 19.00
CA GLU A 59 23.97 36.86 17.58
C GLU A 59 23.29 35.71 16.86
N LEU A 60 23.43 35.66 15.54
CA LEU A 60 22.91 34.55 14.75
C LEU A 60 24.06 33.85 14.06
N LEU A 61 24.09 32.54 14.19
CA LEU A 61 25.28 31.75 13.87
C LEU A 61 25.18 31.01 12.54
N ILE A 62 24.09 31.17 11.81
CA ILE A 62 23.91 30.54 10.51
C ILE A 62 23.62 31.63 9.49
N ARG A 63 24.33 31.59 8.37
CA ARG A 63 24.15 32.59 7.32
C ARG A 63 22.76 32.49 6.71
N LYS A 64 22.15 33.65 6.47
CA LYS A 64 20.71 33.67 6.23
C LYS A 64 20.31 33.31 4.81
N LEU A 65 21.19 33.53 3.82
CA LEU A 65 20.86 33.11 2.46
C LEU A 65 20.79 31.59 2.26
N PRO A 66 21.75 30.78 2.77
CA PRO A 66 21.55 29.33 2.61
C PRO A 66 20.40 28.79 3.43
N PHE A 67 20.11 29.38 4.59
CA PHE A 67 18.99 28.92 5.38
C PHE A 67 17.67 29.28 4.70
N GLN A 68 17.61 30.45 4.06
CA GLN A 68 16.41 30.83 3.34
C GLN A 68 16.17 29.94 2.13
N ARG A 69 17.24 29.59 1.41
CA ARG A 69 17.09 28.68 0.29
C ARG A 69 16.71 27.28 0.76
N LEU A 70 17.17 26.86 1.93
CA LEU A 70 16.74 25.57 2.49
C LEU A 70 15.26 25.57 2.84
N VAL A 71 14.76 26.68 3.40
CA VAL A 71 13.35 26.75 3.76
C VAL A 71 12.47 26.73 2.52
N ARG A 72 12.84 27.48 1.49
CA ARG A 72 12.08 27.45 0.24
C ARG A 72 12.16 26.07 -0.43
N GLU A 73 13.32 25.42 -0.32
CA GLU A 73 13.54 24.12 -0.93
C GLU A 73 12.66 23.05 -0.32
N ILE A 74 12.58 22.97 1.01
CA ILE A 74 11.72 21.94 1.59
C ILE A 74 10.29 22.40 1.75
N ALA A 75 9.98 23.67 1.48
CA ALA A 75 8.59 24.06 1.39
C ALA A 75 8.02 23.86 0.00
N GLN A 76 8.89 23.62 -1.00
CA GLN A 76 8.41 23.41 -2.36
C GLN A 76 7.56 22.15 -2.51
N ASP A 77 7.83 21.12 -1.72
CA ASP A 77 7.20 19.83 -1.91
C ASP A 77 5.84 19.70 -1.24
N PHE A 78 5.39 20.69 -0.47
CA PHE A 78 4.09 20.62 0.17
C PHE A 78 3.04 21.47 -0.51
N LYS A 79 3.46 22.53 -1.21
CA LYS A 79 2.58 23.37 -2.00
C LYS A 79 3.47 24.15 -2.95
N THR A 80 3.15 24.10 -4.24
CA THR A 80 3.96 24.83 -5.20
C THR A 80 3.60 26.31 -5.19
N ASP A 81 4.60 27.14 -5.45
CA ASP A 81 4.49 28.60 -5.57
C ASP A 81 3.94 29.22 -4.28
N LEU A 82 4.75 29.13 -3.23
CA LEU A 82 4.53 29.88 -2.01
C LEU A 82 5.33 31.17 -2.05
N ARG A 83 5.19 31.96 -0.99
CA ARG A 83 5.74 33.32 -1.00
C ARG A 83 5.95 33.71 0.47
N PHE A 84 7.19 33.62 0.93
CA PHE A 84 7.46 33.85 2.35
C PHE A 84 7.62 35.32 2.67
N GLN A 85 7.25 35.67 3.89
CA GLN A 85 7.66 36.93 4.49
C GLN A 85 9.08 36.78 5.02
N SER A 86 9.64 37.85 5.57
CA SER A 86 10.99 37.77 6.12
C SER A 86 11.00 37.37 7.59
N SER A 87 10.04 37.87 8.36
CA SER A 87 10.00 37.58 9.79
C SER A 87 9.70 36.12 10.07
N ALA A 88 9.00 35.44 9.17
CA ALA A 88 8.76 34.01 9.33
C ALA A 88 10.07 33.23 9.21
N VAL A 89 10.93 33.64 8.27
CA VAL A 89 12.25 33.04 8.13
C VAL A 89 13.09 33.29 9.39
N MET A 90 12.97 34.50 9.94
CA MET A 90 13.67 34.81 11.19
C MET A 90 13.20 33.94 12.35
N ALA A 91 11.89 33.70 12.43
CA ALA A 91 11.33 32.89 13.50
C ALA A 91 11.77 31.44 13.40
N LEU A 92 11.81 30.90 12.18
CA LEU A 92 12.29 29.54 11.98
C LEU A 92 13.76 29.41 12.36
N GLN A 93 14.57 30.44 12.03
CA GLN A 93 15.98 30.41 12.37
C GLN A 93 16.20 30.42 13.89
N GLU A 94 15.40 31.23 14.59
CA GLU A 94 15.49 31.29 16.06
C GLU A 94 15.13 29.95 16.69
N ALA A 95 14.02 29.35 16.25
CA ALA A 95 13.56 28.11 16.85
C ALA A 95 14.54 26.97 16.60
N SER A 96 15.08 26.88 15.37
CA SER A 96 16.02 25.81 15.06
C SER A 96 17.33 25.96 15.83
N GLU A 97 17.81 27.19 15.99
CA GLU A 97 19.06 27.38 16.70
C GLU A 97 18.93 27.06 18.18
N ALA A 98 17.80 27.44 18.81
CA ALA A 98 17.60 27.12 20.22
C ALA A 98 17.47 25.62 20.44
N TYR A 99 16.77 24.93 19.54
CA TYR A 99 16.64 23.48 19.66
C TYR A 99 17.98 22.77 19.54
N LEU A 100 18.83 23.19 18.60
CA LEU A 100 20.14 22.56 18.45
C LEU A 100 21.05 22.78 19.65
N VAL A 101 20.99 23.98 20.24
CA VAL A 101 21.84 24.25 21.40
C VAL A 101 21.42 23.40 22.60
N ALA A 102 20.11 23.24 22.81
CA ALA A 102 19.64 22.39 23.91
C ALA A 102 20.05 20.93 23.71
N LEU A 103 19.98 20.46 22.46
CA LEU A 103 20.37 19.08 22.16
C LEU A 103 21.85 18.86 22.42
N PHE A 104 22.70 19.82 22.06
CA PHE A 104 24.13 19.68 22.31
C PHE A 104 24.48 19.71 23.79
N GLU A 105 23.78 20.50 24.60
CA GLU A 105 24.03 20.47 26.04
C GLU A 105 23.71 19.11 26.66
N ASP A 106 22.56 18.54 26.29
CA ASP A 106 22.20 17.24 26.87
C ASP A 106 23.11 16.12 26.35
N THR A 107 23.59 16.24 25.11
CA THR A 107 24.53 15.28 24.57
C THR A 107 25.87 15.33 25.31
N ASN A 108 26.34 16.54 25.63
CA ASN A 108 27.61 16.67 26.33
C ASN A 108 27.50 16.15 27.76
N LEU A 109 26.33 16.28 28.39
CA LEU A 109 26.10 15.63 29.68
C LEU A 109 26.22 14.12 29.58
N CYS A 110 25.64 13.53 28.52
CA CYS A 110 25.75 12.09 28.32
C CYS A 110 27.20 11.65 28.12
N ALA A 111 27.96 12.42 27.34
CA ALA A 111 29.33 12.03 27.02
C ALA A 111 30.25 12.17 28.23
N ILE A 112 30.02 13.18 29.07
CA ILE A 112 30.80 13.29 30.31
C ILE A 112 30.41 12.19 31.28
N HIS A 113 29.16 11.74 31.25
CA HIS A 113 28.79 10.55 32.02
C HIS A 113 29.52 9.31 31.52
N ALA A 114 29.79 9.21 30.22
CA ALA A 114 30.45 8.02 29.70
C ALA A 114 31.98 8.03 29.89
N LYS A 115 32.52 8.92 30.72
CA LYS A 115 33.95 9.02 31.04
C LYS A 115 34.80 9.23 29.79
N ARG A 116 34.35 10.13 28.93
CA ARG A 116 35.08 10.51 27.73
C ARG A 116 35.06 12.01 27.58
N VAL A 117 35.47 12.53 26.42
CA VAL A 117 35.39 13.95 26.14
C VAL A 117 34.62 14.17 24.84
N THR A 118 35.02 13.46 23.79
CA THR A 118 34.52 13.76 22.45
C THR A 118 33.13 13.17 22.25
N ILE A 119 32.23 13.98 21.70
CA ILE A 119 30.87 13.54 21.39
C ILE A 119 30.90 12.55 20.23
N MET A 120 30.23 11.42 20.42
CA MET A 120 29.94 10.44 19.38
C MET A 120 28.45 10.51 19.01
N PRO A 121 28.09 10.07 17.80
CA PRO A 121 26.65 10.17 17.42
C PRO A 121 25.74 9.21 18.15
N LYS A 122 26.27 8.13 18.74
CA LYS A 122 25.43 7.28 19.57
C LYS A 122 24.98 7.98 20.85
N ASP A 123 25.73 8.99 21.30
CA ASP A 123 25.27 9.82 22.41
C ASP A 123 24.07 10.65 22.00
N ILE A 124 24.07 11.19 20.78
CA ILE A 124 22.93 11.94 20.26
C ILE A 124 21.72 11.04 20.16
N GLN A 125 21.91 9.81 19.69
CA GLN A 125 20.79 8.87 19.58
C GLN A 125 20.26 8.45 20.94
N LEU A 126 21.14 8.31 21.94
CA LEU A 126 20.68 7.99 23.29
C LEU A 126 19.88 9.15 23.89
N ALA A 127 20.34 10.38 23.70
CA ALA A 127 19.62 11.53 24.23
C ALA A 127 18.24 11.69 23.58
N ARG A 128 18.18 11.52 22.26
CA ARG A 128 16.89 11.61 21.58
C ARG A 128 15.98 10.44 21.91
N ARG A 129 16.52 9.29 22.31
CA ARG A 129 15.63 8.20 22.68
C ARG A 129 15.15 8.32 24.13
N ILE A 130 15.94 8.92 25.02
CA ILE A 130 15.48 9.08 26.40
C ILE A 130 14.43 10.17 26.49
N ARG A 131 14.60 11.26 25.73
CA ARG A 131 13.71 12.41 25.83
C ARG A 131 12.29 12.09 25.36
N GLY A 132 12.15 11.10 24.48
CA GLY A 132 10.84 10.65 24.04
C GLY A 132 10.50 11.00 22.61
N GLU A 133 11.43 11.58 21.86
CA GLU A 133 11.17 12.01 20.50
C GLU A 133 11.36 10.90 19.47
N ARG A 134 11.70 9.70 19.91
CA ARG A 134 11.99 8.60 18.99
C ARG A 134 11.81 7.25 19.68
N LEU B 22 16.01 21.42 -6.98
CA LEU B 22 17.26 21.74 -6.30
C LEU B 22 17.75 20.55 -5.49
N ARG B 23 19.04 20.49 -5.26
CA ARG B 23 19.63 19.36 -4.53
C ARG B 23 20.45 19.78 -3.32
N ASP B 24 21.21 20.87 -3.43
CA ASP B 24 22.09 21.33 -2.37
C ASP B 24 21.32 22.07 -1.28
N ASN B 25 22.07 22.82 -0.47
CA ASN B 25 21.68 23.68 0.66
C ASN B 25 21.31 22.87 1.90
N ILE B 26 21.22 21.55 1.82
CA ILE B 26 21.39 20.76 3.03
C ILE B 26 22.87 20.63 3.35
N GLN B 27 23.72 20.77 2.34
CA GLN B 27 25.16 20.83 2.52
C GLN B 27 25.65 22.27 2.55
N GLY B 28 24.79 23.22 2.18
CA GLY B 28 25.12 24.62 2.30
C GLY B 28 25.24 25.11 3.72
N ILE B 29 24.64 24.41 4.68
CA ILE B 29 24.95 24.65 6.09
C ILE B 29 26.38 24.18 6.32
N THR B 30 27.27 25.13 6.58
CA THR B 30 28.71 24.90 6.47
C THR B 30 29.24 24.16 7.69
N LYS B 31 30.55 24.13 7.83
CA LYS B 31 31.19 23.37 8.88
C LYS B 31 32.28 24.19 9.62
N PRO B 32 32.13 25.51 9.81
CA PRO B 32 32.44 26.06 11.14
C PRO B 32 31.17 26.32 11.93
N ALA B 33 30.03 26.23 11.26
CA ALA B 33 28.78 26.69 11.86
C ALA B 33 28.27 25.71 12.91
N ILE B 34 28.35 24.41 12.64
CA ILE B 34 28.04 23.41 13.65
C ILE B 34 29.05 23.48 14.78
N ARG B 35 30.30 23.79 14.46
CA ARG B 35 31.33 23.98 15.47
C ARG B 35 31.01 25.19 16.34
N ARG B 36 30.51 26.27 15.74
CA ARG B 36 30.17 27.45 16.53
C ARG B 36 28.92 27.24 17.36
N LEU B 37 27.94 26.49 16.86
CA LEU B 37 26.77 26.17 17.67
C LEU B 37 27.14 25.28 18.86
N ALA B 38 28.04 24.32 18.63
CA ALA B 38 28.48 23.48 19.72
C ALA B 38 29.33 24.25 20.72
N ARG B 39 30.05 25.29 20.28
CA ARG B 39 30.82 26.07 21.22
C ARG B 39 30.04 27.24 21.80
N ARG B 40 28.80 27.46 21.35
CA ARG B 40 27.86 28.17 22.20
C ARG B 40 27.25 27.23 23.23
N GLY B 41 27.02 25.97 22.87
CA GLY B 41 26.43 25.03 23.80
C GLY B 41 27.37 24.51 24.86
N GLY B 42 28.68 24.63 24.66
CA GLY B 42 29.62 24.18 25.67
C GLY B 42 30.26 22.85 25.35
N VAL B 43 30.72 22.67 24.12
CA VAL B 43 31.32 21.42 23.66
C VAL B 43 32.81 21.64 23.43
N LYS B 44 33.62 20.69 23.88
CA LYS B 44 35.07 20.82 23.81
C LYS B 44 35.66 20.22 22.54
N ARG B 45 35.44 18.92 22.31
CA ARG B 45 36.07 18.21 21.21
C ARG B 45 35.02 17.41 20.45
N ILE B 46 34.98 17.59 19.13
CA ILE B 46 33.92 17.07 18.28
C ILE B 46 34.50 16.03 17.31
N SER B 47 33.80 14.91 17.14
CA SER B 47 34.24 13.90 16.19
C SER B 47 33.86 14.29 14.77
N GLY B 48 33.95 13.35 13.83
CA GLY B 48 33.72 13.68 12.44
C GLY B 48 32.44 13.15 11.81
N LEU B 49 31.47 12.75 12.63
CA LEU B 49 30.20 12.24 12.16
C LEU B 49 29.05 13.16 12.52
N ILE B 50 29.29 14.08 13.45
CA ILE B 50 28.29 14.98 14.01
C ILE B 50 27.74 15.89 12.93
N TYR B 51 28.50 16.13 11.88
CA TYR B 51 28.09 17.01 10.78
C TYR B 51 26.88 16.43 10.05
N GLU B 52 26.99 15.19 9.57
CA GLU B 52 25.87 14.57 8.88
C GLU B 52 24.73 14.24 9.82
N GLU B 53 25.04 13.85 11.07
CA GLU B 53 23.97 13.59 12.04
C GLU B 53 23.15 14.84 12.33
N THR B 54 23.83 15.98 12.44
CA THR B 54 23.16 17.24 12.73
C THR B 54 22.34 17.71 11.54
N ARG B 55 22.85 17.50 10.33
CA ARG B 55 22.07 17.80 9.13
C ARG B 55 20.77 16.99 9.09
N GLY B 56 20.85 15.70 9.43
CA GLY B 56 19.64 14.88 9.46
C GLY B 56 18.62 15.35 10.48
N VAL B 57 19.08 15.68 11.70
CA VAL B 57 18.18 16.10 12.76
C VAL B 57 17.50 17.43 12.42
N LEU B 58 18.27 18.38 11.89
CA LEU B 58 17.72 19.68 11.50
C LEU B 58 16.70 19.54 10.37
N LYS B 59 16.94 18.63 9.43
CA LYS B 59 15.98 18.43 8.35
C LYS B 59 14.67 17.84 8.85
N VAL B 60 14.74 16.91 9.80
CA VAL B 60 13.53 16.32 10.36
C VAL B 60 12.68 17.37 11.10
N PHE B 61 13.35 18.20 11.90
CA PHE B 61 12.61 19.20 12.67
C PHE B 61 11.98 20.27 11.77
N LEU B 62 12.71 20.73 10.76
CA LEU B 62 12.12 21.72 9.86
C LEU B 62 10.95 21.17 9.06
N GLU B 63 10.98 19.87 8.70
CA GLU B 63 9.81 19.26 8.09
C GLU B 63 8.61 19.31 9.01
N ASN B 64 8.80 18.88 10.27
CA ASN B 64 7.65 18.85 11.17
C ASN B 64 7.18 20.23 11.64
N VAL B 65 7.88 21.31 11.32
CA VAL B 65 7.28 22.63 11.53
C VAL B 65 6.59 23.14 10.27
N ILE B 66 7.28 23.06 9.11
CA ILE B 66 6.79 23.61 7.86
C ILE B 66 5.48 22.95 7.41
N ARG B 67 5.27 21.68 7.78
CA ARG B 67 4.03 21.03 7.36
C ARG B 67 2.80 21.64 8.03
N ASP B 68 2.88 21.90 9.33
CA ASP B 68 1.76 22.55 10.01
C ASP B 68 1.64 24.02 9.61
N ALA B 69 2.76 24.66 9.27
CA ALA B 69 2.68 26.05 8.78
C ALA B 69 1.89 26.14 7.48
N VAL B 70 2.17 25.23 6.54
CA VAL B 70 1.46 25.26 5.27
C VAL B 70 0.01 24.81 5.43
N THR B 71 -0.26 23.95 6.42
CA THR B 71 -1.65 23.58 6.72
C THR B 71 -2.48 24.78 7.20
N TYR B 72 -1.96 25.55 8.17
CA TYR B 72 -2.66 26.75 8.62
C TYR B 72 -2.80 27.78 7.49
N THR B 73 -1.78 27.88 6.62
CA THR B 73 -1.85 28.80 5.50
C THR B 73 -2.97 28.43 4.54
N GLU B 74 -3.01 27.17 4.09
CA GLU B 74 -4.04 26.80 3.13
C GLU B 74 -5.42 26.72 3.76
N HIS B 75 -5.52 26.58 5.08
CA HIS B 75 -6.84 26.70 5.66
C HIS B 75 -7.30 28.15 5.72
N ALA B 76 -6.37 29.08 5.93
CA ALA B 76 -6.76 30.48 6.04
C ALA B 76 -7.12 31.10 4.70
N LYS B 77 -6.84 30.42 3.58
CA LYS B 77 -7.06 30.89 2.21
C LYS B 77 -6.28 32.19 1.96
N ARG B 78 -4.96 32.03 1.98
CA ARG B 78 -4.03 33.05 1.52
C ARG B 78 -2.97 32.36 0.67
N LYS B 79 -1.94 33.10 0.29
CA LYS B 79 -0.83 32.52 -0.46
C LYS B 79 0.52 32.98 0.08
N THR B 80 0.58 33.43 1.33
CA THR B 80 1.83 33.73 2.01
C THR B 80 1.82 33.03 3.36
N VAL B 81 2.97 33.03 4.02
CA VAL B 81 3.14 32.36 5.30
C VAL B 81 3.53 33.44 6.30
N THR B 82 2.55 33.90 7.08
CA THR B 82 2.82 34.95 8.06
C THR B 82 3.57 34.38 9.26
N ALA B 83 4.05 35.28 10.11
CA ALA B 83 4.81 34.86 11.29
C ALA B 83 3.93 34.16 12.32
N MET B 84 2.65 34.54 12.38
CA MET B 84 1.75 34.01 13.38
C MET B 84 1.50 32.52 13.18
N ASP B 85 1.58 32.05 11.93
CA ASP B 85 1.43 30.62 11.69
C ASP B 85 2.62 29.84 12.21
N VAL B 86 3.82 30.40 12.08
CA VAL B 86 5.01 29.76 12.63
C VAL B 86 4.92 29.73 14.15
N VAL B 87 4.43 30.81 14.74
CA VAL B 87 4.25 30.86 16.20
C VAL B 87 3.21 29.85 16.66
N TYR B 88 2.15 29.66 15.88
CA TYR B 88 1.09 28.71 16.27
C TYR B 88 1.56 27.27 16.14
N ALA B 89 2.32 26.96 15.08
CA ALA B 89 2.86 25.61 14.94
C ALA B 89 3.85 25.28 16.05
N LEU B 90 4.72 26.24 16.38
CA LEU B 90 5.63 26.04 17.50
C LEU B 90 4.90 25.93 18.83
N LYS B 91 3.77 26.64 18.97
CA LYS B 91 3.01 26.59 20.20
C LYS B 91 2.33 25.25 20.39
N ARG B 92 1.82 24.67 19.30
CA ARG B 92 1.23 23.35 19.41
C ARG B 92 2.25 22.25 19.59
N GLN B 93 3.44 22.40 19.03
CA GLN B 93 4.48 21.39 19.26
C GLN B 93 4.91 21.36 20.71
N GLY B 94 4.89 22.51 21.38
CA GLY B 94 5.19 22.58 22.79
C GLY B 94 6.37 23.50 23.06
N ARG B 95 6.76 24.25 22.04
CA ARG B 95 7.94 25.11 22.09
C ARG B 95 7.49 26.52 21.81
N THR B 96 7.03 27.23 22.85
CA THR B 96 6.46 28.55 22.65
C THR B 96 7.56 29.55 22.32
N LEU B 97 7.23 30.56 21.52
CA LEU B 97 8.17 31.58 21.11
C LEU B 97 7.60 32.95 21.46
N TYR B 98 8.33 33.71 22.27
CA TYR B 98 7.94 35.07 22.61
C TYR B 98 8.79 36.02 21.80
N GLY B 99 8.16 36.96 21.12
CA GLY B 99 8.94 37.99 20.44
C GLY B 99 8.49 38.31 19.04
N PHE B 100 7.38 37.72 18.59
CA PHE B 100 6.86 38.05 17.27
C PHE B 100 5.35 38.21 17.22
N GLY B 101 4.61 37.77 18.23
CA GLY B 101 3.17 37.90 18.22
C GLY B 101 2.69 39.32 18.42
N ARG C 11 -45.94 14.88 10.74
CA ARG C 11 -47.00 14.06 11.32
C ARG C 11 -46.82 12.59 10.99
N ALA C 12 -46.01 12.32 9.98
CA ALA C 12 -45.78 10.96 9.50
C ALA C 12 -44.72 10.27 10.34
N LYS C 13 -44.22 9.14 9.86
CA LYS C 13 -43.05 8.51 10.48
C LYS C 13 -41.81 9.37 10.30
N ALA C 14 -40.91 9.28 11.27
CA ALA C 14 -39.66 10.03 11.26
C ALA C 14 -38.51 9.05 11.27
N LYS C 15 -37.78 8.99 10.17
CA LYS C 15 -36.54 8.21 10.13
C LYS C 15 -35.41 9.03 10.74
N THR C 16 -34.57 8.36 11.53
CA THR C 16 -33.58 9.04 12.34
C THR C 16 -32.43 9.56 11.48
N ARG C 17 -31.52 10.28 12.12
CA ARG C 17 -30.31 10.73 11.46
C ARG C 17 -29.14 9.79 11.69
N SER C 18 -29.37 8.64 12.33
CA SER C 18 -28.33 7.65 12.52
C SER C 18 -28.25 6.68 11.36
N SER C 19 -29.37 6.38 10.71
CA SER C 19 -29.40 5.48 9.57
C SER C 19 -29.79 6.18 8.27
N ARG C 20 -30.04 7.49 8.30
CA ARG C 20 -30.20 8.22 7.05
C ARG C 20 -28.87 8.35 6.33
N ALA C 21 -27.77 8.38 7.07
CA ALA C 21 -26.44 8.38 6.48
C ALA C 21 -25.78 7.02 6.48
N GLY C 22 -26.39 6.03 7.14
CA GLY C 22 -25.81 4.70 7.17
C GLY C 22 -24.65 4.58 8.13
N LEU C 23 -24.87 4.99 9.39
CA LEU C 23 -23.84 5.01 10.41
C LEU C 23 -24.27 4.17 11.61
N GLN C 24 -23.48 4.22 12.67
CA GLN C 24 -23.84 3.54 13.90
C GLN C 24 -23.78 4.43 15.14
N PHE C 25 -22.82 5.34 15.22
CA PHE C 25 -22.78 6.25 16.36
C PHE C 25 -23.88 7.31 16.22
N PRO C 26 -24.48 7.74 17.33
CA PRO C 26 -25.61 8.68 17.24
C PRO C 26 -25.16 10.06 16.80
N VAL C 27 -26.12 10.82 16.29
CA VAL C 27 -25.86 12.14 15.74
C VAL C 27 -26.49 13.24 16.60
N GLY C 28 -27.69 12.98 17.12
CA GLY C 28 -28.33 13.95 17.99
C GLY C 28 -27.57 14.16 19.29
N ARG C 29 -27.00 13.08 19.83
CA ARG C 29 -26.23 13.18 21.06
C ARG C 29 -24.94 13.95 20.85
N VAL C 30 -24.30 13.77 19.68
CA VAL C 30 -23.09 14.52 19.36
C VAL C 30 -23.42 15.99 19.14
N HIS C 31 -24.56 16.29 18.52
CA HIS C 31 -24.92 17.68 18.33
C HIS C 31 -25.30 18.35 19.65
N ARG C 32 -25.89 17.59 20.57
CA ARG C 32 -26.15 18.14 21.90
C ARG C 32 -24.84 18.41 22.65
N LEU C 33 -23.86 17.51 22.53
CA LEU C 33 -22.59 17.75 23.19
C LEU C 33 -21.77 18.85 22.54
N LEU C 34 -22.03 19.19 21.27
CA LEU C 34 -21.44 20.41 20.73
C LEU C 34 -22.22 21.66 21.06
N ARG C 35 -23.48 21.54 21.46
CA ARG C 35 -24.16 22.75 21.91
C ARG C 35 -23.90 23.05 23.39
N LYS C 36 -23.87 22.04 24.24
CA LYS C 36 -23.80 22.20 25.69
C LYS C 36 -22.37 22.31 26.20
N GLY C 37 -21.43 22.75 25.38
CA GLY C 37 -20.05 22.75 25.79
C GLY C 37 -19.36 24.09 25.70
N ASN C 38 -19.98 25.03 24.99
CA ASN C 38 -19.39 26.30 24.59
C ASN C 38 -18.05 26.09 23.90
N TYR C 39 -18.08 25.34 22.80
CA TYR C 39 -16.94 25.28 21.91
C TYR C 39 -16.94 26.46 20.96
N ALA C 40 -18.10 26.79 20.40
CA ALA C 40 -18.29 28.05 19.70
C ALA C 40 -19.76 28.42 19.81
N GLU C 41 -20.17 29.42 19.03
CA GLU C 41 -21.55 29.85 19.06
C GLU C 41 -22.47 28.88 18.32
N ARG C 42 -22.24 28.73 17.02
CA ARG C 42 -23.22 28.21 16.08
C ARG C 42 -22.65 26.95 15.45
N VAL C 43 -23.13 25.79 15.89
CA VAL C 43 -22.64 24.53 15.34
C VAL C 43 -23.27 24.32 13.97
N GLY C 44 -22.43 23.98 12.99
CA GLY C 44 -22.86 23.87 11.61
C GLY C 44 -23.79 22.73 11.25
N ALA C 45 -23.91 22.45 9.95
CA ALA C 45 -24.95 21.53 9.48
C ALA C 45 -24.58 20.07 9.67
N GLY C 46 -23.52 19.62 8.99
CA GLY C 46 -23.15 18.20 8.98
C GLY C 46 -21.91 17.85 9.75
N ALA C 47 -21.31 18.79 10.48
CA ALA C 47 -20.16 18.53 11.33
C ALA C 47 -20.34 17.39 12.34
N PRO C 48 -21.47 17.22 13.05
CA PRO C 48 -21.58 16.03 13.89
C PRO C 48 -21.64 14.72 13.12
N VAL C 49 -22.17 14.73 11.89
CA VAL C 49 -22.17 13.52 11.07
C VAL C 49 -20.75 13.14 10.69
N TYR C 50 -19.97 14.13 10.26
CA TYR C 50 -18.56 13.91 9.94
C TYR C 50 -17.79 13.37 11.14
N LEU C 51 -18.03 13.95 12.31
CA LEU C 51 -17.30 13.56 13.50
C LEU C 51 -17.69 12.16 13.98
N ALA C 52 -18.98 11.81 13.86
CA ALA C 52 -19.42 10.48 14.26
C ALA C 52 -18.88 9.41 13.33
N ALA C 53 -18.72 9.74 12.04
CA ALA C 53 -18.08 8.80 11.12
C ALA C 53 -16.62 8.57 11.49
N VAL C 54 -15.91 9.64 11.87
CA VAL C 54 -14.50 9.51 12.28
C VAL C 54 -14.38 8.61 13.51
N LEU C 55 -15.26 8.81 14.49
CA LEU C 55 -15.22 8.00 15.71
C LEU C 55 -15.54 6.55 15.43
N GLU C 56 -16.49 6.30 14.51
CA GLU C 56 -16.79 4.93 14.07
C GLU C 56 -15.57 4.27 13.47
N TYR C 57 -14.85 4.99 12.61
CA TYR C 57 -13.69 4.40 11.94
C TYR C 57 -12.60 4.03 12.93
N LEU C 58 -12.32 4.91 13.90
CA LEU C 58 -11.28 4.61 14.88
C LEU C 58 -11.67 3.44 15.77
N THR C 59 -12.95 3.37 16.17
CA THR C 59 -13.39 2.29 17.05
C THR C 59 -13.36 0.94 16.32
N ALA C 60 -13.74 0.93 15.05
CA ALA C 60 -13.67 -0.31 14.27
C ALA C 60 -12.23 -0.74 14.06
N GLU C 61 -11.33 0.22 13.84
CA GLU C 61 -9.93 -0.07 13.63
C GLU C 61 -9.29 -0.71 14.86
N ILE C 62 -9.64 -0.23 16.05
CA ILE C 62 -9.02 -0.83 17.22
C ILE C 62 -9.71 -2.15 17.62
N LEU C 63 -11.03 -2.26 17.42
CA LEU C 63 -11.69 -3.50 17.80
C LEU C 63 -11.37 -4.66 16.89
N GLU C 64 -10.95 -4.40 15.64
CA GLU C 64 -10.51 -5.48 14.76
C GLU C 64 -9.30 -6.22 15.34
N LEU C 65 -8.25 -5.47 15.67
CA LEU C 65 -7.04 -6.06 16.24
C LEU C 65 -7.31 -6.66 17.61
N ALA C 66 -8.19 -6.03 18.39
CA ALA C 66 -8.56 -6.56 19.70
C ALA C 66 -9.20 -7.95 19.58
N GLY C 67 -10.21 -8.07 18.72
CA GLY C 67 -10.88 -9.35 18.55
C GLY C 67 -9.99 -10.41 17.93
N ASN C 68 -9.08 -10.00 17.04
CA ASN C 68 -8.16 -10.96 16.44
C ASN C 68 -7.20 -11.54 17.46
N ALA C 69 -6.63 -10.69 18.32
CA ALA C 69 -5.76 -11.20 19.38
C ALA C 69 -6.54 -12.03 20.40
N ALA C 70 -7.81 -11.67 20.63
CA ALA C 70 -8.64 -12.43 21.55
C ALA C 70 -8.93 -13.84 21.04
N ARG C 71 -9.08 -13.99 19.72
CA ARG C 71 -9.18 -15.34 19.19
C ARG C 71 -7.84 -16.06 19.27
N ASP C 72 -6.74 -15.34 19.00
CA ASP C 72 -5.46 -16.03 18.94
C ASP C 72 -4.91 -16.43 20.31
N ASN C 73 -5.43 -15.90 21.42
CA ASN C 73 -5.07 -16.43 22.73
C ASN C 73 -6.03 -17.51 23.22
N LYS C 74 -6.77 -18.14 22.32
CA LYS C 74 -7.75 -19.20 22.62
C LYS C 74 -8.81 -18.73 23.61
N LYS C 75 -9.33 -17.53 23.38
CA LYS C 75 -10.34 -16.96 24.28
C LYS C 75 -11.56 -16.52 23.49
N THR C 76 -12.60 -16.17 24.22
CA THR C 76 -13.89 -15.80 23.66
C THR C 76 -14.35 -14.43 24.11
N ARG C 77 -14.11 -14.07 25.36
CA ARG C 77 -14.33 -12.71 25.81
C ARG C 77 -13.08 -11.89 25.53
N ILE C 78 -13.07 -10.63 25.96
CA ILE C 78 -11.90 -9.76 25.79
C ILE C 78 -11.54 -9.18 27.15
N ILE C 79 -10.26 -9.25 27.50
CA ILE C 79 -9.72 -8.67 28.73
C ILE C 79 -8.69 -7.63 28.30
N PRO C 80 -8.38 -6.61 29.12
CA PRO C 80 -7.63 -5.44 28.59
C PRO C 80 -6.19 -5.70 28.18
N ARG C 81 -5.64 -6.88 28.47
CA ARG C 81 -4.33 -7.24 27.95
C ARG C 81 -4.33 -7.27 26.42
N HIS C 82 -5.45 -7.69 25.83
CA HIS C 82 -5.57 -7.69 24.37
C HIS C 82 -5.57 -6.29 23.81
N LEU C 83 -6.23 -5.35 24.48
CA LEU C 83 -6.20 -3.96 24.03
C LEU C 83 -4.81 -3.36 24.16
N GLN C 84 -4.09 -3.73 25.23
CA GLN C 84 -2.71 -3.28 25.41
C GLN C 84 -1.83 -3.76 24.26
N LEU C 85 -1.96 -5.04 23.89
CA LEU C 85 -1.19 -5.58 22.77
C LEU C 85 -1.58 -4.93 21.45
N ALA C 86 -2.88 -4.73 21.22
CA ALA C 86 -3.34 -4.21 19.95
C ALA C 86 -2.97 -2.74 19.76
N VAL C 87 -2.90 -1.97 20.84
CA VAL C 87 -2.45 -0.59 20.71
C VAL C 87 -0.95 -0.53 20.56
N ARG C 88 -0.21 -1.24 21.41
CA ARG C 88 1.24 -1.06 21.40
C ARG C 88 1.96 -1.83 20.31
N ASN C 89 1.29 -2.72 19.57
CA ASN C 89 1.98 -3.35 18.46
C ASN C 89 2.10 -2.45 17.24
N ASP C 90 1.02 -1.76 16.88
CA ASP C 90 1.02 -0.99 15.64
C ASP C 90 1.83 0.29 15.80
N GLU C 91 2.22 0.88 14.68
CA GLU C 91 3.03 2.09 14.71
C GLU C 91 2.18 3.34 14.90
N GLU C 92 1.06 3.44 14.17
CA GLU C 92 0.32 4.69 14.13
C GLU C 92 -0.42 4.96 15.43
N LEU C 93 -1.06 3.94 15.99
CA LEU C 93 -1.74 4.11 17.26
C LEU C 93 -0.76 4.32 18.41
N ASN C 94 0.45 3.77 18.29
CA ASN C 94 1.46 4.05 19.30
C ASN C 94 1.94 5.49 19.20
N LYS C 95 1.94 6.07 18.01
CA LYS C 95 2.31 7.47 17.87
C LYS C 95 1.18 8.39 18.33
N LEU C 96 -0.07 7.94 18.23
CA LEU C 96 -1.17 8.75 18.76
C LEU C 96 -1.26 8.65 20.28
N LEU C 97 -1.52 7.45 20.79
CA LEU C 97 -1.70 7.23 22.22
C LEU C 97 -0.32 7.14 22.87
N GLY C 98 0.31 8.29 23.04
CA GLY C 98 1.64 8.33 23.64
C GLY C 98 1.63 8.17 25.14
N ARG C 99 0.98 9.09 25.84
CA ARG C 99 0.99 9.13 27.30
C ARG C 99 -0.37 8.62 27.81
N VAL C 100 -0.53 7.32 27.85
CA VAL C 100 -1.75 6.66 28.32
C VAL C 100 -1.36 5.41 29.05
N THR C 101 -1.80 5.28 30.30
CA THR C 101 -1.63 4.04 31.05
C THR C 101 -2.97 3.32 31.07
N ILE C 102 -3.09 2.26 30.29
CA ILE C 102 -4.25 1.39 30.40
C ILE C 102 -4.17 0.63 31.71
N ALA C 103 -5.25 0.64 32.47
CA ALA C 103 -5.32 -0.14 33.70
C ALA C 103 -5.24 -1.63 33.36
N GLN C 104 -4.56 -2.38 34.24
CA GLN C 104 -4.30 -3.82 34.08
C GLN C 104 -3.56 -4.14 32.79
N GLY C 105 -2.74 -3.21 32.32
CA GLY C 105 -2.19 -3.29 30.97
C GLY C 105 -1.08 -4.28 30.76
N GLY C 106 0.04 -4.10 31.46
CA GLY C 106 1.22 -4.90 31.23
C GLY C 106 2.09 -4.34 30.12
N VAL C 107 3.27 -4.92 29.98
CA VAL C 107 4.28 -4.42 29.06
C VAL C 107 4.48 -5.42 27.93
N LEU C 108 5.30 -5.03 26.96
CA LEU C 108 5.69 -5.85 25.83
C LEU C 108 7.02 -6.53 26.11
N PRO C 109 7.18 -7.79 25.69
CA PRO C 109 8.43 -8.51 25.94
C PRO C 109 9.59 -7.91 25.16
N ASN C 110 10.61 -7.44 25.88
CA ASN C 110 11.78 -6.83 25.27
C ASN C 110 12.97 -7.07 26.20
N ILE C 111 13.76 -8.09 25.90
CA ILE C 111 15.03 -8.31 26.56
C ILE C 111 16.12 -7.80 25.64
N GLN C 112 17.13 -7.13 26.21
CA GLN C 112 18.18 -6.52 25.43
C GLN C 112 19.10 -7.58 24.81
N SER C 113 20.05 -7.11 24.01
CA SER C 113 20.90 -8.03 23.26
C SER C 113 22.02 -8.61 24.10
N VAL C 114 22.56 -7.82 25.03
CA VAL C 114 23.76 -8.21 25.74
C VAL C 114 23.50 -8.91 27.07
N LEU C 115 22.25 -8.97 27.51
CA LEU C 115 21.95 -9.55 28.82
C LEU C 115 21.94 -11.07 28.77
N LEU C 116 21.23 -11.64 27.81
CA LEU C 116 21.12 -13.08 27.72
C LEU C 116 22.43 -13.67 27.19
N PRO C 117 22.81 -14.87 27.65
CA PRO C 117 24.09 -15.44 27.22
C PRO C 117 24.07 -15.92 25.77
N ARG D 27 -34.90 3.20 41.02
CA ARG D 27 -34.91 4.65 41.21
C ARG D 27 -33.48 5.16 41.14
N LYS D 28 -33.02 5.44 39.93
CA LYS D 28 -31.68 5.97 39.69
C LYS D 28 -31.74 7.02 38.59
N THR D 29 -30.76 7.90 38.61
CA THR D 29 -30.63 8.90 37.55
C THR D 29 -29.89 8.29 36.37
N ARG D 30 -30.36 8.59 35.16
CA ARG D 30 -29.79 8.02 33.96
C ARG D 30 -28.37 8.51 33.73
N LYS D 31 -27.56 7.66 33.09
CA LYS D 31 -26.16 7.94 32.80
C LYS D 31 -25.94 7.80 31.31
N GLU D 32 -25.26 8.78 30.72
CA GLU D 32 -24.88 8.65 29.31
C GLU D 32 -23.73 7.66 29.18
N SER D 33 -23.73 6.92 28.07
CA SER D 33 -22.76 5.86 27.88
C SER D 33 -22.57 5.64 26.40
N TYR D 34 -21.76 4.62 26.07
CA TYR D 34 -21.53 4.19 24.70
C TYR D 34 -21.45 2.67 24.63
N ALA D 35 -22.19 1.97 25.48
CA ALA D 35 -22.05 0.52 25.53
C ALA D 35 -22.74 -0.16 24.35
N ILE D 36 -23.94 0.30 24.01
CA ILE D 36 -24.70 -0.31 22.93
C ILE D 36 -24.03 -0.08 21.57
N TYR D 37 -23.37 1.06 21.38
CA TYR D 37 -22.82 1.38 20.06
C TYR D 37 -21.54 0.60 19.79
N VAL D 38 -20.67 0.52 20.80
CA VAL D 38 -19.51 -0.37 20.76
C VAL D 38 -19.95 -1.82 20.57
N TYR D 39 -21.05 -2.20 21.23
CA TYR D 39 -21.59 -3.55 21.10
C TYR D 39 -22.04 -3.82 19.66
N LYS D 40 -22.68 -2.84 19.02
CA LYS D 40 -23.14 -3.00 17.64
C LYS D 40 -21.98 -3.11 16.66
N VAL D 41 -20.97 -2.24 16.79
CA VAL D 41 -19.86 -2.28 15.85
C VAL D 41 -19.04 -3.56 16.04
N LEU D 42 -18.93 -4.03 17.30
CA LEU D 42 -18.27 -5.30 17.55
C LEU D 42 -19.02 -6.47 16.94
N LYS D 43 -20.35 -6.49 17.06
CA LYS D 43 -21.08 -7.59 16.42
C LYS D 43 -21.20 -7.44 14.92
N GLN D 44 -20.85 -6.28 14.36
CA GLN D 44 -20.70 -6.25 12.90
C GLN D 44 -19.36 -6.84 12.48
N VAL D 45 -18.28 -6.44 13.13
CA VAL D 45 -16.96 -6.80 12.61
C VAL D 45 -16.44 -8.14 13.12
N HIS D 46 -16.99 -8.68 14.19
CA HIS D 46 -16.65 -10.02 14.67
C HIS D 46 -17.91 -10.71 15.18
N PRO D 47 -18.43 -11.70 14.47
CA PRO D 47 -19.76 -12.23 14.79
C PRO D 47 -19.83 -13.13 16.01
N ASP D 48 -18.74 -13.38 16.72
CA ASP D 48 -18.79 -14.35 17.80
C ASP D 48 -18.23 -13.82 19.11
N THR D 49 -17.27 -12.91 19.02
CA THR D 49 -16.46 -12.54 20.17
C THR D 49 -17.18 -11.55 21.07
N GLY D 50 -17.32 -11.89 22.35
CA GLY D 50 -17.91 -11.00 23.31
C GLY D 50 -16.88 -10.12 24.01
N ILE D 51 -17.38 -9.12 24.74
CA ILE D 51 -16.55 -8.13 25.40
C ILE D 51 -16.97 -8.01 26.86
N SER D 52 -15.99 -7.93 27.76
CA SER D 52 -16.26 -7.88 29.20
C SER D 52 -16.59 -6.47 29.66
N SER D 53 -16.54 -6.25 30.97
CA SER D 53 -16.94 -4.96 31.54
C SER D 53 -15.81 -3.93 31.44
N LYS D 54 -14.59 -4.36 31.77
CA LYS D 54 -13.47 -3.42 31.88
C LYS D 54 -13.07 -2.88 30.52
N ALA D 55 -13.10 -3.72 29.49
CA ALA D 55 -12.81 -3.23 28.14
C ALA D 55 -13.89 -2.28 27.65
N MET D 56 -15.13 -2.47 28.10
CA MET D 56 -16.19 -1.53 27.77
C MET D 56 -15.94 -0.17 28.41
N SER D 57 -15.49 -0.16 29.66
CA SER D 57 -15.16 1.10 30.33
C SER D 57 -13.99 1.81 29.64
N ILE D 58 -12.99 1.02 29.21
CA ILE D 58 -11.84 1.58 28.51
C ILE D 58 -12.25 2.20 27.18
N MET D 59 -13.11 1.51 26.42
CA MET D 59 -13.55 2.06 25.14
C MET D 59 -14.43 3.29 25.31
N ASN D 60 -15.22 3.33 26.39
CA ASN D 60 -16.00 4.52 26.72
C ASN D 60 -15.09 5.73 26.93
N SER D 61 -14.04 5.54 27.75
CA SER D 61 -13.11 6.64 28.01
C SER D 61 -12.35 7.06 26.76
N PHE D 62 -12.02 6.10 25.89
CA PHE D 62 -11.30 6.41 24.66
C PHE D 62 -12.12 7.26 23.71
N VAL D 63 -13.41 6.93 23.55
CA VAL D 63 -14.30 7.71 22.69
C VAL D 63 -14.45 9.13 23.21
N ASN D 64 -14.64 9.28 24.53
CA ASN D 64 -14.75 10.62 25.11
C ASN D 64 -13.46 11.43 24.93
N ASP D 65 -12.31 10.75 25.01
CA ASP D 65 -11.03 11.43 24.91
C ASP D 65 -10.81 12.01 23.51
N VAL D 66 -11.03 11.19 22.47
CA VAL D 66 -10.81 11.67 21.11
C VAL D 66 -11.81 12.75 20.74
N PHE D 67 -13.05 12.64 21.26
CA PHE D 67 -14.03 13.70 21.03
C PHE D 67 -13.59 15.03 21.64
N GLU D 68 -13.02 14.99 22.85
CA GLU D 68 -12.54 16.22 23.49
C GLU D 68 -11.42 16.88 22.70
N ARG D 69 -10.47 16.08 22.20
CA ARG D 69 -9.34 16.65 21.46
C ARG D 69 -9.79 17.31 20.15
N ILE D 70 -10.65 16.62 19.39
CA ILE D 70 -11.05 17.14 18.09
C ILE D 70 -11.91 18.39 18.23
N ALA D 71 -12.85 18.38 19.19
CA ALA D 71 -13.70 19.55 19.38
C ALA D 71 -12.90 20.75 19.88
N GLY D 72 -11.91 20.52 20.75
CA GLY D 72 -11.09 21.63 21.24
C GLY D 72 -10.24 22.26 20.15
N GLU D 73 -9.64 21.44 19.29
CA GLU D 73 -8.81 21.98 18.22
C GLU D 73 -9.65 22.73 17.19
N ALA D 74 -10.86 22.23 16.91
CA ALA D 74 -11.73 22.93 15.97
C ALA D 74 -12.20 24.27 16.54
N SER D 75 -12.44 24.32 17.86
CA SER D 75 -12.84 25.58 18.47
C SER D 75 -11.73 26.61 18.43
N ARG D 76 -10.48 26.18 18.65
CA ARG D 76 -9.35 27.12 18.59
C ARG D 76 -9.13 27.63 17.16
N LEU D 77 -9.35 26.78 16.15
CA LEU D 77 -9.28 27.25 14.77
C LEU D 77 -10.34 28.30 14.45
N ALA D 78 -11.60 28.00 14.75
CA ALA D 78 -12.68 28.93 14.44
C ALA D 78 -12.57 30.22 15.25
N HIS D 79 -11.91 30.19 16.40
CA HIS D 79 -11.61 31.43 17.09
C HIS D 79 -10.48 32.20 16.42
N TYR D 80 -9.48 31.49 15.86
CA TYR D 80 -8.37 32.17 15.19
C TYR D 80 -8.83 32.93 13.96
N ASN D 81 -9.66 32.32 13.13
CA ASN D 81 -9.89 32.92 11.81
C ASN D 81 -10.95 34.02 11.79
N LYS D 82 -11.32 34.60 12.94
CA LYS D 82 -12.41 35.57 13.08
C LYS D 82 -13.72 35.04 12.50
N ARG D 83 -14.16 33.91 13.02
CA ARG D 83 -15.43 33.31 12.63
C ARG D 83 -16.23 33.01 13.89
N SER D 84 -17.42 32.43 13.69
CA SER D 84 -18.27 32.09 14.82
C SER D 84 -18.98 30.75 14.62
N THR D 85 -18.49 29.91 13.71
CA THR D 85 -19.27 28.75 13.27
C THR D 85 -18.34 27.57 13.04
N ILE D 86 -18.63 26.45 13.71
CA ILE D 86 -17.91 25.21 13.49
C ILE D 86 -18.60 24.48 12.35
N THR D 87 -18.07 24.60 11.14
CA THR D 87 -18.61 23.88 9.99
C THR D 87 -17.97 22.49 9.93
N SER D 88 -18.14 21.80 8.81
CA SER D 88 -17.41 20.55 8.63
C SER D 88 -15.97 20.80 8.21
N ARG D 89 -15.70 21.94 7.59
CA ARG D 89 -14.37 22.25 7.09
C ARG D 89 -13.36 22.38 8.21
N GLU D 90 -13.79 22.95 9.35
CA GLU D 90 -12.89 23.02 10.50
C GLU D 90 -12.67 21.65 11.12
N ILE D 91 -13.66 20.76 11.05
CA ILE D 91 -13.47 19.41 11.56
C ILE D 91 -12.47 18.66 10.68
N GLN D 92 -12.52 18.90 9.37
CA GLN D 92 -11.55 18.30 8.44
C GLN D 92 -10.14 18.80 8.73
N THR D 93 -9.99 20.11 8.93
CA THR D 93 -8.66 20.65 9.21
C THR D 93 -8.14 20.21 10.57
N ALA D 94 -9.03 20.01 11.54
CA ALA D 94 -8.58 19.50 12.84
C ALA D 94 -8.13 18.04 12.75
N VAL D 95 -8.85 17.23 11.98
CA VAL D 95 -8.45 15.83 11.81
C VAL D 95 -7.12 15.74 11.07
N ARG D 96 -6.93 16.58 10.04
CA ARG D 96 -5.67 16.58 9.31
C ARG D 96 -4.50 17.06 10.16
N LEU D 97 -4.74 18.04 11.05
CA LEU D 97 -3.68 18.45 11.96
C LEU D 97 -3.37 17.42 13.03
N LEU D 98 -4.36 16.65 13.45
CA LEU D 98 -4.12 15.83 14.62
C LEU D 98 -3.67 14.40 14.28
N LEU D 99 -4.28 13.77 13.29
CA LEU D 99 -3.94 12.36 13.16
C LEU D 99 -2.69 12.17 12.30
N PRO D 100 -1.86 11.17 12.61
CA PRO D 100 -0.62 10.98 11.86
C PRO D 100 -0.76 10.28 10.51
N GLY D 101 -0.68 11.04 9.42
CA GLY D 101 -0.52 10.48 8.09
C GLY D 101 -1.60 9.58 7.51
N GLU D 102 -1.30 8.28 7.42
CA GLU D 102 -2.13 7.34 6.68
C GLU D 102 -3.49 7.16 7.33
N LEU D 103 -3.54 7.22 8.65
CA LEU D 103 -4.81 7.11 9.36
C LEU D 103 -5.69 8.31 9.08
N ALA D 104 -5.08 9.49 8.92
CA ALA D 104 -5.83 10.66 8.49
C ALA D 104 -6.32 10.52 7.05
N LYS D 105 -5.49 9.96 6.17
CA LYS D 105 -5.87 9.77 4.78
C LYS D 105 -7.03 8.79 4.63
N HIS D 106 -7.18 7.86 5.56
CA HIS D 106 -8.38 7.03 5.51
C HIS D 106 -9.58 7.74 6.14
N ALA D 107 -9.37 8.41 7.28
CA ALA D 107 -10.51 8.95 8.04
C ALA D 107 -11.19 10.11 7.30
N VAL D 108 -10.42 10.90 6.55
CA VAL D 108 -11.01 11.99 5.77
C VAL D 108 -11.94 11.43 4.69
N SER D 109 -11.53 10.35 4.02
CA SER D 109 -12.37 9.76 2.99
C SER D 109 -13.61 9.10 3.58
N GLU D 110 -13.49 8.50 4.77
CA GLU D 110 -14.66 7.92 5.43
C GLU D 110 -15.68 9.00 5.79
N GLY D 111 -15.20 10.13 6.31
CA GLY D 111 -16.10 11.21 6.63
C GLY D 111 -16.77 11.84 5.41
N THR D 112 -16.01 11.99 4.31
CA THR D 112 -16.57 12.61 3.13
C THR D 112 -17.61 11.70 2.47
N LYS D 113 -17.36 10.38 2.50
CA LYS D 113 -18.37 9.42 2.04
C LYS D 113 -19.63 9.49 2.88
N ALA D 114 -19.49 9.66 4.20
CA ALA D 114 -20.68 9.75 5.06
C ALA D 114 -21.48 11.03 4.79
N VAL D 115 -20.80 12.14 4.58
CA VAL D 115 -21.51 13.40 4.31
C VAL D 115 -22.22 13.34 2.96
N THR D 116 -21.57 12.72 1.96
CA THR D 116 -22.20 12.63 0.63
C THR D 116 -23.41 11.71 0.66
N CYS D 117 -23.35 10.60 1.41
CA CYS D 117 -24.53 9.75 1.54
C CYS D 117 -25.64 10.44 2.32
N TYR D 118 -25.30 11.29 3.30
CA TYR D 118 -26.33 12.02 4.03
C TYR D 118 -26.94 13.15 3.20
N THR D 119 -26.23 13.63 2.19
CA THR D 119 -26.62 14.84 1.48
C THR D 119 -27.94 14.67 0.72
N SER D 120 -27.98 13.74 -0.22
CA SER D 120 -29.20 13.52 -1.00
C SER D 120 -30.07 12.43 -0.38
N PRO E 38 21.81 -32.51 45.24
CA PRO E 38 22.54 -31.28 45.57
C PRO E 38 22.87 -30.47 44.33
N HIS E 39 21.97 -29.58 43.92
CA HIS E 39 22.16 -28.83 42.68
C HIS E 39 21.79 -27.38 42.87
N ARG E 40 22.67 -26.49 42.42
CA ARG E 40 22.43 -25.06 42.42
C ARG E 40 22.74 -24.52 41.03
N TYR E 41 21.88 -23.63 40.55
CA TYR E 41 22.07 -23.07 39.22
C TYR E 41 23.24 -22.09 39.20
N ARG E 42 23.87 -21.98 38.05
CA ARG E 42 24.80 -20.91 37.79
C ARG E 42 24.03 -19.59 37.85
N PRO E 43 24.54 -18.57 38.54
CA PRO E 43 23.73 -17.37 38.84
C PRO E 43 23.43 -16.54 37.61
N GLY E 44 22.14 -16.29 37.37
CA GLY E 44 21.67 -15.51 36.24
C GLY E 44 20.46 -16.13 35.57
N THR E 45 20.38 -17.47 35.60
CA THR E 45 19.32 -18.17 34.90
C THR E 45 17.98 -17.98 35.59
N VAL E 46 17.96 -17.99 36.91
CA VAL E 46 16.74 -17.73 37.65
C VAL E 46 16.30 -16.28 37.47
N ALA E 47 17.28 -15.37 37.33
CA ALA E 47 16.96 -13.98 37.02
C ALA E 47 16.29 -13.85 35.65
N LEU E 48 16.79 -14.57 34.64
CA LEU E 48 16.21 -14.50 33.31
C LEU E 48 14.80 -15.10 33.27
N ARG E 49 14.59 -16.22 33.95
CA ARG E 49 13.24 -16.74 33.93
C ARG E 49 12.28 -15.96 34.81
N GLU E 50 12.78 -15.25 35.83
CA GLU E 50 11.91 -14.30 36.52
C GLU E 50 11.53 -13.13 35.64
N ILE E 51 12.46 -12.67 34.78
CA ILE E 51 12.14 -11.59 33.85
C ILE E 51 11.06 -12.02 32.88
N ARG E 52 11.18 -13.22 32.32
CA ARG E 52 10.14 -13.70 31.40
C ARG E 52 8.81 -13.93 32.11
N ARG E 53 8.85 -14.49 33.32
CA ARG E 53 7.62 -14.81 34.04
C ARG E 53 6.88 -13.56 34.48
N TYR E 54 7.60 -12.49 34.84
CA TYR E 54 6.88 -11.27 35.20
C TYR E 54 6.48 -10.44 34.00
N GLN E 55 7.23 -10.49 32.90
CA GLN E 55 6.75 -9.77 31.73
C GLN E 55 5.61 -10.47 31.03
N LYS E 56 5.38 -11.75 31.34
CA LYS E 56 4.21 -12.43 30.80
C LYS E 56 2.92 -11.84 31.33
N SER E 57 2.69 -11.93 32.64
CA SER E 57 1.37 -11.70 33.21
C SER E 57 1.20 -10.26 33.67
N THR E 58 -0.03 -9.94 34.05
CA THR E 58 -0.41 -8.63 34.57
C THR E 58 -1.04 -8.81 35.94
N GLU E 59 -0.51 -8.09 36.92
CA GLU E 59 -1.00 -8.17 38.30
C GLU E 59 -0.60 -6.87 39.01
N LEU E 60 -0.71 -6.86 40.33
CA LEU E 60 -0.26 -5.74 41.14
C LEU E 60 0.85 -6.20 42.06
N LEU E 61 1.94 -5.46 42.07
CA LEU E 61 3.20 -5.91 42.63
C LEU E 61 3.51 -5.31 44.00
N ILE E 62 2.63 -4.49 44.53
CA ILE E 62 2.81 -3.87 45.84
C ILE E 62 1.59 -4.23 46.70
N ARG E 63 1.85 -4.68 47.92
CA ARG E 63 0.77 -5.07 48.83
C ARG E 63 -0.06 -3.85 49.22
N LYS E 64 -1.38 -4.02 49.24
CA LYS E 64 -2.27 -2.87 49.25
C LYS E 64 -2.44 -2.24 50.63
N LEU E 65 -2.29 -3.01 51.71
CA LEU E 65 -2.38 -2.40 53.04
C LEU E 65 -1.23 -1.43 53.36
N PRO E 66 0.06 -1.76 53.10
CA PRO E 66 1.08 -0.72 53.36
C PRO E 66 0.97 0.48 52.44
N PHE E 67 0.55 0.26 51.19
CA PHE E 67 0.39 1.38 50.28
C PHE E 67 -0.77 2.28 50.70
N GLN E 68 -1.84 1.67 51.21
CA GLN E 68 -2.98 2.46 51.70
C GLN E 68 -2.61 3.26 52.93
N ARG E 69 -1.83 2.66 53.84
CA ARG E 69 -1.38 3.40 55.01
C ARG E 69 -0.40 4.51 54.63
N LEU E 70 0.40 4.30 53.58
CA LEU E 70 1.28 5.37 53.10
C LEU E 70 0.48 6.54 52.52
N VAL E 71 -0.60 6.24 51.78
CA VAL E 71 -1.41 7.30 51.19
C VAL E 71 -2.11 8.11 52.28
N ARG E 72 -2.68 7.44 53.28
CA ARG E 72 -3.30 8.15 54.41
C ARG E 72 -2.27 8.95 55.20
N GLU E 73 -1.06 8.40 55.33
CA GLU E 73 0.00 9.04 56.10
C GLU E 73 0.46 10.34 55.47
N ILE E 74 0.69 10.36 54.16
CA ILE E 74 1.13 11.62 53.56
C ILE E 74 -0.05 12.48 53.12
N ALA E 75 -1.28 11.99 53.22
CA ALA E 75 -2.42 12.88 53.06
C ALA E 75 -2.83 13.55 54.36
N GLN E 76 -2.30 13.07 55.49
CA GLN E 76 -2.63 13.66 56.78
C GLN E 76 -2.14 15.10 56.91
N ASP E 77 -1.04 15.44 56.27
CA ASP E 77 -0.40 16.74 56.49
C ASP E 77 -0.96 17.86 55.63
N PHE E 78 -1.89 17.57 54.72
CA PHE E 78 -2.47 18.61 53.89
C PHE E 78 -3.88 18.99 54.31
N LYS E 79 -4.60 18.08 54.97
CA LYS E 79 -5.91 18.34 55.52
C LYS E 79 -6.19 17.22 56.52
N THR E 80 -6.55 17.60 57.74
CA THR E 80 -6.82 16.59 58.74
C THR E 80 -8.22 16.00 58.54
N ASP E 81 -8.35 14.71 58.85
CA ASP E 81 -9.58 13.95 58.81
C ASP E 81 -10.19 13.92 57.41
N LEU E 82 -9.47 13.25 56.51
CA LEU E 82 -9.99 12.91 55.20
C LEU E 82 -10.56 11.50 55.24
N ARG E 83 -11.09 11.07 54.10
CA ARG E 83 -11.85 9.82 54.07
C ARG E 83 -11.80 9.32 52.62
N PHE E 84 -10.93 8.35 52.36
CA PHE E 84 -10.72 7.90 51.00
C PHE E 84 -11.75 6.88 50.56
N GLN E 85 -12.04 6.89 49.26
CA GLN E 85 -12.71 5.76 48.62
C GLN E 85 -11.67 4.67 48.33
N SER E 86 -12.11 3.56 47.77
CA SER E 86 -11.18 2.48 47.45
C SER E 86 -10.60 2.61 46.05
N SER E 87 -11.43 3.03 45.10
CA SER E 87 -10.98 3.14 43.71
C SER E 87 -9.93 4.22 43.53
N ALA E 88 -9.96 5.26 44.37
CA ALA E 88 -8.91 6.28 44.32
C ALA E 88 -7.55 5.71 44.71
N VAL E 89 -7.55 4.85 45.72
CA VAL E 89 -6.33 4.15 46.12
C VAL E 89 -5.84 3.24 45.00
N MET E 90 -6.77 2.58 44.31
CA MET E 90 -6.41 1.75 43.17
C MET E 90 -5.79 2.57 42.05
N ALA E 91 -6.34 3.75 41.78
CA ALA E 91 -5.83 4.60 40.72
C ALA E 91 -4.43 5.11 41.03
N LEU E 92 -4.19 5.49 42.30
CA LEU E 92 -2.86 5.93 42.69
C LEU E 92 -1.85 4.80 42.56
N GLN E 93 -2.25 3.57 42.91
CA GLN E 93 -1.35 2.43 42.79
C GLN E 93 -0.98 2.16 41.34
N GLU E 94 -1.96 2.26 40.44
CA GLU E 94 -1.70 2.05 39.01
C GLU E 94 -0.74 3.08 38.46
N ALA E 95 -0.99 4.36 38.78
CA ALA E 95 -0.16 5.43 38.23
C ALA E 95 1.28 5.35 38.74
N SER E 96 1.46 5.05 40.04
CA SER E 96 2.80 4.96 40.60
C SER E 96 3.57 3.77 40.03
N GLU E 97 2.88 2.64 39.82
CA GLU E 97 3.58 1.46 39.30
C GLU E 97 4.01 1.66 37.85
N ALA E 98 3.16 2.30 37.03
CA ALA E 98 3.53 2.55 35.65
C ALA E 98 4.70 3.53 35.55
N TYR E 99 4.70 4.56 36.40
CA TYR E 99 5.80 5.53 36.40
C TYR E 99 7.12 4.88 36.78
N LEU E 100 7.11 4.02 37.81
CA LEU E 100 8.34 3.35 38.22
C LEU E 100 8.90 2.41 37.15
N VAL E 101 8.01 1.70 36.45
CA VAL E 101 8.48 0.78 35.42
C VAL E 101 9.12 1.54 34.26
N ALA E 102 8.52 2.68 33.87
CA ALA E 102 9.12 3.48 32.79
C ALA E 102 10.49 4.04 33.19
N LEU E 103 10.60 4.46 34.45
CA LEU E 103 11.88 4.98 34.95
C LEU E 103 12.97 3.90 34.94
N PHE E 104 12.62 2.67 35.33
CA PHE E 104 13.61 1.60 35.32
C PHE E 104 14.04 1.20 33.91
N GLU E 105 13.13 1.24 32.93
CA GLU E 105 13.55 0.95 31.55
C GLU E 105 14.55 1.98 31.04
N ASP E 106 14.28 3.28 31.28
CA ASP E 106 15.21 4.28 30.78
C ASP E 106 16.54 4.25 31.54
N THR E 107 16.52 3.88 32.82
CA THR E 107 17.74 3.73 33.59
C THR E 107 18.59 2.59 33.06
N ASN E 108 17.95 1.46 32.71
CA ASN E 108 18.70 0.32 32.19
C ASN E 108 19.30 0.62 30.82
N LEU E 109 18.62 1.44 30.02
CA LEU E 109 19.22 1.91 28.77
C LEU E 109 20.48 2.73 29.03
N CYS E 110 20.44 3.62 30.04
CA CYS E 110 21.62 4.39 30.39
C CYS E 110 22.78 3.51 30.86
N ALA E 111 22.46 2.50 31.67
CA ALA E 111 23.52 1.65 32.23
C ALA E 111 24.14 0.75 31.17
N ILE E 112 23.35 0.28 30.21
CA ILE E 112 23.91 -0.50 29.11
C ILE E 112 24.74 0.40 28.20
N HIS E 113 24.36 1.68 28.07
CA HIS E 113 25.24 2.63 27.39
C HIS E 113 26.56 2.82 28.10
N ALA E 114 26.58 2.74 29.43
CA ALA E 114 27.82 2.96 30.16
C ALA E 114 28.73 1.72 30.22
N LYS E 115 28.47 0.69 29.39
CA LYS E 115 29.27 -0.53 29.29
C LYS E 115 29.38 -1.26 30.63
N ARG E 116 28.25 -1.37 31.32
CA ARG E 116 28.17 -2.09 32.58
C ARG E 116 26.93 -2.96 32.58
N VAL E 117 26.57 -3.51 33.73
CA VAL E 117 25.34 -4.28 33.86
C VAL E 117 24.50 -3.70 34.99
N THR E 118 25.11 -3.54 36.16
CA THR E 118 24.37 -3.21 37.37
C THR E 118 23.99 -1.73 37.40
N ILE E 119 22.73 -1.47 37.73
CA ILE E 119 22.24 -0.10 37.87
C ILE E 119 22.86 0.55 39.11
N MET E 120 23.40 1.75 38.93
CA MET E 120 23.85 2.63 39.99
C MET E 120 22.87 3.81 40.12
N PRO E 121 22.80 4.45 41.30
CA PRO E 121 21.83 5.57 41.44
C PRO E 121 22.19 6.82 40.66
N LYS E 122 23.46 6.99 40.28
CA LYS E 122 23.79 8.11 39.41
C LYS E 122 23.19 7.96 38.02
N ASP E 123 22.89 6.74 37.59
CA ASP E 123 22.15 6.54 36.35
C ASP E 123 20.71 7.03 36.48
N ILE E 124 20.10 6.79 37.64
CA ILE E 124 18.74 7.30 37.90
C ILE E 124 18.74 8.82 37.89
N GLN E 125 19.77 9.42 38.50
CA GLN E 125 19.84 10.88 38.53
C GLN E 125 20.11 11.46 37.14
N LEU E 126 20.90 10.78 36.32
CA LEU E 126 21.10 11.24 34.94
C LEU E 126 19.84 11.16 34.11
N ALA E 127 19.07 10.07 34.27
CA ALA E 127 17.83 9.93 33.52
C ALA E 127 16.80 10.98 33.93
N ARG E 128 16.67 11.22 35.23
CA ARG E 128 15.74 12.25 35.68
C ARG E 128 16.21 13.65 35.33
N ARG E 129 17.51 13.87 35.14
CA ARG E 129 17.92 15.21 34.74
C ARG E 129 17.80 15.42 33.24
N ILE E 130 17.92 14.37 32.42
CA ILE E 130 17.77 14.55 30.98
C ILE E 130 16.30 14.73 30.62
N ARG E 131 15.40 14.01 31.29
CA ARG E 131 13.99 14.03 30.94
C ARG E 131 13.35 15.39 31.22
N GLY E 132 13.90 16.15 32.15
CA GLY E 132 13.44 17.49 32.43
C GLY E 132 12.71 17.65 33.74
N GLU E 133 12.65 16.61 34.57
CA GLU E 133 11.94 16.66 35.82
C GLU E 133 12.76 17.24 36.97
N ARG E 134 14.00 17.65 36.70
CA ARG E 134 14.88 18.14 37.76
C ARG E 134 15.97 19.03 37.19
N ASP F 24 8.95 6.43 59.04
CA ASP F 24 7.79 6.05 59.85
C ASP F 24 7.21 4.78 59.25
N ASN F 25 6.21 4.93 58.38
CA ASN F 25 5.64 3.80 57.66
C ASN F 25 5.91 3.89 56.16
N ILE F 26 7.01 4.59 55.80
CA ILE F 26 7.57 4.49 54.46
C ILE F 26 8.27 3.15 54.25
N GLN F 27 8.50 2.40 55.33
CA GLN F 27 9.09 1.07 55.28
C GLN F 27 8.12 0.02 54.75
N GLY F 28 6.87 0.37 54.46
CA GLY F 28 5.96 -0.59 53.88
C GLY F 28 6.33 -0.98 52.45
N ILE F 29 6.99 -0.08 51.73
CA ILE F 29 7.52 -0.41 50.42
C ILE F 29 8.81 -1.16 50.65
N THR F 30 8.71 -2.48 50.75
CA THR F 30 9.83 -3.27 51.24
C THR F 30 10.84 -3.53 50.14
N LYS F 31 11.85 -4.30 50.47
CA LYS F 31 12.94 -4.67 49.57
C LYS F 31 12.52 -5.61 48.42
N PRO F 32 11.68 -6.64 48.59
CA PRO F 32 11.31 -7.44 47.41
C PRO F 32 10.41 -6.73 46.42
N ALA F 33 9.64 -5.72 46.84
CA ALA F 33 8.67 -5.11 45.94
C ALA F 33 9.36 -4.26 44.88
N ILE F 34 10.37 -3.49 45.27
CA ILE F 34 11.18 -2.75 44.31
C ILE F 34 11.94 -3.72 43.43
N ARG F 35 12.33 -4.87 43.99
CA ARG F 35 13.00 -5.90 43.20
C ARG F 35 12.07 -6.48 42.14
N ARG F 36 10.81 -6.74 42.49
CA ARG F 36 9.89 -7.28 41.50
C ARG F 36 9.52 -6.24 40.44
N LEU F 37 9.42 -4.97 40.82
CA LEU F 37 9.20 -3.91 39.84
C LEU F 37 10.37 -3.80 38.88
N ALA F 38 11.60 -3.95 39.37
CA ALA F 38 12.73 -3.92 38.47
C ALA F 38 12.85 -5.19 37.65
N ARG F 39 12.30 -6.32 38.11
CA ARG F 39 12.26 -7.49 37.24
C ARG F 39 11.27 -7.30 36.11
N ARG F 40 10.15 -6.63 36.38
CA ARG F 40 9.24 -6.30 35.30
C ARG F 40 9.87 -5.31 34.33
N GLY F 41 10.67 -4.37 34.85
CA GLY F 41 11.29 -3.37 33.99
C GLY F 41 12.31 -3.92 33.01
N GLY F 42 12.85 -5.11 33.27
CA GLY F 42 13.86 -5.67 32.40
C GLY F 42 15.28 -5.35 32.84
N VAL F 43 15.60 -5.69 34.08
CA VAL F 43 16.86 -5.30 34.72
C VAL F 43 17.56 -6.56 35.19
N LYS F 44 18.86 -6.68 34.88
CA LYS F 44 19.61 -7.89 35.19
C LYS F 44 20.17 -7.90 36.61
N ARG F 45 20.74 -6.80 37.09
CA ARG F 45 21.43 -6.83 38.38
C ARG F 45 21.35 -5.46 39.05
N ILE F 46 21.13 -5.46 40.36
CA ILE F 46 20.80 -4.25 41.12
C ILE F 46 21.73 -4.13 42.32
N SER F 47 22.28 -2.93 42.54
CA SER F 47 23.11 -2.63 43.70
C SER F 47 22.27 -2.35 44.93
N GLY F 48 22.87 -1.76 45.97
CA GLY F 48 22.17 -1.59 47.23
C GLY F 48 21.90 -0.16 47.68
N LEU F 49 21.76 0.78 46.76
CA LEU F 49 21.37 2.15 47.07
C LEU F 49 20.06 2.53 46.38
N ILE F 50 19.61 1.70 45.45
CA ILE F 50 18.45 1.98 44.63
C ILE F 50 17.19 1.99 45.46
N TYR F 51 17.18 1.27 46.58
CA TYR F 51 16.02 1.24 47.46
C TYR F 51 15.76 2.60 48.08
N GLU F 52 16.81 3.24 48.58
CA GLU F 52 16.66 4.57 49.18
C GLU F 52 16.30 5.60 48.13
N GLU F 53 16.96 5.53 46.96
CA GLU F 53 16.64 6.46 45.88
C GLU F 53 15.19 6.28 45.40
N THR F 54 14.72 5.04 45.37
CA THR F 54 13.40 4.73 44.85
C THR F 54 12.30 5.18 45.81
N ARG F 55 12.51 4.98 47.12
CA ARG F 55 11.55 5.48 48.10
C ARG F 55 11.48 7.00 48.07
N GLY F 56 12.62 7.67 47.84
CA GLY F 56 12.59 9.12 47.69
C GLY F 56 11.77 9.57 46.50
N VAL F 57 11.98 8.96 45.34
CA VAL F 57 11.29 9.39 44.12
C VAL F 57 9.80 9.08 44.21
N LEU F 58 9.44 7.92 44.78
CA LEU F 58 8.04 7.56 44.95
C LEU F 58 7.32 8.51 45.90
N LYS F 59 7.98 8.91 46.99
CA LYS F 59 7.37 9.85 47.92
C LYS F 59 7.13 11.21 47.27
N VAL F 60 8.08 11.66 46.43
CA VAL F 60 7.92 12.93 45.72
C VAL F 60 6.73 12.89 44.77
N PHE F 61 6.59 11.80 44.02
CA PHE F 61 5.49 11.71 43.06
C PHE F 61 4.13 11.64 43.73
N LEU F 62 4.02 10.87 44.82
CA LEU F 62 2.73 10.80 45.50
C LEU F 62 2.34 12.11 46.16
N GLU F 63 3.33 12.88 46.66
CA GLU F 63 3.01 14.21 47.17
C GLU F 63 2.47 15.11 46.07
N ASN F 64 3.13 15.11 44.91
CA ASN F 64 2.68 15.98 43.82
C ASN F 64 1.36 15.55 43.19
N VAL F 65 0.87 14.35 43.44
CA VAL F 65 -0.49 14.02 42.98
C VAL F 65 -1.54 14.32 44.05
N ILE F 66 -1.29 13.91 45.30
CA ILE F 66 -2.28 14.04 46.36
C ILE F 66 -2.53 15.50 46.70
N ARG F 67 -1.57 16.40 46.42
CA ARG F 67 -1.82 17.83 46.61
C ARG F 67 -2.96 18.34 45.72
N ASP F 68 -2.94 17.99 44.44
CA ASP F 68 -4.02 18.45 43.56
C ASP F 68 -5.32 17.69 43.78
N ALA F 69 -5.25 16.43 44.22
CA ALA F 69 -6.48 15.72 44.56
C ALA F 69 -7.19 16.36 45.75
N VAL F 70 -6.44 16.73 46.78
CA VAL F 70 -7.02 17.38 47.95
C VAL F 70 -7.50 18.78 47.61
N THR F 71 -6.85 19.46 46.66
CA THR F 71 -7.35 20.76 46.22
C THR F 71 -8.72 20.67 45.54
N TYR F 72 -8.89 19.69 44.64
CA TYR F 72 -10.22 19.50 44.04
C TYR F 72 -11.28 19.13 45.07
N THR F 73 -10.92 18.28 46.03
CA THR F 73 -11.90 17.88 47.03
C THR F 73 -12.29 19.05 47.93
N GLU F 74 -11.33 19.89 48.33
CA GLU F 74 -11.69 21.06 49.13
C GLU F 74 -12.46 22.09 48.34
N HIS F 75 -12.27 22.14 47.02
CA HIS F 75 -13.09 23.07 46.26
C HIS F 75 -14.51 22.57 46.10
N ALA F 76 -14.71 21.25 46.06
CA ALA F 76 -16.07 20.74 45.89
C ALA F 76 -16.93 20.83 47.14
N LYS F 77 -16.38 21.32 48.26
CA LYS F 77 -17.03 21.35 49.58
C LYS F 77 -17.49 19.96 50.01
N ARG F 78 -16.55 19.02 50.00
CA ARG F 78 -16.85 17.69 50.51
C ARG F 78 -15.77 17.22 51.47
N LYS F 79 -15.86 15.97 51.91
CA LYS F 79 -14.91 15.39 52.87
C LYS F 79 -14.43 14.02 52.43
N THR F 80 -14.48 13.72 51.14
CA THR F 80 -14.15 12.40 50.64
C THR F 80 -13.44 12.54 49.30
N VAL F 81 -12.29 11.89 49.17
CA VAL F 81 -11.56 11.87 47.91
C VAL F 81 -12.20 10.80 47.01
N THR F 82 -12.63 11.20 45.83
CA THR F 82 -13.26 10.29 44.88
C THR F 82 -12.22 9.79 43.89
N ALA F 83 -12.68 9.11 42.84
CA ALA F 83 -11.80 8.67 41.78
C ALA F 83 -11.62 9.71 40.68
N MET F 84 -12.66 10.49 40.42
CA MET F 84 -12.60 11.48 39.34
C MET F 84 -11.62 12.59 39.64
N ASP F 85 -11.40 12.90 40.91
CA ASP F 85 -10.43 13.92 41.26
C ASP F 85 -9.01 13.46 40.99
N VAL F 86 -8.72 12.20 41.32
CA VAL F 86 -7.40 11.63 41.04
C VAL F 86 -7.17 11.55 39.53
N VAL F 87 -8.21 11.20 38.77
CA VAL F 87 -8.09 11.15 37.31
C VAL F 87 -7.85 12.54 36.74
N TYR F 88 -8.47 13.58 37.31
CA TYR F 88 -8.26 14.93 36.82
C TYR F 88 -6.86 15.45 37.17
N ALA F 89 -6.34 15.07 38.34
CA ALA F 89 -4.98 15.45 38.69
C ALA F 89 -3.96 14.77 37.79
N LEU F 90 -4.18 13.49 37.48
CA LEU F 90 -3.29 12.80 36.56
C LEU F 90 -3.42 13.34 35.14
N LYS F 91 -4.58 13.87 34.77
CA LYS F 91 -4.71 14.50 33.46
C LYS F 91 -3.93 15.80 33.39
N ARG F 92 -3.94 16.58 34.48
CA ARG F 92 -3.12 17.80 34.48
C ARG F 92 -1.62 17.50 34.49
N GLN F 93 -1.20 16.41 35.15
CA GLN F 93 0.21 16.04 35.08
C GLN F 93 0.61 15.65 33.67
N GLY F 94 -0.31 15.03 32.93
CA GLY F 94 -0.07 14.67 31.56
C GLY F 94 0.04 13.18 31.38
N ARG F 95 -0.70 12.41 32.18
CA ARG F 95 -0.54 10.97 32.12
C ARG F 95 -1.80 10.21 31.73
N THR F 96 -2.99 10.70 32.09
CA THR F 96 -4.28 10.31 31.49
C THR F 96 -4.55 8.82 31.69
N LEU F 97 -4.82 8.47 32.94
CA LEU F 97 -5.22 7.11 33.27
C LEU F 97 -6.58 6.79 32.66
N TYR F 98 -6.69 5.64 32.00
CA TYR F 98 -7.98 5.11 31.56
C TYR F 98 -8.48 4.07 32.55
N GLY F 99 -9.71 3.62 32.32
CA GLY F 99 -10.25 2.55 33.13
C GLY F 99 -11.01 2.97 34.36
N PHE F 100 -11.24 4.26 34.56
CA PHE F 100 -12.04 4.74 35.67
C PHE F 100 -12.86 5.93 35.21
N GLY F 101 -14.09 6.03 35.72
CA GLY F 101 -14.97 7.12 35.35
C GLY F 101 -15.46 7.02 33.92
N LYS G 13 -18.53 61.24 38.72
CA LYS G 13 -19.35 60.06 38.46
C LYS G 13 -18.64 59.10 37.52
N ALA G 14 -17.53 59.54 36.95
CA ALA G 14 -16.73 58.71 36.05
C ALA G 14 -15.63 57.96 36.80
N LYS G 15 -16.02 57.27 37.87
CA LYS G 15 -15.08 56.46 38.65
C LYS G 15 -14.80 55.18 37.88
N THR G 16 -13.64 55.12 37.24
CA THR G 16 -13.19 53.89 36.61
C THR G 16 -12.89 52.85 37.68
N ARG G 17 -13.08 51.57 37.32
CA ARG G 17 -12.90 50.50 38.29
C ARG G 17 -11.45 50.32 38.69
N SER G 18 -10.51 50.74 37.84
CA SER G 18 -9.10 50.75 38.20
C SER G 18 -8.83 51.71 39.35
N SER G 19 -9.54 52.84 39.37
CA SER G 19 -9.43 53.76 40.49
C SER G 19 -10.18 53.23 41.70
N ARG G 20 -11.35 52.63 41.47
CA ARG G 20 -12.17 52.13 42.58
C ARG G 20 -11.58 50.91 43.26
N ALA G 21 -10.61 50.23 42.64
CA ALA G 21 -9.84 49.22 43.35
C ALA G 21 -8.43 49.67 43.68
N GLY G 22 -7.95 50.74 43.06
CA GLY G 22 -6.59 51.20 43.28
C GLY G 22 -5.57 50.32 42.58
N LEU G 23 -5.73 50.14 41.27
CA LEU G 23 -4.87 49.23 40.52
C LEU G 23 -4.21 49.90 39.34
N GLN G 24 -3.55 49.12 38.49
CA GLN G 24 -2.90 49.63 37.30
C GLN G 24 -3.41 48.97 36.02
N PHE G 25 -3.60 47.65 36.02
CA PHE G 25 -4.19 47.02 34.84
C PHE G 25 -5.69 47.28 34.81
N PRO G 26 -6.26 47.59 33.65
CA PRO G 26 -7.68 47.94 33.58
C PRO G 26 -8.55 46.71 33.75
N VAL G 27 -9.80 46.96 34.14
CA VAL G 27 -10.73 45.90 34.45
C VAL G 27 -11.77 45.71 33.34
N GLY G 28 -12.15 46.79 32.65
CA GLY G 28 -13.17 46.68 31.62
C GLY G 28 -12.73 45.87 30.42
N ARG G 29 -11.47 46.02 30.01
CA ARG G 29 -10.97 45.22 28.90
C ARG G 29 -10.82 43.75 29.29
N VAL G 30 -10.53 43.47 30.56
CA VAL G 30 -10.44 42.08 30.98
C VAL G 30 -11.82 41.45 31.04
N HIS G 31 -12.83 42.21 31.45
CA HIS G 31 -14.19 41.68 31.41
C HIS G 31 -14.68 41.52 29.98
N ARG G 32 -14.24 42.39 29.07
CA ARG G 32 -14.58 42.23 27.65
C ARG G 32 -13.93 40.97 27.09
N LEU G 33 -12.68 40.69 27.47
CA LEU G 33 -12.04 39.47 26.98
C LEU G 33 -12.57 38.21 27.64
N LEU G 34 -13.14 38.30 28.83
CA LEU G 34 -13.80 37.12 29.38
C LEU G 34 -15.22 36.93 28.87
N ARG G 35 -15.86 37.97 28.36
CA ARG G 35 -17.15 37.74 27.72
C ARG G 35 -16.99 37.29 26.28
N LYS G 36 -15.96 37.76 25.58
CA LYS G 36 -15.82 37.49 24.15
C LYS G 36 -15.29 36.08 23.90
N GLY G 37 -14.40 35.58 24.76
CA GLY G 37 -13.70 34.35 24.49
C GLY G 37 -14.54 33.09 24.61
N ASN G 38 -15.76 33.18 25.13
CA ASN G 38 -16.68 32.06 25.35
C ASN G 38 -16.06 30.99 26.25
N TYR G 39 -15.78 31.39 27.50
CA TYR G 39 -15.25 30.45 28.47
C TYR G 39 -16.34 29.74 29.26
N ALA G 40 -17.42 30.44 29.58
CA ALA G 40 -18.56 29.85 30.26
C ALA G 40 -19.79 30.69 29.94
N GLU G 41 -20.89 30.40 30.63
CA GLU G 41 -22.14 31.08 30.34
C GLU G 41 -22.19 32.48 30.96
N ARG G 42 -21.99 32.55 32.28
CA ARG G 42 -22.09 33.80 33.02
C ARG G 42 -20.78 34.09 33.74
N VAL G 43 -20.40 35.37 33.77
CA VAL G 43 -19.17 35.82 34.41
C VAL G 43 -19.54 36.69 35.60
N GLY G 44 -18.95 36.42 36.75
CA GLY G 44 -19.22 37.20 37.95
C GLY G 44 -18.63 38.60 37.89
N ALA G 45 -18.58 39.23 39.07
CA ALA G 45 -18.14 40.61 39.16
C ALA G 45 -16.77 40.79 39.78
N GLY G 46 -16.39 39.97 40.76
CA GLY G 46 -15.08 40.11 41.35
C GLY G 46 -13.95 39.48 40.57
N ALA G 47 -14.28 38.60 39.63
CA ALA G 47 -13.27 37.83 38.90
C ALA G 47 -12.31 38.67 38.06
N PRO G 48 -12.73 39.66 37.25
CA PRO G 48 -11.70 40.43 36.52
C PRO G 48 -10.84 41.31 37.42
N VAL G 49 -11.38 41.80 38.54
CA VAL G 49 -10.57 42.55 39.51
C VAL G 49 -9.49 41.67 40.08
N TYR G 50 -9.87 40.45 40.50
CA TYR G 50 -8.93 39.47 41.03
C TYR G 50 -7.85 39.14 40.00
N LEU G 51 -8.26 38.99 38.74
CA LEU G 51 -7.32 38.58 37.71
C LEU G 51 -6.35 39.69 37.35
N ALA G 52 -6.83 40.95 37.34
CA ALA G 52 -5.94 42.08 37.09
C ALA G 52 -4.94 42.25 38.23
N ALA G 53 -5.34 41.95 39.46
CA ALA G 53 -4.42 41.98 40.58
C ALA G 53 -3.30 40.95 40.40
N VAL G 54 -3.66 39.73 39.99
CA VAL G 54 -2.66 38.67 39.84
C VAL G 54 -1.67 39.02 38.72
N LEU G 55 -2.17 39.57 37.61
CA LEU G 55 -1.28 39.93 36.50
C LEU G 55 -0.36 41.08 36.88
N GLU G 56 -0.87 42.05 37.66
CA GLU G 56 -0.02 43.13 38.15
C GLU G 56 1.13 42.61 39.00
N TYR G 57 0.83 41.64 39.89
CA TYR G 57 1.87 41.11 40.77
C TYR G 57 2.95 40.37 39.98
N LEU G 58 2.56 39.61 38.95
CA LEU G 58 3.55 38.90 38.14
C LEU G 58 4.43 39.84 37.34
N THR G 59 3.83 40.89 36.74
CA THR G 59 4.64 41.83 35.96
C THR G 59 5.59 42.62 36.85
N ALA G 60 5.14 42.99 38.04
CA ALA G 60 6.01 43.70 38.98
C ALA G 60 7.16 42.82 39.43
N GLU G 61 6.91 41.52 39.61
CA GLU G 61 7.98 40.58 39.97
C GLU G 61 9.05 40.51 38.88
N ILE G 62 8.64 40.40 37.61
CA ILE G 62 9.62 40.27 36.54
C ILE G 62 10.41 41.56 36.34
N LEU G 63 9.75 42.73 36.44
CA LEU G 63 10.51 43.97 36.26
C LEU G 63 11.45 44.26 37.43
N GLU G 64 11.04 43.89 38.65
CA GLU G 64 11.92 44.01 39.80
C GLU G 64 13.17 43.16 39.65
N LEU G 65 13.01 41.93 39.18
CA LEU G 65 14.21 41.12 38.99
C LEU G 65 15.01 41.54 37.76
N ALA G 66 14.41 42.27 36.82
CA ALA G 66 15.20 42.75 35.69
C ALA G 66 16.07 43.95 36.05
N GLY G 67 15.59 44.79 36.97
CA GLY G 67 16.30 46.02 37.31
C GLY G 67 17.70 45.81 37.89
N ASN G 68 17.91 44.70 38.59
CA ASN G 68 19.22 44.42 39.19
C ASN G 68 20.29 44.23 38.12
N ALA G 69 20.03 43.35 37.16
CA ALA G 69 21.00 43.16 36.09
C ALA G 69 21.07 44.36 35.16
N ALA G 70 19.98 45.13 35.07
CA ALA G 70 20.01 46.37 34.31
C ALA G 70 20.98 47.38 34.91
N ARG G 71 21.06 47.45 36.24
CA ARG G 71 22.08 48.29 36.84
C ARG G 71 23.45 47.64 36.86
N ASP G 72 23.52 46.30 36.90
CA ASP G 72 24.82 45.65 37.01
C ASP G 72 25.59 45.68 35.70
N ASN G 73 24.92 45.70 34.55
CA ASN G 73 25.64 45.76 33.29
C ASN G 73 25.95 47.17 32.83
N LYS G 74 25.82 48.16 33.73
CA LYS G 74 26.04 49.58 33.47
C LYS G 74 25.17 50.06 32.29
N LYS G 75 23.87 49.89 32.46
CA LYS G 75 22.91 50.28 31.44
C LYS G 75 21.76 51.02 32.09
N THR G 76 21.05 51.80 31.27
CA THR G 76 19.85 52.49 31.68
C THR G 76 18.67 52.11 30.78
N ARG G 77 18.69 50.89 30.25
CA ARG G 77 17.71 50.49 29.26
C ARG G 77 17.65 48.98 29.23
N ILE G 78 16.47 48.42 29.46
CA ILE G 78 16.32 46.97 29.60
C ILE G 78 16.40 46.32 28.23
N ILE G 79 17.14 45.21 28.15
CA ILE G 79 17.40 44.49 26.91
C ILE G 79 17.01 43.02 27.09
N PRO G 80 16.78 42.29 26.00
CA PRO G 80 16.36 40.88 26.16
C PRO G 80 17.38 39.98 26.83
N ARG G 81 18.66 40.33 26.81
CA ARG G 81 19.64 39.60 27.59
C ARG G 81 19.38 39.78 29.08
N HIS G 82 18.97 40.98 29.48
CA HIS G 82 18.59 41.22 30.87
C HIS G 82 17.35 40.43 31.26
N LEU G 83 16.36 40.36 30.35
CA LEU G 83 15.16 39.57 30.67
C LEU G 83 15.46 38.08 30.75
N GLN G 84 16.33 37.58 29.87
CA GLN G 84 16.76 36.19 29.90
C GLN G 84 17.46 35.85 31.21
N LEU G 85 18.39 36.73 31.64
CA LEU G 85 19.09 36.50 32.90
C LEU G 85 18.14 36.58 34.09
N ALA G 86 17.23 37.56 34.09
CA ALA G 86 16.33 37.75 35.22
C ALA G 86 15.32 36.61 35.35
N VAL G 87 14.94 35.98 34.23
CA VAL G 87 14.08 34.82 34.33
C VAL G 87 14.86 33.59 34.73
N ARG G 88 15.98 33.31 34.06
CA ARG G 88 16.65 32.04 34.28
C ARG G 88 17.45 31.97 35.58
N ASN G 89 17.75 33.11 36.21
CA ASN G 89 18.52 33.05 37.45
C ASN G 89 17.66 32.83 38.69
N ASP G 90 16.35 32.67 38.54
CA ASP G 90 15.49 32.37 39.67
C ASP G 90 15.24 30.87 39.70
N GLU G 91 14.55 30.38 40.73
CA GLU G 91 14.16 28.98 40.79
C GLU G 91 12.70 28.76 40.40
N GLU G 92 11.78 29.54 40.97
CA GLU G 92 10.36 29.26 40.79
C GLU G 92 9.82 29.83 39.47
N LEU G 93 10.34 30.97 39.02
CA LEU G 93 10.02 31.45 37.69
C LEU G 93 10.56 30.53 36.62
N ASN G 94 11.68 29.86 36.89
CA ASN G 94 12.24 28.88 35.97
C ASN G 94 11.40 27.60 35.91
N LYS G 95 10.51 27.39 36.88
CA LYS G 95 9.54 26.31 36.78
C LYS G 95 8.25 26.78 36.10
N LEU G 96 7.84 28.02 36.35
CA LEU G 96 6.64 28.55 35.70
C LEU G 96 6.84 28.70 34.19
N LEU G 97 7.97 29.26 33.77
CA LEU G 97 8.31 29.32 32.35
C LEU G 97 9.14 28.08 32.02
N GLY G 98 8.44 26.95 31.86
CA GLY G 98 9.10 25.67 31.78
C GLY G 98 9.88 25.47 30.50
N ARG G 99 9.28 25.80 29.36
CA ARG G 99 10.04 25.83 28.11
C ARG G 99 9.48 26.96 27.25
N VAL G 100 10.23 28.06 27.18
CA VAL G 100 9.90 29.24 26.38
C VAL G 100 11.19 29.77 25.78
N THR G 101 11.23 29.84 24.46
CA THR G 101 12.38 30.39 23.76
C THR G 101 12.19 31.90 23.60
N ILE G 102 13.16 32.67 24.10
CA ILE G 102 13.12 34.12 23.98
C ILE G 102 14.07 34.53 22.87
N ALA G 103 13.58 35.33 21.93
CA ALA G 103 14.40 35.79 20.83
C ALA G 103 15.48 36.73 21.34
N GLN G 104 16.67 36.61 20.73
CA GLN G 104 17.90 37.30 21.16
C GLN G 104 18.24 37.02 22.62
N GLY G 105 17.93 35.82 23.08
CA GLY G 105 17.98 35.50 24.49
C GLY G 105 19.37 35.29 25.04
N GLY G 106 20.11 34.35 24.46
CA GLY G 106 21.39 33.94 25.02
C GLY G 106 21.22 32.95 26.14
N VAL G 107 22.34 32.41 26.59
CA VAL G 107 22.33 31.33 27.58
C VAL G 107 23.11 31.74 28.82
N LEU G 108 23.22 30.82 29.77
CA LEU G 108 23.93 30.98 31.03
C LEU G 108 25.41 30.69 30.84
N PRO G 109 26.29 31.41 31.52
CA PRO G 109 27.72 31.14 31.42
C PRO G 109 28.12 29.89 32.18
N ASN G 110 27.99 28.72 31.53
CA ASN G 110 28.16 27.45 32.21
C ASN G 110 29.28 26.66 31.55
N ILE G 111 30.27 26.27 32.36
CA ILE G 111 31.36 25.38 31.95
C ILE G 111 31.45 24.29 33.02
N GLN G 112 31.56 23.04 32.59
CA GLN G 112 31.38 21.90 33.49
C GLN G 112 32.59 21.71 34.40
N SER G 113 32.62 20.59 35.11
CA SER G 113 33.66 20.33 36.10
C SER G 113 34.97 19.92 35.46
N VAL G 114 34.96 18.79 34.73
CA VAL G 114 36.21 18.16 34.30
C VAL G 114 36.83 18.80 33.06
N LEU G 115 36.22 19.86 32.52
CA LEU G 115 36.71 20.42 31.27
C LEU G 115 37.99 21.23 31.48
N LEU G 116 38.08 21.95 32.59
CA LEU G 116 39.25 22.75 32.90
C LEU G 116 40.44 21.85 33.22
N PRO G 117 41.67 22.32 32.96
CA PRO G 117 42.83 21.47 33.28
C PRO G 117 43.11 21.35 34.77
N LYS H 28 -4.40 51.49 8.80
CA LYS H 28 -5.14 52.54 9.48
C LYS H 28 -6.20 51.94 10.40
N THR H 29 -5.89 50.78 10.97
CA THR H 29 -6.77 50.09 11.90
C THR H 29 -6.13 50.05 13.28
N ARG H 30 -6.95 49.79 14.29
CA ARG H 30 -6.53 49.85 15.68
C ARG H 30 -6.12 48.47 16.17
N LYS H 31 -4.89 48.37 16.68
CA LYS H 31 -4.40 47.18 17.32
C LYS H 31 -4.28 47.44 18.81
N GLU H 32 -4.55 46.42 19.62
CA GLU H 32 -4.66 46.55 21.06
C GLU H 32 -3.49 45.84 21.74
N SER H 33 -2.95 46.46 22.78
CA SER H 33 -1.69 46.03 23.36
C SER H 33 -1.71 46.30 24.85
N TYR H 34 -0.52 46.25 25.46
CA TYR H 34 -0.37 46.46 26.90
C TYR H 34 0.88 47.29 27.21
N ALA H 35 1.23 48.23 26.32
CA ALA H 35 2.49 48.95 26.46
C ALA H 35 2.46 49.95 27.61
N ILE H 36 1.39 50.74 27.69
CA ILE H 36 1.30 51.83 28.67
C ILE H 36 1.26 51.30 30.10
N TYR H 37 0.69 50.12 30.32
CA TYR H 37 0.51 49.65 31.68
C TYR H 37 1.81 49.06 32.23
N VAL H 38 2.55 48.33 31.38
CA VAL H 38 3.89 47.87 31.74
C VAL H 38 4.81 49.06 31.95
N TYR H 39 4.61 50.12 31.16
CA TYR H 39 5.37 51.36 31.34
C TYR H 39 5.10 51.99 32.71
N LYS H 40 3.83 51.99 33.14
CA LYS H 40 3.49 52.54 34.46
C LYS H 40 4.08 51.71 35.60
N VAL H 41 4.01 50.39 35.49
CA VAL H 41 4.55 49.54 36.56
C VAL H 41 6.08 49.66 36.62
N LEU H 42 6.72 49.83 35.47
CA LEU H 42 8.16 50.09 35.44
C LEU H 42 8.50 51.42 36.10
N LYS H 43 7.69 52.45 35.87
CA LYS H 43 7.95 53.72 36.54
C LYS H 43 7.63 53.68 38.02
N GLN H 44 6.81 52.74 38.48
CA GLN H 44 6.67 52.56 39.93
C GLN H 44 7.90 51.91 40.53
N VAL H 45 8.38 50.81 39.93
CA VAL H 45 9.40 50.02 40.64
C VAL H 45 10.83 50.50 40.39
N HIS H 46 11.12 51.14 39.26
CA HIS H 46 12.45 51.67 39.00
C HIS H 46 12.28 53.07 38.41
N PRO H 47 12.40 54.11 39.23
CA PRO H 47 11.97 55.45 38.80
C PRO H 47 12.91 56.16 37.85
N ASP H 48 14.00 55.53 37.41
CA ASP H 48 15.04 56.26 36.70
C ASP H 48 15.58 55.45 35.53
N THR H 49 14.71 54.79 34.78
CA THR H 49 15.17 54.00 33.65
C THR H 49 14.09 53.95 32.59
N GLY H 50 14.48 53.49 31.40
CA GLY H 50 13.58 53.31 30.29
C GLY H 50 13.73 51.93 29.69
N ILE H 51 12.90 51.64 28.69
CA ILE H 51 12.84 50.32 28.10
C ILE H 51 12.70 50.44 26.59
N SER H 52 13.23 49.45 25.88
CA SER H 52 13.22 49.43 24.43
C SER H 52 11.91 48.82 23.93
N SER H 53 11.84 48.51 22.63
CA SER H 53 10.62 47.98 22.03
C SER H 53 10.51 46.47 22.14
N LYS H 54 11.65 45.77 21.98
CA LYS H 54 11.64 44.31 21.97
C LYS H 54 11.24 43.74 23.33
N ALA H 55 11.72 44.37 24.41
CA ALA H 55 11.30 43.95 25.74
C ALA H 55 9.82 44.22 25.97
N MET H 56 9.29 45.29 25.39
CA MET H 56 7.87 45.57 25.52
C MET H 56 7.03 44.52 24.80
N SER H 57 7.49 44.08 23.61
CA SER H 57 6.76 43.06 22.89
C SER H 57 6.81 41.71 23.61
N ILE H 58 7.95 41.40 24.23
CA ILE H 58 8.05 40.18 25.03
C ILE H 58 7.11 40.23 26.22
N MET H 59 7.01 41.39 26.89
CA MET H 59 6.11 41.46 28.04
C MET H 59 4.65 41.39 27.64
N ASN H 60 4.31 41.95 26.47
CA ASN H 60 2.96 41.81 25.92
C ASN H 60 2.59 40.35 25.71
N SER H 61 3.50 39.59 25.09
CA SER H 61 3.23 38.17 24.86
C SER H 61 3.13 37.38 26.16
N PHE H 62 3.94 37.74 27.16
CA PHE H 62 3.89 37.05 28.44
C PHE H 62 2.56 37.27 29.15
N VAL H 63 2.05 38.51 29.13
CA VAL H 63 0.78 38.82 29.79
C VAL H 63 -0.37 38.07 29.12
N ASN H 64 -0.39 38.05 27.78
CA ASN H 64 -1.45 37.31 27.09
C ASN H 64 -1.38 35.81 27.35
N ASP H 65 -0.16 35.26 27.47
CA ASP H 65 -0.02 33.83 27.74
C ASP H 65 -0.58 33.45 29.11
N VAL H 66 -0.20 34.20 30.15
CA VAL H 66 -0.66 33.86 31.50
C VAL H 66 -2.16 34.06 31.62
N PHE H 67 -2.69 35.08 30.95
CA PHE H 67 -4.13 35.34 30.94
C PHE H 67 -4.91 34.17 30.35
N GLU H 68 -4.48 33.67 29.19
CA GLU H 68 -5.26 32.61 28.55
C GLU H 68 -5.11 31.28 29.27
N ARG H 69 -3.95 31.04 29.90
CA ARG H 69 -3.81 29.80 30.67
C ARG H 69 -4.72 29.79 31.90
N ILE H 70 -4.78 30.90 32.64
CA ILE H 70 -5.62 30.95 33.84
C ILE H 70 -7.10 30.88 33.47
N ALA H 71 -7.49 31.56 32.39
CA ALA H 71 -8.89 31.53 31.97
C ALA H 71 -9.32 30.14 31.54
N GLY H 72 -8.44 29.42 30.82
CA GLY H 72 -8.79 28.07 30.40
C GLY H 72 -8.93 27.10 31.56
N GLU H 73 -8.05 27.21 32.55
CA GLU H 73 -8.16 26.32 33.71
C GLU H 73 -9.42 26.62 34.52
N ALA H 74 -9.76 27.90 34.68
CA ALA H 74 -10.98 28.24 35.42
C ALA H 74 -12.22 27.75 34.70
N SER H 75 -12.21 27.79 33.36
CA SER H 75 -13.38 27.33 32.62
C SER H 75 -13.56 25.82 32.72
N ARG H 76 -12.46 25.05 32.69
CA ARG H 76 -12.63 23.60 32.84
C ARG H 76 -13.05 23.22 34.26
N LEU H 77 -12.65 23.99 35.28
CA LEU H 77 -13.17 23.76 36.63
C LEU H 77 -14.66 24.02 36.71
N ALA H 78 -15.10 25.15 36.15
CA ALA H 78 -16.51 25.51 36.21
C ALA H 78 -17.38 24.51 35.47
N HIS H 79 -16.85 23.90 34.41
CA HIS H 79 -17.62 22.85 33.77
C HIS H 79 -17.54 21.53 34.54
N TYR H 80 -16.45 21.29 35.27
CA TYR H 80 -16.36 20.06 36.05
C TYR H 80 -17.36 20.05 37.21
N ASN H 81 -17.67 21.21 37.78
CA ASN H 81 -18.57 21.23 38.94
C ASN H 81 -20.05 21.39 38.57
N LYS H 82 -20.42 21.15 37.31
CA LYS H 82 -21.81 21.15 36.82
C LYS H 82 -22.52 22.48 37.05
N ARG H 83 -21.80 23.59 37.08
CA ARG H 83 -22.39 24.90 37.22
C ARG H 83 -22.06 25.73 35.99
N SER H 84 -22.45 26.99 35.99
CA SER H 84 -22.32 27.77 34.78
C SER H 84 -21.87 29.20 35.04
N THR H 85 -21.06 29.41 36.08
CA THR H 85 -20.68 30.77 36.46
C THR H 85 -19.21 30.77 36.89
N ILE H 86 -18.46 31.75 36.40
CA ILE H 86 -17.07 31.95 36.79
C ILE H 86 -17.04 33.05 37.84
N THR H 87 -16.56 32.72 39.03
CA THR H 87 -16.44 33.69 40.11
C THR H 87 -15.01 33.74 40.63
N SER H 88 -14.81 34.64 41.59
CA SER H 88 -13.49 34.81 42.21
C SER H 88 -13.04 33.56 42.96
N ARG H 89 -13.99 32.76 43.43
CA ARG H 89 -13.64 31.49 44.06
C ARG H 89 -12.99 30.53 43.07
N GLU H 90 -13.54 30.42 41.86
CA GLU H 90 -12.91 29.58 40.86
C GLU H 90 -11.59 30.17 40.37
N ILE H 91 -11.47 31.50 40.30
CA ILE H 91 -10.18 32.06 39.92
C ILE H 91 -9.13 31.77 40.99
N GLN H 92 -9.54 31.76 42.27
CA GLN H 92 -8.62 31.41 43.36
C GLN H 92 -8.18 29.96 43.29
N THR H 93 -9.11 29.04 43.00
CA THR H 93 -8.73 27.64 42.88
C THR H 93 -7.85 27.40 41.66
N ALA H 94 -8.09 28.14 40.58
CA ALA H 94 -7.22 28.06 39.41
C ALA H 94 -5.81 28.52 39.70
N VAL H 95 -5.67 29.59 40.50
CA VAL H 95 -4.34 30.09 40.82
C VAL H 95 -3.60 29.13 41.74
N ARG H 96 -4.29 28.58 42.76
CA ARG H 96 -3.62 27.62 43.63
C ARG H 96 -3.29 26.32 42.92
N LEU H 97 -4.03 25.94 41.88
CA LEU H 97 -3.63 24.79 41.10
C LEU H 97 -2.52 25.09 40.12
N LEU H 98 -2.39 26.33 39.66
CA LEU H 98 -1.46 26.60 38.58
C LEU H 98 -0.09 27.05 39.04
N LEU H 99 0.00 27.97 40.00
CA LEU H 99 1.32 28.50 40.31
C LEU H 99 2.04 27.66 41.36
N PRO H 100 3.37 27.70 41.40
CA PRO H 100 4.10 27.11 42.53
C PRO H 100 3.94 27.97 43.79
N GLY H 101 4.45 27.44 44.90
CA GLY H 101 4.07 27.83 46.25
C GLY H 101 4.06 29.28 46.72
N GLU H 102 5.25 29.89 46.84
CA GLU H 102 5.37 31.21 47.45
C GLU H 102 4.70 32.27 46.60
N LEU H 103 4.87 32.14 45.28
CA LEU H 103 4.22 33.04 44.35
C LEU H 103 2.70 32.91 44.42
N ALA H 104 2.22 31.68 44.66
CA ALA H 104 0.78 31.46 44.82
C ALA H 104 0.25 32.14 46.08
N LYS H 105 0.98 32.02 47.19
CA LYS H 105 0.51 32.63 48.44
C LYS H 105 0.47 34.15 48.35
N HIS H 106 1.51 34.74 47.77
CA HIS H 106 1.52 36.20 47.62
C HIS H 106 0.43 36.67 46.67
N ALA H 107 0.16 35.91 45.60
CA ALA H 107 -0.87 36.33 44.66
C ALA H 107 -2.27 36.18 45.25
N VAL H 108 -2.49 35.14 46.07
CA VAL H 108 -3.79 34.99 46.73
C VAL H 108 -4.02 36.12 47.73
N SER H 109 -2.96 36.54 48.45
CA SER H 109 -3.11 37.66 49.37
C SER H 109 -3.39 38.96 48.64
N GLU H 110 -2.72 39.19 47.49
CA GLU H 110 -2.97 40.38 46.68
C GLU H 110 -4.41 40.41 46.17
N GLY H 111 -4.89 39.27 45.66
CA GLY H 111 -6.25 39.23 45.14
C GLY H 111 -7.31 39.43 46.21
N THR H 112 -7.09 38.84 47.40
CA THR H 112 -8.07 38.97 48.46
C THR H 112 -8.12 40.41 48.98
N LYS H 113 -6.95 41.05 49.09
CA LYS H 113 -6.90 42.46 49.48
C LYS H 113 -7.60 43.34 48.47
N ALA H 114 -7.44 43.03 47.17
CA ALA H 114 -8.08 43.82 46.13
C ALA H 114 -9.61 43.66 46.17
N VAL H 115 -10.09 42.44 46.40
CA VAL H 115 -11.54 42.20 46.46
C VAL H 115 -12.15 42.92 47.66
N THR H 116 -11.49 42.85 48.83
CA THR H 116 -12.03 43.51 50.01
C THR H 116 -12.02 45.04 49.86
N CYS H 117 -10.92 45.60 49.37
CA CYS H 117 -10.86 47.05 49.17
C CYS H 117 -11.71 47.52 48.01
N TYR H 118 -12.17 46.63 47.14
CA TYR H 118 -13.13 47.03 46.13
C TYR H 118 -14.56 47.02 46.67
N THR H 119 -14.94 45.96 47.37
CA THR H 119 -16.30 45.84 47.84
C THR H 119 -16.59 46.61 49.11
N SER H 120 -15.56 47.17 49.76
CA SER H 120 -15.83 48.00 50.94
C SER H 120 -16.32 49.38 50.57
N ALA H 121 -15.86 49.93 49.45
CA ALA H 121 -16.22 51.27 49.00
C ALA H 121 -16.97 51.22 47.68
N LYS H 122 -17.91 50.29 47.57
CA LYS H 122 -18.73 50.10 46.37
C LYS H 122 -19.61 51.30 46.08
N GLN K 11 -11.70 -5.45 -14.99
CA GLN K 11 -11.46 -4.46 -13.96
C GLN K 11 -12.54 -3.39 -13.92
N ASN K 12 -12.20 -2.25 -13.34
CA ASN K 12 -13.12 -1.14 -13.13
C ASN K 12 -12.29 0.15 -13.14
N TYR K 13 -12.84 1.21 -12.54
CA TYR K 13 -12.25 2.54 -12.30
C TYR K 13 -10.79 2.51 -11.83
N PRO K 14 -9.95 3.46 -12.27
CA PRO K 14 -8.52 3.39 -11.96
C PRO K 14 -8.21 3.80 -10.52
N GLU K 15 -7.03 3.38 -10.06
CA GLU K 15 -6.66 3.64 -8.67
C GLU K 15 -5.27 4.23 -8.46
N GLU K 16 -4.32 3.97 -9.35
CA GLU K 16 -2.92 4.30 -9.08
C GLU K 16 -2.39 5.25 -10.14
N ALA K 17 -1.17 5.74 -9.90
CA ALA K 17 -0.66 6.90 -10.64
C ALA K 17 -0.24 6.52 -12.06
N ASP K 18 0.76 5.64 -12.18
CA ASP K 18 1.25 5.06 -13.43
C ASP K 18 1.73 6.13 -14.43
N GLY K 19 2.83 6.78 -14.06
CA GLY K 19 3.66 7.54 -15.00
C GLY K 19 3.01 8.77 -15.60
N THR K 20 3.62 9.23 -16.69
CA THR K 20 3.24 10.46 -17.39
C THR K 20 3.93 10.49 -18.75
N LEU K 21 3.70 11.57 -19.48
CA LEU K 21 4.47 11.89 -20.70
C LEU K 21 4.84 13.36 -20.65
N ASP K 22 5.97 13.66 -20.02
CA ASP K 22 6.46 15.04 -19.88
C ASP K 22 7.50 15.36 -20.94
N CYS K 23 7.12 15.18 -22.20
CA CYS K 23 8.03 15.46 -23.32
C CYS K 23 7.73 16.81 -23.96
N ILE K 24 6.50 17.01 -24.41
CA ILE K 24 6.12 18.22 -25.12
C ILE K 24 5.87 19.32 -24.10
N SER K 25 6.47 20.48 -24.34
CA SER K 25 6.27 21.62 -23.45
C SER K 25 4.92 22.30 -23.73
N MET K 26 4.24 22.68 -22.65
CA MET K 26 3.03 23.52 -22.67
C MET K 26 1.89 22.88 -23.48
N ALA K 27 1.38 21.78 -22.92
CA ALA K 27 0.18 21.14 -23.44
C ALA K 27 -1.06 21.81 -22.86
N LEU K 28 -2.12 21.87 -23.66
CA LEU K 28 -3.26 22.67 -23.25
C LEU K 28 -4.60 21.96 -23.33
N THR K 29 -4.82 21.13 -24.36
CA THR K 29 -6.12 20.49 -24.55
C THR K 29 -5.93 19.10 -25.13
N CYS K 30 -6.99 18.29 -25.08
CA CYS K 30 -6.90 16.89 -25.47
C CYS K 30 -8.29 16.34 -25.77
N THR K 31 -8.34 15.40 -26.72
CA THR K 31 -9.58 14.72 -27.12
C THR K 31 -9.23 13.42 -27.82
N PHE K 32 -10.18 12.49 -27.82
CA PHE K 32 -10.05 11.15 -28.38
C PHE K 32 -10.87 10.97 -29.66
N ASN K 33 -10.63 9.83 -30.31
CA ASN K 33 -11.43 9.37 -31.44
C ASN K 33 -12.53 8.44 -30.93
N ARG K 34 -13.17 7.70 -31.85
CA ARG K 34 -14.10 6.65 -31.45
C ARG K 34 -13.36 5.44 -30.90
N TRP K 35 -12.20 5.10 -31.45
CA TRP K 35 -11.56 3.82 -31.16
C TRP K 35 -10.74 3.82 -29.89
N GLY K 36 -10.20 4.97 -29.48
CA GLY K 36 -9.37 5.02 -28.29
C GLY K 36 -7.90 4.80 -28.54
N THR K 37 -7.41 5.12 -29.73
CA THR K 37 -5.98 5.01 -30.03
C THR K 37 -5.40 6.29 -30.60
N LEU K 38 -6.19 7.37 -30.66
CA LEU K 38 -5.73 8.64 -31.21
C LEU K 38 -5.98 9.75 -30.19
N LEU K 39 -4.93 10.52 -29.90
CA LEU K 39 -4.98 11.61 -28.91
C LEU K 39 -4.14 12.76 -29.44
N ALA K 40 -4.80 13.79 -29.97
CA ALA K 40 -4.10 14.99 -30.40
C ALA K 40 -4.15 16.03 -29.28
N VAL K 41 -3.13 16.88 -29.24
CA VAL K 41 -2.99 17.88 -28.18
C VAL K 41 -2.71 19.23 -28.83
N GLY K 42 -3.67 20.15 -28.73
CA GLY K 42 -3.43 21.52 -29.14
C GLY K 42 -2.62 22.26 -28.11
N CYS K 43 -1.36 22.54 -28.42
CA CYS K 43 -0.43 23.11 -27.44
C CYS K 43 -0.64 24.61 -27.26
N ASN K 44 0.31 25.26 -26.62
CA ASN K 44 0.25 26.69 -26.35
C ASN K 44 0.77 27.52 -27.53
N ASP K 45 1.15 26.89 -28.63
CA ASP K 45 1.69 27.62 -29.77
C ASP K 45 1.24 27.10 -31.13
N GLY K 46 0.21 26.26 -31.19
CA GLY K 46 -0.27 25.71 -32.44
C GLY K 46 0.23 24.31 -32.75
N ARG K 47 1.09 23.75 -31.91
CA ARG K 47 1.61 22.42 -32.13
C ARG K 47 0.55 21.37 -31.78
N ILE K 48 0.29 20.46 -32.72
CA ILE K 48 -0.70 19.41 -32.54
C ILE K 48 0.03 18.08 -32.60
N VAL K 49 0.12 17.42 -31.45
CA VAL K 49 0.97 16.24 -31.26
C VAL K 49 0.09 15.05 -30.97
N ILE K 50 0.35 13.92 -31.64
CA ILE K 50 -0.34 12.67 -31.40
C ILE K 50 0.65 11.67 -30.83
N TRP K 51 0.23 10.88 -29.83
CA TRP K 51 1.04 9.79 -29.33
C TRP K 51 0.55 8.45 -29.87
N ASP K 52 1.19 7.39 -29.40
CA ASP K 52 0.70 6.03 -29.42
C ASP K 52 0.18 5.68 -28.02
N PHE K 53 -0.67 4.67 -27.95
CA PHE K 53 -1.14 4.15 -26.68
C PHE K 53 -0.65 2.75 -26.37
N LEU K 54 -0.47 1.90 -27.38
CA LEU K 54 -0.01 0.54 -27.11
C LEU K 54 1.49 0.51 -26.83
N THR K 55 2.27 1.26 -27.61
CA THR K 55 3.71 1.34 -27.41
C THR K 55 4.19 2.72 -26.99
N ARG K 56 3.31 3.73 -27.04
CA ARG K 56 3.48 5.03 -26.39
C ARG K 56 4.67 5.81 -26.97
N GLY K 57 4.62 6.02 -28.29
CA GLY K 57 5.58 6.85 -28.98
C GLY K 57 4.90 8.02 -29.65
N ILE K 58 5.63 9.13 -29.75
CA ILE K 58 5.09 10.35 -30.35
C ILE K 58 4.93 10.14 -31.85
N ALA K 59 3.70 10.32 -32.33
CA ALA K 59 3.38 9.98 -33.72
C ALA K 59 3.65 11.14 -34.68
N LYS K 60 2.98 12.27 -34.48
CA LYS K 60 3.01 13.33 -35.49
C LYS K 60 2.77 14.69 -34.85
N ILE K 61 3.76 15.57 -34.95
CA ILE K 61 3.62 16.96 -34.53
C ILE K 61 3.09 17.76 -35.70
N ILE K 62 1.98 18.46 -35.50
CA ILE K 62 1.39 19.33 -36.51
C ILE K 62 1.50 20.75 -35.98
N SER K 63 2.58 21.44 -36.34
CA SER K 63 2.77 22.84 -35.98
C SER K 63 2.03 23.68 -37.02
N ALA K 64 0.73 23.83 -36.80
CA ALA K 64 -0.13 24.44 -37.81
C ALA K 64 -0.06 25.97 -37.77
N HIS K 65 -0.45 26.57 -36.65
CA HIS K 65 -0.57 28.02 -36.55
C HIS K 65 0.61 28.62 -35.80
N ILE K 66 0.77 29.92 -35.96
CA ILE K 66 1.63 30.71 -35.08
C ILE K 66 0.89 31.09 -33.81
N HIS K 67 -0.43 30.85 -33.77
CA HIS K 67 -1.37 31.20 -32.73
C HIS K 67 -1.75 29.98 -31.90
N PRO K 68 -2.11 30.16 -30.63
CA PRO K 68 -2.53 29.02 -29.80
C PRO K 68 -3.89 28.48 -30.22
N VAL K 69 -4.13 27.23 -29.84
CA VAL K 69 -5.33 26.49 -30.21
C VAL K 69 -6.19 26.31 -28.97
N CYS K 70 -7.51 26.50 -29.12
CA CYS K 70 -8.43 26.35 -28.00
C CYS K 70 -9.48 25.27 -28.17
N SER K 71 -9.66 24.71 -29.37
CA SER K 71 -10.67 23.68 -29.57
C SER K 71 -10.29 22.78 -30.73
N LEU K 72 -10.66 21.50 -30.62
CA LEU K 72 -10.39 20.48 -31.62
C LEU K 72 -11.54 19.49 -31.61
N CYS K 73 -11.60 18.63 -32.64
CA CYS K 73 -12.54 17.52 -32.69
C CYS K 73 -12.10 16.52 -33.77
N TRP K 74 -12.29 15.24 -33.49
CA TRP K 74 -12.04 14.13 -34.39
C TRP K 74 -13.28 13.80 -35.21
N SER K 75 -13.09 13.06 -36.30
CA SER K 75 -14.18 12.71 -37.19
C SER K 75 -14.50 11.22 -37.10
N ARG K 76 -15.55 10.82 -37.84
CA ARG K 76 -16.08 9.47 -37.75
C ARG K 76 -15.22 8.46 -38.49
N ASP K 77 -14.61 8.86 -39.61
CA ASP K 77 -13.75 7.95 -40.37
C ASP K 77 -12.37 7.76 -39.74
N GLY K 78 -12.03 8.54 -38.72
CA GLY K 78 -10.69 8.49 -38.18
C GLY K 78 -9.66 9.15 -39.06
N HIS K 79 -10.05 10.16 -39.82
CA HIS K 79 -9.11 10.86 -40.68
C HIS K 79 -9.10 12.36 -40.49
N LYS K 80 -10.25 12.98 -40.23
CA LYS K 80 -10.38 14.42 -40.31
C LYS K 80 -10.40 15.06 -38.93
N LEU K 81 -9.79 16.24 -38.84
CA LEU K 81 -9.77 17.08 -37.65
C LEU K 81 -10.33 18.47 -38.01
N VAL K 82 -10.22 19.39 -37.05
CA VAL K 82 -10.77 20.73 -37.19
C VAL K 82 -9.99 21.66 -36.27
N SER K 83 -9.68 22.85 -36.76
CA SER K 83 -8.83 23.79 -36.05
C SER K 83 -9.64 24.92 -35.43
N ALA K 84 -9.08 25.49 -34.36
CA ALA K 84 -9.67 26.67 -33.72
C ALA K 84 -8.54 27.46 -33.06
N SER K 85 -8.04 28.47 -33.76
CA SER K 85 -6.97 29.32 -33.29
C SER K 85 -7.53 30.60 -32.69
N THR K 86 -6.65 31.57 -32.41
CA THR K 86 -7.06 32.88 -31.96
C THR K 86 -7.21 33.88 -33.11
N ASP K 87 -7.32 33.40 -34.34
CA ASP K 87 -7.77 34.19 -35.48
C ASP K 87 -8.90 33.48 -36.21
N ASN K 88 -9.68 32.69 -35.47
CA ASN K 88 -10.96 32.11 -35.88
C ASN K 88 -10.82 31.15 -37.06
N ILE K 89 -9.63 30.60 -37.27
CA ILE K 89 -9.37 29.78 -38.46
C ILE K 89 -9.87 28.37 -38.22
N VAL K 90 -10.78 27.92 -39.07
CA VAL K 90 -11.29 26.57 -39.05
C VAL K 90 -10.79 25.86 -40.31
N SER K 91 -9.96 24.83 -40.12
CA SER K 91 -9.32 24.16 -41.23
C SER K 91 -9.56 22.66 -41.15
N GLN K 92 -9.69 22.03 -42.31
CA GLN K 92 -9.86 20.59 -42.40
C GLN K 92 -8.50 19.94 -42.57
N TRP K 93 -8.22 18.95 -41.74
CA TRP K 93 -6.92 18.28 -41.69
C TRP K 93 -7.10 16.82 -42.06
N ASP K 94 -5.97 16.10 -42.12
CA ASP K 94 -6.00 14.69 -42.45
C ASP K 94 -4.90 13.99 -41.69
N VAL K 95 -5.14 12.72 -41.33
CA VAL K 95 -4.14 11.93 -40.63
C VAL K 95 -3.11 11.32 -41.57
N LEU K 96 -3.31 11.44 -42.88
CA LEU K 96 -2.34 10.96 -43.86
C LEU K 96 -1.40 12.07 -44.31
N SER K 97 -1.96 13.24 -44.66
CA SER K 97 -1.16 14.36 -45.13
C SER K 97 -0.93 15.39 -44.02
N GLY K 98 -2.01 15.93 -43.46
CA GLY K 98 -1.90 16.99 -42.46
C GLY K 98 -1.75 18.35 -43.08
N ASP K 99 -2.67 18.72 -43.96
CA ASP K 99 -2.57 19.95 -44.72
C ASP K 99 -3.79 20.83 -44.47
N CYS K 100 -3.62 22.13 -44.73
CA CYS K 100 -4.68 23.10 -44.49
C CYS K 100 -5.64 23.15 -45.67
N ASP K 101 -6.94 23.19 -45.38
CA ASP K 101 -7.97 23.25 -46.40
C ASP K 101 -8.76 24.56 -46.36
N GLN K 102 -9.36 24.89 -45.21
CA GLN K 102 -10.30 25.99 -45.12
C GLN K 102 -9.76 27.07 -44.19
N ARG K 103 -10.15 28.31 -44.45
CA ARG K 103 -9.64 29.46 -43.72
C ARG K 103 -10.55 30.66 -43.96
N PHE K 104 -11.07 31.24 -42.87
CA PHE K 104 -11.88 32.44 -42.89
C PHE K 104 -11.99 32.94 -41.45
N ARG K 105 -12.54 34.15 -41.29
CA ARG K 105 -12.61 34.80 -40.00
C ARG K 105 -14.06 34.95 -39.55
N PHE K 106 -14.34 34.45 -38.35
CA PHE K 106 -15.62 34.63 -37.68
C PHE K 106 -15.69 36.02 -37.06
N PRO K 107 -16.81 36.40 -36.44
CA PRO K 107 -16.71 37.37 -35.34
C PRO K 107 -15.87 36.75 -34.22
N SER K 108 -15.06 37.61 -33.57
CA SER K 108 -13.85 37.27 -32.79
C SER K 108 -13.90 36.08 -31.82
N PRO K 109 -14.99 35.77 -31.08
CA PRO K 109 -14.90 34.59 -30.20
C PRO K 109 -15.35 33.28 -30.81
N ILE K 110 -14.55 32.23 -30.62
CA ILE K 110 -14.89 30.85 -30.97
C ILE K 110 -14.53 29.98 -29.78
N LEU K 111 -15.51 29.24 -29.25
CA LEU K 111 -15.33 28.48 -28.02
C LEU K 111 -15.18 26.98 -28.23
N LYS K 112 -16.12 26.33 -28.92
CA LYS K 112 -16.04 24.89 -29.11
C LYS K 112 -16.80 24.49 -30.36
N VAL K 113 -16.25 23.53 -31.09
CA VAL K 113 -16.88 23.01 -32.30
C VAL K 113 -17.26 21.55 -32.09
N GLN K 114 -18.18 21.06 -32.92
CA GLN K 114 -18.63 19.67 -32.84
C GLN K 114 -19.18 19.25 -34.20
N TYR K 115 -18.66 18.15 -34.74
CA TYR K 115 -19.16 17.59 -35.99
C TYR K 115 -20.56 17.02 -35.82
N HIS K 116 -21.23 16.85 -36.96
CA HIS K 116 -22.41 16.01 -36.99
C HIS K 116 -22.00 14.54 -36.88
N PRO K 117 -22.75 13.72 -36.14
CA PRO K 117 -22.28 12.34 -35.92
C PRO K 117 -22.40 11.43 -37.14
N ARG K 118 -23.49 11.49 -37.88
CA ARG K 118 -23.73 10.54 -38.97
C ARG K 118 -23.49 11.16 -40.34
N ASP K 119 -22.79 12.28 -40.39
CA ASP K 119 -22.30 12.85 -41.64
C ASP K 119 -21.13 13.76 -41.29
N GLN K 120 -20.01 13.61 -42.01
CA GLN K 120 -18.90 14.52 -41.84
C GLN K 120 -19.01 15.75 -42.74
N ASN K 121 -20.23 16.12 -43.13
CA ASN K 121 -20.44 17.36 -43.86
C ASN K 121 -20.48 18.56 -42.91
N LYS K 122 -21.17 18.41 -41.78
CA LYS K 122 -21.58 19.56 -40.98
C LYS K 122 -20.89 19.57 -39.62
N VAL K 123 -20.54 20.77 -39.17
CA VAL K 123 -19.96 21.02 -37.86
C VAL K 123 -20.82 22.08 -37.18
N LEU K 124 -20.88 22.04 -35.86
CA LEU K 124 -21.65 23.00 -35.08
C LEU K 124 -20.70 23.88 -34.30
N VAL K 125 -20.69 25.18 -34.61
CA VAL K 125 -19.70 26.11 -34.10
C VAL K 125 -20.39 27.09 -33.16
N CYS K 126 -19.75 27.38 -32.03
CA CYS K 126 -20.35 28.19 -30.97
C CYS K 126 -19.50 29.42 -30.66
N PRO K 127 -20.00 30.63 -30.89
CA PRO K 127 -19.28 31.83 -30.40
C PRO K 127 -19.64 32.15 -28.96
N MET K 128 -19.07 33.23 -28.42
CA MET K 128 -19.41 33.64 -27.05
C MET K 128 -20.71 34.43 -27.01
N LYS K 129 -20.73 35.60 -27.64
CA LYS K 129 -21.86 36.53 -27.56
C LYS K 129 -22.79 36.41 -28.76
N SER K 130 -22.95 35.20 -29.30
CA SER K 130 -23.86 34.99 -30.41
C SER K 130 -24.50 33.62 -30.27
N ALA K 131 -25.54 33.40 -31.06
CA ALA K 131 -26.15 32.08 -31.15
C ALA K 131 -25.20 31.11 -31.84
N PRO K 132 -25.26 29.82 -31.48
CA PRO K 132 -24.40 28.84 -32.14
C PRO K 132 -24.79 28.66 -33.60
N VAL K 133 -23.79 28.47 -34.44
CA VAL K 133 -23.96 28.47 -35.89
C VAL K 133 -23.48 27.12 -36.42
N MET K 134 -24.29 26.51 -37.29
CA MET K 134 -23.92 25.29 -37.97
C MET K 134 -23.49 25.61 -39.40
N LEU K 135 -22.35 25.09 -39.81
CA LEU K 135 -21.85 25.23 -41.16
C LEU K 135 -21.73 23.86 -41.82
N THR K 136 -21.33 23.86 -43.07
CA THR K 136 -20.95 22.67 -43.80
C THR K 136 -19.44 22.70 -44.04
N LEU K 137 -18.93 21.65 -44.68
CA LEU K 137 -17.53 21.61 -45.08
C LEU K 137 -17.35 21.73 -46.58
N SER K 138 -18.44 21.77 -47.35
CA SER K 138 -18.33 21.99 -48.79
C SER K 138 -17.95 23.43 -49.12
N ASP K 139 -18.59 24.37 -48.44
CA ASP K 139 -18.36 25.80 -48.69
C ASP K 139 -18.61 26.55 -47.39
N SER K 140 -18.81 27.86 -47.49
CA SER K 140 -19.05 28.71 -46.34
C SER K 140 -20.54 28.92 -46.06
N LYS K 141 -21.38 27.93 -46.37
CA LYS K 141 -22.79 28.00 -46.03
C LYS K 141 -22.98 27.86 -44.53
N HIS K 142 -23.81 28.71 -43.96
CA HIS K 142 -24.11 28.66 -42.53
C HIS K 142 -25.61 28.80 -42.31
N VAL K 143 -26.14 28.00 -41.40
CA VAL K 143 -27.56 27.98 -41.08
C VAL K 143 -27.76 28.71 -39.76
N VAL K 144 -28.60 29.74 -39.77
CA VAL K 144 -28.85 30.55 -38.58
C VAL K 144 -29.73 29.77 -37.62
N LEU K 145 -29.27 29.62 -36.37
CA LEU K 145 -30.07 28.88 -35.40
C LEU K 145 -30.74 29.85 -34.44
N PRO K 146 -32.07 29.81 -34.31
CA PRO K 146 -32.75 30.70 -33.36
C PRO K 146 -32.81 30.16 -31.94
N VAL K 147 -32.55 31.06 -30.99
CA VAL K 147 -32.60 30.75 -29.56
C VAL K 147 -33.73 31.61 -28.97
N ASP K 148 -34.32 31.13 -27.88
CA ASP K 148 -35.57 31.70 -27.36
C ASP K 148 -35.35 33.08 -26.75
N ASP K 149 -34.27 33.27 -26.00
CA ASP K 149 -34.05 34.53 -25.30
C ASP K 149 -33.64 35.63 -26.28
N ASP K 150 -32.49 35.43 -26.94
CA ASP K 150 -31.83 36.44 -27.81
C ASP K 150 -31.62 37.76 -27.08
N SER K 151 -31.17 37.67 -25.83
CA SER K 151 -30.90 38.84 -24.99
C SER K 151 -29.43 39.00 -24.70
N ASP K 152 -28.78 37.98 -24.11
CA ASP K 152 -27.36 38.02 -23.86
C ASP K 152 -26.56 37.25 -24.90
N LEU K 153 -27.20 36.30 -25.60
CA LEU K 153 -26.62 35.51 -26.69
C LEU K 153 -25.42 34.68 -26.24
N ASN K 154 -25.38 34.30 -24.96
CA ASN K 154 -24.36 33.39 -24.44
C ASN K 154 -24.99 32.01 -24.40
N VAL K 155 -25.01 31.36 -25.56
CA VAL K 155 -25.80 30.15 -25.77
C VAL K 155 -24.87 29.01 -26.15
N VAL K 156 -25.01 27.88 -25.46
CA VAL K 156 -24.26 26.67 -25.78
C VAL K 156 -25.21 25.71 -26.49
N ALA K 157 -24.64 24.82 -27.30
CA ALA K 157 -25.45 23.87 -28.08
C ALA K 157 -24.61 22.64 -28.39
N SER K 158 -25.29 21.49 -28.47
CA SER K 158 -24.62 20.24 -28.80
C SER K 158 -25.61 19.27 -29.42
N PHE K 159 -25.08 18.32 -30.19
CA PHE K 159 -25.87 17.23 -30.72
C PHE K 159 -26.13 16.20 -29.63
N ASP K 160 -27.15 15.38 -29.84
CA ASP K 160 -27.35 14.21 -29.00
C ASP K 160 -26.46 13.06 -29.51
N ARG K 161 -26.71 11.85 -29.03
CA ARG K 161 -25.85 10.72 -29.37
C ARG K 161 -26.07 10.27 -30.80
N ARG K 162 -27.30 9.85 -31.12
CA ARG K 162 -27.57 9.22 -32.41
C ARG K 162 -27.64 10.21 -33.56
N GLY K 163 -27.94 11.48 -33.27
CA GLY K 163 -28.00 12.48 -34.33
C GLY K 163 -29.42 12.91 -34.65
N GLU K 164 -30.31 12.77 -33.67
CA GLU K 164 -31.71 13.12 -33.88
C GLU K 164 -31.93 14.62 -33.79
N TYR K 165 -31.52 15.24 -32.68
CA TYR K 165 -31.82 16.64 -32.44
C TYR K 165 -30.57 17.45 -32.10
N ILE K 166 -30.77 18.69 -31.69
CA ILE K 166 -29.71 19.56 -31.18
C ILE K 166 -30.23 20.18 -29.88
N TYR K 167 -29.61 19.83 -28.76
CA TYR K 167 -29.95 20.43 -27.48
C TYR K 167 -29.15 21.72 -27.31
N THR K 168 -29.84 22.80 -26.99
CA THR K 168 -29.21 24.11 -26.81
C THR K 168 -29.42 24.59 -25.37
N GLY K 169 -28.50 25.43 -24.92
CA GLY K 169 -28.60 26.00 -23.58
C GLY K 169 -28.33 27.48 -23.56
N ASN K 170 -29.30 28.27 -23.10
CA ASN K 170 -29.24 29.72 -23.19
C ASN K 170 -28.34 30.33 -22.11
N ALA K 171 -28.43 31.65 -21.94
CA ALA K 171 -27.75 32.36 -20.87
C ALA K 171 -28.64 32.62 -19.68
N LYS K 172 -29.83 32.01 -19.62
CA LYS K 172 -30.79 32.30 -18.56
C LYS K 172 -31.35 31.08 -17.85
N GLY K 173 -31.23 29.88 -18.42
CA GLY K 173 -31.71 28.70 -17.72
C GLY K 173 -32.93 28.06 -18.36
N LYS K 174 -33.00 28.07 -19.69
CA LYS K 174 -34.06 27.40 -20.41
C LYS K 174 -33.46 26.64 -21.58
N ILE K 175 -33.95 25.44 -21.82
CA ILE K 175 -33.37 24.52 -22.80
C ILE K 175 -34.33 24.40 -23.97
N LEU K 176 -33.81 24.51 -25.18
CA LEU K 176 -34.58 24.28 -26.39
C LEU K 176 -34.09 23.00 -27.08
N VAL K 177 -35.02 22.32 -27.73
CA VAL K 177 -34.74 21.08 -28.45
C VAL K 177 -35.15 21.31 -29.90
N LEU K 178 -34.17 21.51 -30.78
CA LEU K 178 -34.43 21.83 -32.17
C LEU K 178 -34.03 20.67 -33.07
N LYS K 179 -34.51 20.71 -34.31
CA LYS K 179 -34.11 19.74 -35.31
C LYS K 179 -32.92 20.29 -36.09
N THR K 180 -32.09 19.38 -36.63
CA THR K 180 -30.80 19.73 -37.22
C THR K 180 -30.93 20.59 -38.49
N ASP K 181 -32.09 20.58 -39.14
CA ASP K 181 -32.22 21.39 -40.36
C ASP K 181 -33.43 22.31 -40.35
N SER K 182 -34.57 21.87 -39.84
CA SER K 182 -35.81 22.61 -39.94
C SER K 182 -36.16 23.37 -38.68
N GLN K 183 -35.35 23.23 -37.62
CA GLN K 183 -35.48 23.95 -36.34
C GLN K 183 -36.83 23.67 -35.68
N ASP K 184 -37.15 22.39 -35.53
CA ASP K 184 -38.41 21.98 -34.92
C ASP K 184 -38.27 22.02 -33.41
N LEU K 185 -38.81 23.06 -32.78
CA LEU K 185 -38.89 23.13 -31.33
C LEU K 185 -39.92 22.12 -30.86
N VAL K 186 -39.43 21.01 -30.32
CA VAL K 186 -40.30 19.92 -29.91
C VAL K 186 -40.27 19.64 -28.41
N ALA K 187 -39.29 20.15 -27.67
CA ALA K 187 -39.27 19.97 -26.23
C ALA K 187 -38.55 21.15 -25.58
N SER K 188 -38.96 21.45 -24.34
CA SER K 188 -38.34 22.53 -23.57
C SER K 188 -38.68 22.32 -22.10
N PHE K 189 -37.80 22.81 -21.24
CA PHE K 189 -37.97 22.64 -19.80
C PHE K 189 -37.15 23.68 -19.05
N ARG K 190 -37.68 24.13 -17.92
CA ARG K 190 -36.99 25.01 -17.00
C ARG K 190 -36.83 24.31 -15.66
N VAL K 191 -35.61 24.29 -15.15
CA VAL K 191 -35.29 23.60 -13.90
C VAL K 191 -35.44 24.59 -12.75
N THR K 192 -35.98 24.09 -11.63
CA THR K 192 -36.17 24.90 -10.43
C THR K 192 -34.82 25.04 -9.74
N THR K 193 -34.04 26.04 -10.15
CA THR K 193 -32.68 26.23 -9.68
C THR K 193 -32.70 26.88 -8.30
N GLY K 194 -32.63 26.05 -7.27
CA GLY K 194 -32.57 26.53 -5.90
C GLY K 194 -33.85 27.19 -5.41
N THR K 195 -33.78 28.50 -5.15
CA THR K 195 -34.93 29.25 -4.66
C THR K 195 -35.40 30.30 -5.65
N SER K 196 -34.54 31.24 -6.02
CA SER K 196 -34.96 32.42 -6.79
C SER K 196 -34.32 32.49 -8.16
N ASN K 197 -32.99 32.41 -8.24
CA ASN K 197 -32.27 32.65 -9.48
C ASN K 197 -32.13 31.34 -10.26
N THR K 198 -32.51 31.38 -11.54
CA THR K 198 -32.15 30.32 -12.47
C THR K 198 -30.85 30.71 -13.17
N THR K 199 -29.88 29.81 -13.17
CA THR K 199 -28.54 30.16 -13.58
C THR K 199 -28.19 29.42 -14.87
N ALA K 200 -27.09 29.86 -15.49
CA ALA K 200 -26.74 29.42 -16.84
C ALA K 200 -26.13 28.02 -16.81
N ILE K 201 -25.83 27.52 -18.01
CA ILE K 201 -25.29 26.18 -18.21
C ILE K 201 -23.90 26.32 -18.81
N LYS K 202 -22.93 25.56 -18.29
CA LYS K 202 -21.58 25.64 -18.82
C LYS K 202 -21.42 24.78 -20.08
N SER K 203 -21.60 23.47 -19.93
CA SER K 203 -21.41 22.55 -21.05
C SER K 203 -22.20 21.28 -20.78
N ILE K 204 -22.83 20.75 -21.83
CA ILE K 204 -23.61 19.53 -21.77
C ILE K 204 -22.95 18.50 -22.67
N GLU K 205 -22.67 17.31 -22.12
CA GLU K 205 -22.04 16.24 -22.87
C GLU K 205 -22.90 15.00 -22.81
N PHE K 206 -22.60 14.06 -23.70
CA PHE K 206 -23.51 12.97 -24.01
C PHE K 206 -22.78 11.64 -24.06
N ALA K 207 -23.52 10.57 -23.78
CA ALA K 207 -22.95 9.25 -23.56
C ALA K 207 -22.76 8.52 -24.89
N ARG K 208 -22.38 7.24 -24.81
CA ARG K 208 -22.21 6.40 -25.98
C ARG K 208 -23.14 5.18 -25.99
N LYS K 209 -23.69 4.79 -24.84
CA LYS K 209 -24.66 3.70 -24.76
C LYS K 209 -25.94 4.25 -24.15
N GLY K 210 -26.96 4.45 -24.97
CA GLY K 210 -28.25 4.90 -24.49
C GLY K 210 -28.52 6.36 -24.80
N SER K 211 -29.17 7.06 -23.87
CA SER K 211 -29.47 8.47 -24.07
C SER K 211 -29.27 9.30 -22.81
N CYS K 212 -28.50 8.81 -21.85
CA CYS K 212 -28.25 9.57 -20.62
C CYS K 212 -27.29 10.72 -20.88
N PHE K 213 -27.47 11.80 -20.12
CA PHE K 213 -26.59 12.95 -20.22
C PHE K 213 -26.60 13.69 -18.88
N LEU K 214 -25.84 14.78 -18.81
CA LEU K 214 -25.64 15.52 -17.58
C LEU K 214 -25.89 17.01 -17.79
N ILE K 215 -26.26 17.68 -16.71
CA ILE K 215 -26.47 19.13 -16.70
C ILE K 215 -25.41 19.73 -15.80
N ASN K 216 -24.59 20.63 -16.35
CA ASN K 216 -23.52 21.29 -15.60
C ASN K 216 -23.87 22.77 -15.53
N THR K 217 -24.40 23.21 -14.39
CA THR K 217 -24.86 24.58 -14.22
C THR K 217 -23.68 25.46 -13.83
N ALA K 218 -23.98 26.69 -13.41
CA ALA K 218 -22.97 27.61 -12.91
C ALA K 218 -23.04 27.79 -11.40
N ASP K 219 -23.91 27.04 -10.71
CA ASP K 219 -23.94 27.03 -9.26
C ASP K 219 -23.63 25.64 -8.71
N ARG K 220 -22.79 24.90 -9.43
CA ARG K 220 -21.99 23.80 -8.90
C ARG K 220 -22.84 22.60 -8.49
N ILE K 221 -23.84 22.28 -9.30
CA ILE K 221 -24.71 21.13 -9.09
C ILE K 221 -24.85 20.37 -10.40
N ILE K 222 -24.58 19.07 -10.37
CA ILE K 222 -24.69 18.19 -11.53
C ILE K 222 -26.00 17.43 -11.43
N ARG K 223 -26.79 17.46 -12.51
CA ARG K 223 -28.05 16.75 -12.58
C ARG K 223 -28.01 15.73 -13.73
N VAL K 224 -28.70 14.62 -13.53
CA VAL K 224 -28.68 13.49 -14.46
C VAL K 224 -30.04 13.39 -15.13
N TYR K 225 -30.04 13.27 -16.45
CA TYR K 225 -31.28 13.16 -17.22
C TYR K 225 -31.13 12.12 -18.32
N ASP K 226 -32.23 11.87 -19.01
CA ASP K 226 -32.33 10.92 -20.10
C ASP K 226 -32.81 11.63 -21.35
N GLY K 227 -32.51 11.05 -22.51
CA GLY K 227 -32.91 11.64 -23.77
C GLY K 227 -34.21 11.09 -24.32
N ARG K 228 -35.05 10.55 -23.44
CA ARG K 228 -36.36 10.04 -23.86
C ARG K 228 -37.46 10.63 -22.99
N GLU K 229 -37.14 10.90 -21.72
CA GLU K 229 -38.14 11.46 -20.81
C GLU K 229 -38.55 12.87 -21.20
N ILE K 230 -37.60 13.64 -21.74
CA ILE K 230 -37.92 15.01 -22.16
C ILE K 230 -38.77 14.97 -23.43
N LEU K 231 -38.52 14.01 -24.32
CA LEU K 231 -39.38 13.85 -25.49
C LEU K 231 -40.76 13.33 -25.11
N THR K 232 -40.85 12.57 -24.02
CA THR K 232 -42.15 12.14 -23.53
C THR K 232 -42.90 13.31 -22.91
N CYS K 233 -42.20 14.19 -22.19
CA CYS K 233 -42.82 15.36 -21.59
C CYS K 233 -43.18 16.43 -22.62
N GLY K 234 -42.67 16.34 -23.85
CA GLY K 234 -43.05 17.24 -24.91
C GLY K 234 -42.52 18.64 -24.73
N ARG K 235 -43.19 19.58 -25.39
CA ARG K 235 -42.81 20.99 -25.31
C ARG K 235 -43.41 21.61 -24.06
N ASP K 236 -42.56 22.33 -23.31
CA ASP K 236 -42.90 23.01 -22.05
C ASP K 236 -43.44 22.02 -21.01
N GLY K 237 -42.57 21.10 -20.61
CA GLY K 237 -42.84 20.19 -19.54
C GLY K 237 -41.89 20.43 -18.37
N GLU K 238 -42.19 19.76 -17.26
CA GLU K 238 -41.39 19.87 -16.04
C GLU K 238 -40.90 18.49 -15.61
N PRO K 239 -39.69 18.09 -15.99
CA PRO K 239 -39.14 16.82 -15.54
C PRO K 239 -38.39 16.96 -14.21
N GLU K 240 -38.05 15.81 -13.64
CA GLU K 240 -37.26 15.77 -12.42
C GLU K 240 -35.88 15.19 -12.70
N PRO K 241 -34.87 15.58 -11.92
CA PRO K 241 -33.54 14.99 -12.10
C PRO K 241 -33.52 13.52 -11.72
N MET K 242 -32.98 12.69 -12.61
CA MET K 242 -32.82 11.27 -12.30
C MET K 242 -31.82 11.06 -11.17
N GLN K 243 -30.78 11.90 -11.12
CA GLN K 243 -29.84 11.84 -10.02
C GLN K 243 -29.20 13.21 -9.83
N LYS K 244 -29.16 13.68 -8.58
CA LYS K 244 -28.52 14.94 -8.23
C LYS K 244 -27.11 14.65 -7.72
N LEU K 245 -26.13 15.39 -8.22
CA LEU K 245 -24.75 15.24 -7.79
C LEU K 245 -24.20 16.60 -7.43
N GLN K 246 -23.66 16.71 -6.21
CA GLN K 246 -23.12 17.98 -5.71
C GLN K 246 -22.11 17.66 -4.61
N ASP K 247 -21.46 18.72 -4.12
CA ASP K 247 -20.50 18.61 -3.02
C ASP K 247 -20.76 19.73 -2.03
N LEU K 248 -20.43 19.47 -0.77
CA LEU K 248 -20.71 20.42 0.30
C LEU K 248 -19.49 20.87 1.08
N VAL K 249 -18.47 20.03 1.20
CA VAL K 249 -17.38 20.29 2.15
C VAL K 249 -16.48 21.41 1.65
N ASN K 250 -15.83 21.19 0.51
CA ASN K 250 -14.93 22.19 -0.05
C ASN K 250 -15.61 23.13 -1.03
N ARG K 251 -16.88 22.85 -1.35
CA ARG K 251 -17.82 23.64 -2.17
C ARG K 251 -17.48 23.64 -3.67
N THR K 252 -16.31 23.11 -4.03
CA THR K 252 -15.97 22.38 -5.26
C THR K 252 -16.48 23.00 -6.57
N PRO K 253 -15.82 24.02 -7.11
CA PRO K 253 -16.14 24.44 -8.48
C PRO K 253 -15.69 23.40 -9.49
N TRP K 254 -16.34 23.39 -10.65
CA TRP K 254 -16.09 22.39 -11.68
C TRP K 254 -15.54 23.05 -12.94
N LYS K 255 -14.85 22.26 -13.75
CA LYS K 255 -14.33 22.74 -15.03
C LYS K 255 -14.65 21.83 -16.21
N LYS K 256 -14.65 20.50 -16.01
CA LYS K 256 -14.74 19.54 -17.10
C LYS K 256 -15.61 18.37 -16.69
N CYS K 257 -16.47 17.91 -17.61
CA CYS K 257 -17.37 16.80 -17.37
C CYS K 257 -17.32 15.81 -18.53
N CYS K 258 -17.37 14.51 -18.20
CA CYS K 258 -17.47 13.44 -19.21
C CYS K 258 -17.99 12.18 -18.53
N PHE K 259 -18.05 11.09 -19.31
CA PHE K 259 -18.69 9.86 -18.89
C PHE K 259 -17.70 8.71 -18.82
N SER K 260 -18.19 7.57 -18.33
CA SER K 260 -17.39 6.35 -18.24
C SER K 260 -17.56 5.54 -19.53
N GLY K 261 -17.10 4.29 -19.50
CA GLY K 261 -17.01 3.44 -20.67
C GLY K 261 -18.31 3.10 -21.37
N ASP K 262 -19.20 2.38 -20.71
CA ASP K 262 -20.49 2.06 -21.32
C ASP K 262 -21.65 2.61 -20.48
N GLY K 263 -21.52 3.84 -20.03
CA GLY K 263 -22.57 4.47 -19.23
C GLY K 263 -22.69 3.92 -17.83
N GLU K 264 -21.59 3.42 -17.26
CA GLU K 264 -21.61 2.83 -15.94
C GLU K 264 -21.44 3.88 -14.85
N TYR K 265 -20.38 4.66 -14.90
CA TYR K 265 -20.02 5.62 -13.86
C TYR K 265 -19.98 7.03 -14.47
N ILE K 266 -19.71 8.03 -13.63
CA ILE K 266 -19.56 9.41 -14.07
C ILE K 266 -18.34 10.00 -13.39
N VAL K 267 -17.44 10.57 -14.19
CA VAL K 267 -16.25 11.22 -13.67
C VAL K 267 -16.33 12.71 -14.01
N ALA K 268 -15.77 13.54 -13.14
CA ALA K 268 -15.83 14.98 -13.30
C ALA K 268 -14.63 15.60 -12.62
N GLY K 269 -13.72 16.19 -13.40
CA GLY K 269 -12.59 16.86 -12.82
C GLY K 269 -12.96 18.19 -12.21
N SER K 270 -12.18 18.60 -11.21
CA SER K 270 -12.45 19.82 -10.47
C SER K 270 -11.63 20.97 -11.03
N ALA K 271 -11.76 22.14 -10.40
CA ALA K 271 -11.09 23.34 -10.86
C ALA K 271 -10.23 24.00 -9.79
N ARG K 272 -10.18 23.45 -8.57
CA ARG K 272 -9.43 24.08 -7.49
C ARG K 272 -8.32 23.20 -6.95
N GLN K 273 -8.62 21.95 -6.61
CA GLN K 273 -7.71 21.13 -5.81
C GLN K 273 -6.97 20.06 -6.60
N HIS K 274 -7.04 20.10 -7.94
CA HIS K 274 -6.43 19.12 -8.84
C HIS K 274 -6.91 17.70 -8.49
N ALA K 275 -8.21 17.49 -8.69
CA ALA K 275 -8.88 16.31 -8.18
C ALA K 275 -9.75 15.67 -9.25
N LEU K 276 -10.05 14.40 -9.03
CA LEU K 276 -10.93 13.62 -9.90
C LEU K 276 -11.89 12.84 -9.01
N TYR K 277 -13.17 12.93 -9.29
CA TYR K 277 -14.20 12.26 -8.49
C TYR K 277 -14.96 11.27 -9.35
N ILE K 278 -15.31 10.13 -8.77
CA ILE K 278 -15.98 9.05 -9.50
C ILE K 278 -17.25 8.69 -8.73
N TRP K 279 -18.41 9.05 -9.30
CA TRP K 279 -19.69 8.68 -8.74
C TRP K 279 -20.19 7.38 -9.36
N GLU K 280 -21.46 7.07 -9.13
CA GLU K 280 -22.17 5.98 -9.80
C GLU K 280 -23.49 6.52 -10.33
N LYS K 281 -23.74 6.32 -11.62
CA LYS K 281 -25.04 6.69 -12.16
C LYS K 281 -26.11 5.70 -11.69
N SER K 282 -25.72 4.47 -11.40
CA SER K 282 -26.66 3.44 -10.98
C SER K 282 -27.22 3.72 -9.60
N ILE K 283 -26.35 3.78 -8.59
CA ILE K 283 -26.83 3.96 -7.22
C ILE K 283 -26.92 5.46 -6.90
N GLY K 284 -25.82 6.17 -7.01
CA GLY K 284 -25.85 7.60 -6.76
C GLY K 284 -25.01 8.11 -5.61
N ASN K 285 -23.87 7.47 -5.36
CA ASN K 285 -22.97 7.90 -4.31
C ASN K 285 -21.55 7.98 -4.83
N LEU K 286 -20.76 8.87 -4.21
CA LEU K 286 -19.34 8.95 -4.51
C LEU K 286 -18.64 7.70 -3.98
N VAL K 287 -17.69 7.18 -4.74
CA VAL K 287 -17.04 5.92 -4.39
C VAL K 287 -15.52 6.01 -4.38
N LYS K 288 -14.90 7.01 -5.02
CA LYS K 288 -13.44 7.13 -4.97
C LYS K 288 -13.04 8.57 -5.23
N ILE K 289 -12.05 9.05 -4.47
CA ILE K 289 -11.43 10.35 -4.69
C ILE K 289 -9.99 10.13 -5.14
N LEU K 290 -9.58 10.81 -6.20
CA LEU K 290 -8.20 10.81 -6.66
C LEU K 290 -7.52 12.11 -6.29
N HIS K 291 -6.19 12.10 -6.37
CA HIS K 291 -5.38 13.28 -6.09
C HIS K 291 -4.21 13.32 -7.07
N GLY K 292 -3.26 14.20 -6.78
CA GLY K 292 -2.08 14.37 -7.60
C GLY K 292 -1.16 15.44 -7.05
N THR K 293 -0.68 16.33 -7.90
CA THR K 293 0.12 17.45 -7.44
C THR K 293 -0.78 18.47 -6.75
N ARG K 294 -0.31 18.99 -5.62
CA ARG K 294 -1.17 19.78 -4.74
C ARG K 294 -1.44 21.18 -5.29
N GLY K 295 -0.48 21.78 -5.97
CA GLY K 295 -0.65 23.17 -6.36
C GLY K 295 -0.70 23.46 -7.85
N GLU K 296 -1.15 22.50 -8.65
CA GLU K 296 -1.29 22.73 -10.08
C GLU K 296 -2.71 23.20 -10.40
N LEU K 297 -3.03 23.22 -11.70
CA LEU K 297 -4.26 23.82 -12.18
C LEU K 297 -4.82 22.92 -13.27
N LEU K 298 -5.93 22.23 -12.98
CA LEU K 298 -6.46 21.22 -13.89
C LEU K 298 -7.14 21.88 -15.09
N LEU K 299 -6.85 21.36 -16.28
CA LEU K 299 -7.24 22.00 -17.52
C LEU K 299 -8.18 21.16 -18.38
N ASP K 300 -7.87 19.89 -18.62
CA ASP K 300 -8.66 19.07 -19.52
C ASP K 300 -8.59 17.61 -19.10
N VAL K 301 -9.76 16.95 -19.07
CA VAL K 301 -9.88 15.56 -18.62
C VAL K 301 -10.57 14.76 -19.72
N ALA K 302 -9.95 13.65 -20.13
CA ALA K 302 -10.52 12.78 -21.15
C ALA K 302 -10.56 11.34 -20.66
N TRP K 303 -11.73 10.72 -20.78
CA TRP K 303 -11.93 9.32 -20.46
C TRP K 303 -11.66 8.47 -21.70
N HIS K 304 -11.09 7.27 -21.48
CA HIS K 304 -10.71 6.33 -22.54
C HIS K 304 -11.83 5.34 -22.80
N PRO K 305 -12.27 5.17 -24.05
CA PRO K 305 -13.59 4.57 -24.29
C PRO K 305 -13.65 3.06 -24.16
N VAL K 306 -12.54 2.33 -24.30
CA VAL K 306 -12.58 0.88 -24.25
C VAL K 306 -11.69 0.30 -23.16
N ARG K 307 -11.15 1.15 -22.27
CA ARG K 307 -10.30 0.70 -21.17
C ARG K 307 -10.29 1.83 -20.15
N PRO K 308 -10.21 1.51 -18.85
CA PRO K 308 -10.19 2.60 -17.85
C PRO K 308 -8.89 3.38 -17.79
N ILE K 309 -8.78 4.41 -18.62
CA ILE K 309 -7.66 5.34 -18.59
C ILE K 309 -8.20 6.76 -18.59
N ILE K 310 -7.63 7.61 -17.74
CA ILE K 310 -8.01 9.01 -17.64
C ILE K 310 -6.78 9.87 -17.89
N ALA K 311 -6.86 10.80 -18.84
CA ALA K 311 -5.77 11.70 -19.16
C ALA K 311 -6.10 13.10 -18.66
N SER K 312 -5.21 13.67 -17.86
CA SER K 312 -5.43 14.95 -17.20
C SER K 312 -4.27 15.89 -17.48
N ILE K 313 -4.58 17.05 -18.05
CA ILE K 313 -3.57 18.06 -18.35
C ILE K 313 -3.54 19.07 -17.23
N SER K 314 -2.38 19.22 -16.59
CA SER K 314 -2.17 20.26 -15.58
C SER K 314 -0.76 20.82 -15.79
N SER K 315 -0.68 21.91 -16.55
CA SER K 315 0.57 22.58 -16.93
C SER K 315 1.53 21.60 -17.66
N GLY K 316 1.06 21.10 -18.79
CA GLY K 316 1.86 20.26 -19.66
C GLY K 316 1.85 18.78 -19.32
N VAL K 317 1.74 18.45 -18.04
CA VAL K 317 1.86 17.07 -17.58
C VAL K 317 0.56 16.33 -17.91
N VAL K 318 0.68 15.18 -18.56
CA VAL K 318 -0.45 14.32 -18.87
C VAL K 318 -0.26 13.02 -18.08
N SER K 319 -1.07 12.85 -17.04
CA SER K 319 -0.96 11.67 -16.18
C SER K 319 -2.00 10.63 -16.57
N ILE K 320 -1.62 9.35 -16.50
CA ILE K 320 -2.42 8.26 -17.03
C ILE K 320 -2.62 7.26 -15.89
N TRP K 321 -3.76 7.35 -15.21
CA TRP K 321 -4.09 6.41 -14.15
C TRP K 321 -4.51 5.08 -14.76
N ALA K 322 -3.67 4.05 -14.60
CA ALA K 322 -3.78 2.84 -15.40
C ALA K 322 -3.64 1.57 -14.55
N GLN K 323 -4.40 1.50 -13.45
CA GLN K 323 -4.83 0.27 -12.77
C GLN K 323 -3.77 -0.54 -12.02
N ASN K 324 -2.47 -0.27 -12.26
CA ASN K 324 -1.33 -0.90 -11.59
C ASN K 324 -1.41 -2.44 -11.63
N GLN K 325 -1.21 -2.99 -12.82
CA GLN K 325 -1.23 -4.44 -13.02
C GLN K 325 -0.18 -5.15 -12.16
N VAL K 326 -0.49 -6.37 -11.77
CA VAL K 326 0.34 -7.16 -10.85
C VAL K 326 0.79 -8.43 -11.55
N GLU K 327 2.09 -8.64 -11.58
CA GLU K 327 2.68 -9.83 -12.18
C GLU K 327 2.58 -11.01 -11.22
N ASN K 328 2.71 -12.22 -11.77
CA ASN K 328 2.60 -13.44 -10.98
C ASN K 328 3.26 -14.58 -11.76
N TRP K 329 3.02 -15.81 -11.31
CA TRP K 329 3.45 -17.05 -11.94
C TRP K 329 2.35 -17.54 -12.88
N SER K 330 2.43 -18.83 -13.24
CA SER K 330 1.41 -19.64 -13.93
C SER K 330 1.30 -19.29 -15.41
N ALA K 331 2.01 -18.27 -15.87
CA ALA K 331 2.24 -18.09 -17.29
C ALA K 331 3.55 -18.74 -17.73
N PHE K 332 4.50 -18.84 -16.81
CA PHE K 332 5.75 -19.55 -17.09
C PHE K 332 5.50 -21.05 -17.19
N ALA K 333 4.99 -21.65 -16.12
CA ALA K 333 4.66 -23.07 -16.06
C ALA K 333 3.17 -23.18 -15.80
N PRO K 334 2.35 -23.35 -16.85
CA PRO K 334 0.89 -23.33 -16.67
C PRO K 334 0.32 -24.59 -16.03
N ASP K 335 1.16 -25.52 -15.61
CA ASP K 335 0.71 -26.71 -14.90
C ASP K 335 0.91 -26.62 -13.39
N PHE K 336 1.77 -25.72 -12.93
CA PHE K 336 1.98 -25.49 -11.51
C PHE K 336 1.08 -24.38 -11.03
N LYS K 337 0.27 -24.65 -10.01
CA LYS K 337 -0.61 -23.66 -9.42
C LYS K 337 0.01 -23.16 -8.13
N GLU K 338 0.36 -21.87 -8.09
CA GLU K 338 0.91 -21.26 -6.88
C GLU K 338 -0.22 -21.12 -5.87
N LEU K 339 -0.25 -22.01 -4.88
CA LEU K 339 -1.27 -21.95 -3.87
C LEU K 339 -0.97 -20.87 -2.83
N ASP K 340 -1.89 -20.73 -1.88
CA ASP K 340 -1.74 -19.84 -0.75
C ASP K 340 -1.50 -20.56 0.57
N GLU K 341 -2.24 -21.64 0.81
CA GLU K 341 -2.13 -22.43 2.03
C GLU K 341 -2.17 -23.92 1.65
N ASN K 342 -2.33 -24.78 2.64
CA ASN K 342 -2.31 -26.22 2.42
C ASN K 342 -3.54 -26.68 1.66
N VAL K 343 -3.33 -27.22 0.47
CA VAL K 343 -4.39 -27.71 -0.39
C VAL K 343 -4.17 -29.21 -0.54
N GLU K 344 -4.84 -30.00 0.29
CA GLU K 344 -4.75 -31.45 0.23
C GLU K 344 -6.01 -32.04 -0.39
N TYR K 345 -5.83 -33.13 -1.13
CA TYR K 345 -6.88 -33.78 -1.90
C TYR K 345 -6.31 -35.07 -2.46
N GLU K 346 -7.18 -35.85 -3.12
CA GLU K 346 -6.77 -36.88 -4.05
C GLU K 346 -7.32 -36.53 -5.42
N GLU K 347 -6.52 -36.79 -6.45
CA GLU K 347 -6.87 -36.32 -7.79
C GLU K 347 -7.85 -37.25 -8.48
N ARG K 348 -7.45 -38.51 -8.69
CA ARG K 348 -8.26 -39.46 -9.45
C ARG K 348 -8.87 -40.50 -8.51
N GLU K 349 -10.19 -40.63 -8.57
CA GLU K 349 -10.90 -41.71 -7.88
C GLU K 349 -10.57 -43.06 -8.49
N SER K 350 -10.24 -43.09 -9.76
CA SER K 350 -9.92 -44.29 -10.52
C SER K 350 -8.44 -44.22 -10.88
N GLU K 351 -7.62 -44.86 -10.05
CA GLU K 351 -6.16 -44.78 -10.17
C GLU K 351 -5.63 -45.57 -11.35
N PHE K 352 -5.59 -44.91 -12.51
CA PHE K 352 -5.05 -45.43 -13.77
C PHE K 352 -5.69 -46.74 -14.23
N GLU K 371 -14.68 -32.08 -37.62
CA GLU K 371 -13.31 -32.59 -37.57
C GLU K 371 -12.47 -31.98 -38.68
N ASP K 372 -12.92 -32.18 -39.93
CA ASP K 372 -12.30 -31.57 -41.10
C ASP K 372 -13.01 -30.28 -41.53
N GLU K 373 -13.60 -29.56 -40.57
CA GLU K 373 -14.32 -28.34 -40.87
C GLU K 373 -13.33 -27.25 -41.25
N GLU K 374 -13.48 -26.71 -42.47
CA GLU K 374 -12.51 -25.76 -43.00
C GLU K 374 -12.73 -24.41 -42.33
N VAL K 375 -11.92 -24.13 -41.32
CA VAL K 375 -11.92 -22.84 -40.64
C VAL K 375 -10.88 -21.97 -41.32
N ASP K 376 -11.24 -20.72 -41.63
CA ASP K 376 -10.35 -19.85 -42.37
C ASP K 376 -9.19 -19.40 -41.49
N VAL K 377 -7.97 -19.68 -41.94
CA VAL K 377 -6.79 -19.11 -41.29
C VAL K 377 -6.68 -17.63 -41.61
N THR K 378 -7.24 -17.20 -42.74
CA THR K 378 -7.27 -15.80 -43.13
C THR K 378 -8.60 -15.13 -42.78
N SER K 379 -9.20 -15.54 -41.66
CA SER K 379 -10.51 -15.03 -41.25
C SER K 379 -10.34 -13.63 -40.68
N VAL K 380 -10.19 -12.67 -41.59
CA VAL K 380 -9.91 -11.29 -41.22
C VAL K 380 -11.15 -10.62 -40.64
N ALA L 11 27.23 -18.49 -38.71
CA ALA L 11 26.09 -17.90 -39.40
C ALA L 11 25.50 -18.89 -40.39
N ARG L 12 24.42 -19.55 -39.96
CA ARG L 12 23.65 -20.52 -40.76
C ARG L 12 24.53 -21.69 -41.21
N ALA L 13 25.52 -22.02 -40.40
CA ALA L 13 26.37 -23.18 -40.61
C ALA L 13 26.52 -24.00 -39.35
N GLU L 14 25.80 -23.65 -38.29
CA GLU L 14 25.90 -24.33 -36.99
C GLU L 14 24.57 -25.04 -36.71
N VAL L 15 24.53 -26.34 -37.01
CA VAL L 15 23.52 -27.22 -36.42
C VAL L 15 24.16 -27.71 -35.13
N HIS L 16 24.05 -26.89 -34.10
CA HIS L 16 24.83 -27.06 -32.88
C HIS L 16 23.93 -27.58 -31.77
N LEU L 17 24.54 -28.32 -30.84
CA LEU L 17 23.82 -28.98 -29.77
C LEU L 17 23.44 -28.03 -28.64
N ARG L 18 23.06 -28.61 -27.48
CA ARG L 18 22.47 -27.90 -26.34
C ARG L 18 21.19 -27.19 -26.79
N LYS L 19 20.32 -27.95 -27.45
CA LYS L 19 19.00 -27.47 -27.85
C LYS L 19 17.90 -28.15 -27.06
N SER L 20 18.26 -28.89 -26.02
CA SER L 20 17.31 -29.54 -25.12
C SER L 20 17.53 -28.99 -23.72
N ALA L 21 16.42 -28.79 -23.00
CA ALA L 21 16.46 -28.22 -21.66
C ALA L 21 16.11 -29.22 -20.57
N PHE L 22 15.12 -30.10 -20.80
CA PHE L 22 14.55 -31.04 -19.83
C PHE L 22 14.05 -30.33 -18.57
N ASP L 23 13.63 -29.08 -18.70
CA ASP L 23 13.31 -28.24 -17.55
C ASP L 23 11.98 -27.55 -17.81
N MET L 24 11.03 -27.74 -16.89
CA MET L 24 9.82 -26.94 -16.92
C MET L 24 10.02 -25.59 -16.28
N PHE L 25 11.07 -25.43 -15.47
CA PHE L 25 11.37 -24.16 -14.80
C PHE L 25 12.49 -23.47 -15.56
N ASN L 26 12.12 -22.56 -16.46
CA ASN L 26 13.06 -21.70 -17.16
C ASN L 26 13.09 -20.32 -16.52
N PHE L 27 12.95 -20.28 -15.18
CA PHE L 27 12.89 -19.04 -14.42
C PHE L 27 14.20 -18.27 -14.46
N LEU L 28 15.32 -18.97 -14.69
CA LEU L 28 16.64 -18.37 -14.54
C LEU L 28 16.89 -17.34 -15.62
N ALA L 29 17.16 -16.11 -15.20
CA ALA L 29 17.36 -14.97 -16.08
C ALA L 29 18.83 -14.59 -16.08
N SER L 30 19.13 -13.45 -16.72
CA SER L 30 20.51 -13.02 -16.85
C SER L 30 21.08 -12.47 -15.55
N LYS L 31 20.22 -11.92 -14.68
CA LYS L 31 20.70 -11.14 -13.55
C LYS L 31 21.30 -11.99 -12.43
N HIS L 32 20.46 -12.79 -11.77
CA HIS L 32 20.83 -13.62 -10.62
C HIS L 32 21.53 -12.81 -9.52
N ARG L 33 20.88 -11.73 -9.08
CA ARG L 33 21.47 -10.81 -8.11
C ARG L 33 21.51 -11.47 -6.73
N GLN L 34 22.71 -11.62 -6.18
CA GLN L 34 22.89 -12.22 -4.87
C GLN L 34 23.32 -11.17 -3.84
N ALA L 53 13.35 -6.65 17.79
CA ALA L 53 11.99 -6.98 18.24
C ALA L 53 11.04 -5.84 17.92
N ARG L 54 11.33 -5.10 16.86
CA ARG L 54 10.42 -4.05 16.42
C ARG L 54 9.17 -4.64 15.77
N ARG L 55 9.31 -5.79 15.13
CA ARG L 55 8.22 -6.46 14.45
C ARG L 55 7.53 -7.44 15.39
N ALA L 56 6.70 -8.30 14.82
CA ALA L 56 5.96 -9.31 15.58
C ALA L 56 6.60 -10.68 15.53
N THR L 57 7.27 -11.03 14.44
CA THR L 57 7.75 -12.41 14.26
C THR L 57 9.02 -12.71 15.04
N SER L 58 9.64 -11.72 15.69
CA SER L 58 10.83 -11.94 16.49
C SER L 58 10.59 -11.70 17.97
N MET L 59 9.33 -11.71 18.39
CA MET L 59 8.95 -11.43 19.76
C MET L 59 9.04 -12.71 20.59
N ASP L 60 8.49 -12.66 21.81
CA ASP L 60 8.24 -13.86 22.59
C ASP L 60 6.74 -14.15 22.69
N LEU L 61 5.97 -13.65 21.73
CA LEU L 61 4.52 -13.79 21.72
C LEU L 61 4.13 -15.23 21.42
N PRO L 62 2.86 -15.61 21.65
CA PRO L 62 2.41 -16.94 21.23
C PRO L 62 2.41 -17.11 19.71
N MET L 63 2.41 -18.38 19.32
CA MET L 63 2.78 -18.76 17.95
C MET L 63 1.83 -18.28 16.84
N PRO L 64 0.49 -18.34 16.95
CA PRO L 64 -0.33 -17.88 15.81
C PRO L 64 -0.26 -16.38 15.55
N MET L 65 0.11 -15.57 16.55
CA MET L 65 0.33 -14.16 16.33
C MET L 65 1.49 -13.92 15.38
N ARG L 66 2.55 -14.71 15.51
CA ARG L 66 3.62 -14.67 14.53
C ARG L 66 3.20 -15.32 13.22
N PHE L 67 2.29 -16.31 13.29
CA PHE L 67 1.90 -17.06 12.11
C PHE L 67 1.04 -16.22 11.15
N ARG L 68 0.32 -15.24 11.68
CA ARG L 68 -0.39 -14.31 10.81
C ARG L 68 0.58 -13.48 9.98
N HIS L 69 1.53 -12.83 10.64
CA HIS L 69 2.44 -11.90 10.01
C HIS L 69 3.51 -12.60 9.18
N LEU L 70 3.64 -13.93 9.35
CA LEU L 70 4.43 -14.79 8.48
C LEU L 70 4.21 -14.54 6.99
N LYS L 71 2.96 -14.52 6.55
CA LYS L 71 2.68 -14.37 5.13
C LYS L 71 2.87 -12.94 4.65
N LYS L 72 2.63 -11.95 5.51
CA LYS L 72 2.92 -10.57 5.12
C LYS L 72 4.42 -10.29 5.04
N THR L 73 5.24 -11.07 5.73
CA THR L 73 6.68 -10.92 5.55
C THR L 73 7.24 -11.73 4.38
N SER L 74 6.82 -12.99 4.26
CA SER L 74 7.50 -13.92 3.36
C SER L 74 7.25 -13.65 1.88
N LYS L 75 6.26 -12.83 1.53
CA LYS L 75 6.02 -12.53 0.13
C LYS L 75 7.04 -11.57 -0.45
N GLU L 76 7.77 -10.84 0.40
CA GLU L 76 8.70 -9.83 -0.07
C GLU L 76 10.02 -9.83 0.68
N ALA L 77 10.21 -10.70 1.66
CA ALA L 77 11.46 -10.69 2.42
C ALA L 77 12.61 -11.32 1.64
N VAL L 78 12.35 -12.40 0.91
CA VAL L 78 13.43 -13.18 0.30
C VAL L 78 13.33 -13.14 -1.22
N GLY L 79 14.28 -13.81 -1.88
CA GLY L 79 14.27 -13.93 -3.32
C GLY L 79 14.94 -15.21 -3.76
N VAL L 80 14.78 -15.53 -5.03
CA VAL L 80 15.29 -16.76 -5.61
C VAL L 80 16.12 -16.41 -6.83
N TYR L 81 17.41 -16.75 -6.80
CA TYR L 81 18.31 -16.45 -7.91
C TYR L 81 19.30 -17.61 -8.08
N ARG L 82 20.12 -17.52 -9.12
CA ARG L 82 21.01 -18.62 -9.48
C ARG L 82 22.16 -18.75 -8.48
N SER L 83 22.45 -20.00 -8.09
CA SER L 83 23.50 -20.34 -7.12
C SER L 83 24.54 -21.25 -7.75
N PRO L 84 25.79 -21.20 -7.29
CA PRO L 84 26.82 -22.11 -7.81
C PRO L 84 26.67 -23.57 -7.36
N ILE L 85 25.87 -23.85 -6.33
CA ILE L 85 25.75 -25.22 -5.85
C ILE L 85 24.93 -26.06 -6.81
N HIS L 86 23.66 -25.71 -6.99
CA HIS L 86 22.80 -26.44 -7.91
C HIS L 86 21.76 -25.46 -8.43
N GLY L 87 22.03 -24.85 -9.58
CA GLY L 87 21.08 -24.01 -10.26
C GLY L 87 20.65 -22.78 -9.48
N ARG L 88 19.44 -22.81 -8.97
CA ARG L 88 18.79 -21.63 -8.38
C ARG L 88 18.87 -21.73 -6.86
N GLY L 89 19.31 -20.65 -6.23
CA GLY L 89 19.42 -20.62 -4.78
C GLY L 89 18.50 -19.57 -4.18
N LEU L 90 18.68 -19.29 -2.88
CA LEU L 90 17.75 -18.49 -2.11
C LEU L 90 18.53 -17.36 -1.44
N PHE L 91 18.66 -16.23 -2.13
CA PHE L 91 19.34 -15.06 -1.58
C PHE L 91 18.29 -14.09 -1.08
N CYS L 92 18.22 -13.91 0.24
CA CYS L 92 17.21 -13.08 0.86
C CYS L 92 17.49 -11.60 0.65
N LYS L 93 16.42 -10.81 0.57
CA LYS L 93 16.54 -9.37 0.35
C LYS L 93 16.21 -8.57 1.61
N ARG L 94 16.50 -9.13 2.78
CA ARG L 94 16.30 -8.40 4.04
C ARG L 94 17.20 -9.01 5.11
N ASN L 95 17.73 -8.15 5.98
CA ASN L 95 18.65 -8.57 7.03
C ASN L 95 17.90 -9.28 8.15
N ILE L 96 17.79 -10.60 8.05
CA ILE L 96 17.01 -11.39 8.99
C ILE L 96 17.77 -11.52 10.31
N ASP L 97 17.08 -11.26 11.42
CA ASP L 97 17.66 -11.47 12.73
C ASP L 97 17.47 -12.91 13.19
N ALA L 98 18.23 -13.30 14.22
CA ALA L 98 18.23 -14.67 14.68
C ALA L 98 16.99 -14.97 15.52
N GLY L 99 16.39 -16.13 15.28
CA GLY L 99 15.31 -16.66 16.08
C GLY L 99 13.94 -16.59 15.45
N GLU L 100 13.77 -15.80 14.39
CA GLU L 100 12.45 -15.52 13.85
C GLU L 100 12.13 -16.44 12.67
N MET L 101 10.84 -16.49 12.34
CA MET L 101 10.38 -17.24 11.18
C MET L 101 10.80 -16.54 9.90
N VAL L 102 10.80 -17.31 8.82
CA VAL L 102 11.09 -16.74 7.52
C VAL L 102 9.94 -17.02 6.57
N ILE L 103 9.66 -18.29 6.31
CA ILE L 103 8.75 -18.68 5.24
C ILE L 103 8.21 -20.07 5.56
N GLU L 104 7.08 -20.40 4.96
CA GLU L 104 6.43 -21.70 5.13
C GLU L 104 6.64 -22.54 3.88
N TYR L 105 6.87 -23.83 4.08
CA TYR L 105 7.03 -24.79 2.98
C TYR L 105 5.74 -25.60 2.90
N ALA L 106 4.84 -25.19 2.02
CA ALA L 106 3.51 -25.78 1.93
C ALA L 106 3.20 -26.23 0.52
N GLY L 107 2.27 -27.16 0.41
CA GLY L 107 1.84 -27.70 -0.87
C GLY L 107 0.75 -28.75 -0.71
N ASN L 108 0.74 -29.72 -1.61
CA ASN L 108 -0.24 -30.80 -1.53
C ASN L 108 0.16 -31.76 -0.43
N VAL L 109 -0.65 -31.86 0.62
CA VAL L 109 -0.39 -32.82 1.69
C VAL L 109 -0.82 -34.18 1.14
N ILE L 110 0.15 -34.92 0.62
CA ILE L 110 -0.12 -36.23 0.04
C ILE L 110 -0.08 -37.29 1.13
N ARG L 111 -0.68 -38.45 0.81
CA ARG L 111 -0.75 -39.56 1.74
C ARG L 111 0.07 -40.72 1.19
N SER L 112 0.61 -41.53 2.09
CA SER L 112 1.94 -42.17 1.99
C SER L 112 2.09 -43.22 0.87
N ILE L 113 1.22 -43.55 -0.10
CA ILE L 113 1.60 -44.54 -1.09
C ILE L 113 1.45 -43.93 -2.47
N GLN L 114 0.83 -42.74 -2.52
CA GLN L 114 0.89 -41.93 -3.73
C GLN L 114 2.30 -41.41 -3.98
N THR L 115 3.13 -41.36 -2.92
CA THR L 115 4.54 -41.03 -3.03
C THR L 115 5.26 -41.95 -4.01
N ASP L 116 4.99 -43.25 -3.96
CA ASP L 116 5.69 -44.20 -4.81
C ASP L 116 5.22 -44.12 -6.25
N LYS L 117 3.91 -43.90 -6.45
CA LYS L 117 3.39 -43.70 -7.80
C LYS L 117 3.95 -42.42 -8.41
N ARG L 118 4.12 -41.37 -7.60
CA ARG L 118 4.74 -40.15 -8.13
C ARG L 118 6.24 -40.31 -8.32
N GLU L 119 6.89 -41.18 -7.54
CA GLU L 119 8.28 -41.53 -7.81
C GLU L 119 8.42 -42.19 -9.17
N LYS L 120 7.53 -43.13 -9.48
CA LYS L 120 7.56 -43.77 -10.80
C LYS L 120 7.19 -42.79 -11.90
N TYR L 121 6.27 -41.86 -11.61
CA TYR L 121 5.83 -40.91 -12.64
C TYR L 121 6.91 -39.88 -12.96
N TYR L 122 7.53 -39.30 -11.93
CA TYR L 122 8.61 -38.35 -12.15
C TYR L 122 9.94 -39.02 -12.47
N ASP L 123 10.04 -40.34 -12.28
CA ASP L 123 11.11 -41.09 -12.92
C ASP L 123 10.85 -41.21 -14.42
N SER L 124 9.58 -41.35 -14.79
CA SER L 124 9.23 -41.43 -16.20
C SER L 124 9.35 -40.07 -16.89
N LYS L 125 9.16 -38.97 -16.16
CA LYS L 125 9.27 -37.66 -16.78
C LYS L 125 10.65 -37.04 -16.67
N GLY L 126 11.41 -37.37 -15.64
CA GLY L 126 12.75 -36.85 -15.49
C GLY L 126 12.87 -35.58 -14.66
N ILE L 127 12.01 -35.42 -13.66
CA ILE L 127 12.04 -34.26 -12.77
C ILE L 127 12.21 -34.79 -11.35
N GLY L 128 13.09 -34.15 -10.57
CA GLY L 128 13.46 -34.65 -9.27
C GLY L 128 12.34 -34.61 -8.24
N CYS L 129 12.62 -35.21 -7.09
CA CYS L 129 11.63 -35.42 -6.05
C CYS L 129 11.63 -34.23 -5.09
N TYR L 130 10.46 -33.63 -4.91
CA TYR L 130 10.25 -32.51 -3.97
C TYR L 130 9.19 -32.94 -2.96
N MET L 131 9.62 -33.64 -1.91
CA MET L 131 8.70 -34.24 -0.95
C MET L 131 9.33 -34.12 0.45
N PHE L 132 8.85 -33.16 1.23
CA PHE L 132 9.12 -33.10 2.66
C PHE L 132 7.90 -33.64 3.40
N ARG L 133 8.13 -34.33 4.50
CA ARG L 133 7.03 -34.92 5.24
C ARG L 133 6.84 -34.19 6.55
N ILE L 134 5.57 -33.94 6.90
CA ILE L 134 5.23 -33.46 8.23
C ILE L 134 5.50 -34.53 9.26
N ASP L 135 4.91 -35.70 9.06
CA ASP L 135 5.15 -36.87 9.89
C ASP L 135 5.35 -38.06 8.97
N ASP L 136 5.52 -39.23 9.57
CA ASP L 136 5.73 -40.46 8.81
C ASP L 136 4.42 -41.14 8.44
N SER L 137 3.32 -40.39 8.40
CA SER L 137 2.05 -40.85 7.87
C SER L 137 1.60 -40.02 6.67
N GLU L 138 1.89 -38.71 6.67
CA GLU L 138 1.48 -37.81 5.58
C GLU L 138 2.67 -36.98 5.14
N VAL L 139 2.87 -36.90 3.83
CA VAL L 139 3.98 -36.19 3.23
C VAL L 139 3.37 -34.93 2.58
N VAL L 140 4.22 -33.98 2.22
CA VAL L 140 3.79 -32.76 1.53
C VAL L 140 4.49 -32.66 0.18
N ASP L 141 3.69 -32.60 -0.87
CA ASP L 141 4.18 -32.40 -2.23
C ASP L 141 4.56 -30.94 -2.44
N ALA L 142 5.45 -30.71 -3.41
CA ALA L 142 5.80 -29.37 -3.84
C ALA L 142 5.83 -29.20 -5.34
N THR L 143 5.97 -30.27 -6.13
CA THR L 143 6.14 -30.13 -7.57
C THR L 143 4.84 -29.72 -8.25
N MET L 144 3.72 -30.30 -7.82
CA MET L 144 2.43 -29.99 -8.44
C MET L 144 1.85 -28.69 -7.93
N HIS L 145 1.89 -28.47 -6.62
CA HIS L 145 1.31 -27.28 -6.00
C HIS L 145 2.21 -26.84 -4.87
N GLY L 146 2.38 -25.52 -4.75
CA GLY L 146 3.25 -25.01 -3.69
C GLY L 146 3.47 -23.51 -3.74
N ASN L 147 4.71 -23.11 -3.49
CA ASN L 147 5.09 -21.72 -3.33
C ASN L 147 6.54 -21.57 -3.78
N ALA L 148 7.19 -20.48 -3.40
CA ALA L 148 8.58 -20.24 -3.72
C ALA L 148 9.54 -20.86 -2.71
N ALA L 149 9.04 -21.71 -1.81
CA ALA L 149 9.90 -22.30 -0.79
C ALA L 149 10.63 -23.55 -1.28
N ARG L 150 10.49 -23.90 -2.55
CA ARG L 150 11.16 -25.08 -3.10
C ARG L 150 12.64 -24.87 -3.34
N PHE L 151 13.10 -23.62 -3.35
CA PHE L 151 14.49 -23.33 -3.72
C PHE L 151 15.39 -23.26 -2.51
N ILE L 152 15.36 -24.31 -1.69
CA ILE L 152 16.20 -24.42 -0.51
C ILE L 152 17.04 -25.68 -0.66
N ASN L 153 18.33 -25.51 -0.88
CA ASN L 153 19.21 -26.64 -1.08
C ASN L 153 19.57 -27.29 0.24
N HIS L 154 19.97 -28.55 0.17
CA HIS L 154 20.53 -29.20 1.33
C HIS L 154 22.00 -28.81 1.51
N SER L 155 22.40 -28.61 2.76
CA SER L 155 23.79 -28.41 3.07
C SER L 155 24.08 -29.00 4.44
N CYS L 156 25.33 -29.38 4.65
CA CYS L 156 25.77 -29.90 5.94
C CYS L 156 26.23 -28.80 6.89
N GLU L 157 26.28 -27.54 6.43
CA GLU L 157 26.55 -26.39 7.29
C GLU L 157 25.37 -25.42 7.19
N PRO L 158 24.25 -25.71 7.84
CA PRO L 158 23.06 -24.89 7.67
C PRO L 158 23.12 -23.64 8.55
N ASN L 159 22.11 -22.80 8.39
CA ASN L 159 21.88 -21.71 9.33
C ASN L 159 20.39 -21.59 9.67
N CYS L 160 19.62 -22.64 9.40
CA CYS L 160 18.19 -22.69 9.69
C CYS L 160 17.84 -24.10 10.12
N TYR L 161 16.62 -24.27 10.62
CA TYR L 161 16.11 -25.59 10.98
C TYR L 161 14.59 -25.56 10.85
N SER L 162 13.94 -26.60 11.35
CA SER L 162 12.51 -26.77 11.11
C SER L 162 11.80 -27.21 12.38
N ARG L 163 10.65 -26.60 12.64
CA ARG L 163 9.75 -27.02 13.71
C ARG L 163 8.32 -26.98 13.19
N VAL L 164 7.52 -27.94 13.61
CA VAL L 164 6.11 -28.03 13.24
C VAL L 164 5.27 -27.50 14.39
N ILE L 165 4.32 -26.62 14.07
CA ILE L 165 3.49 -25.98 15.09
C ILE L 165 2.05 -26.46 14.95
N ASN L 166 1.18 -25.98 15.83
CA ASN L 166 -0.22 -26.40 15.87
C ASN L 166 -1.11 -25.17 15.73
N ILE L 167 -1.39 -24.78 14.50
CA ILE L 167 -2.36 -23.71 14.24
C ILE L 167 -3.71 -24.42 14.13
N ASP L 168 -4.31 -24.64 15.31
CA ASP L 168 -5.63 -25.27 15.47
C ASP L 168 -5.67 -26.67 14.85
N GLY L 169 -4.61 -27.43 15.05
CA GLY L 169 -4.53 -28.77 14.52
C GLY L 169 -3.98 -28.87 13.12
N GLN L 170 -4.28 -27.87 12.28
CA GLN L 170 -3.75 -27.82 10.92
C GLN L 170 -2.28 -27.46 10.96
N LYS L 171 -1.41 -28.46 11.09
CA LYS L 171 0.01 -28.26 11.31
C LYS L 171 0.68 -27.71 10.05
N HIS L 172 1.90 -27.20 10.22
CA HIS L 172 2.58 -26.51 9.14
C HIS L 172 4.06 -26.87 9.14
N ILE L 173 4.73 -26.44 8.08
CA ILE L 173 6.16 -26.63 7.91
C ILE L 173 6.76 -25.23 7.78
N VAL L 174 7.21 -24.67 8.89
CA VAL L 174 7.69 -23.30 8.93
C VAL L 174 9.15 -23.33 9.36
N ILE L 175 9.96 -22.47 8.76
CA ILE L 175 11.40 -22.50 8.92
C ILE L 175 11.85 -21.30 9.73
N PHE L 176 12.52 -21.57 10.84
CA PHE L 176 13.11 -20.52 11.68
C PHE L 176 14.48 -20.15 11.13
N ALA L 177 15.26 -19.43 11.94
CA ALA L 177 16.65 -19.15 11.65
C ALA L 177 17.49 -19.58 12.85
N MET L 178 18.81 -19.49 12.71
CA MET L 178 19.71 -19.83 13.81
C MET L 178 20.56 -18.64 14.25
N ARG L 179 21.30 -18.02 13.34
CA ARG L 179 22.21 -16.94 13.66
C ARG L 179 21.80 -15.69 12.89
N LYS L 180 22.59 -14.63 13.07
CA LYS L 180 22.32 -13.35 12.42
C LYS L 180 22.75 -13.43 10.97
N ILE L 181 21.79 -13.28 10.06
CA ILE L 181 21.99 -13.51 8.63
C ILE L 181 21.81 -12.19 7.89
N TYR L 182 22.73 -11.88 7.00
CA TYR L 182 22.73 -10.62 6.28
C TYR L 182 22.15 -10.79 4.87
N ARG L 183 22.24 -9.74 4.07
CA ARG L 183 21.61 -9.69 2.75
C ARG L 183 22.54 -10.28 1.70
N GLY L 184 22.14 -11.41 1.12
CA GLY L 184 22.90 -12.00 0.03
C GLY L 184 23.49 -13.35 0.36
N GLU L 185 22.78 -14.14 1.17
CA GLU L 185 23.27 -15.43 1.62
C GLU L 185 22.23 -16.51 1.33
N GLU L 186 22.71 -17.71 1.00
CA GLU L 186 21.83 -18.84 0.77
C GLU L 186 21.35 -19.42 2.10
N LEU L 187 20.08 -19.80 2.14
CA LEU L 187 19.48 -20.44 3.31
C LEU L 187 19.33 -21.93 3.05
N THR L 188 19.81 -22.75 3.99
CA THR L 188 19.81 -24.20 3.86
C THR L 188 19.36 -24.83 5.15
N TYR L 189 19.09 -26.14 5.09
CA TYR L 189 18.84 -26.94 6.28
C TYR L 189 19.16 -28.39 5.97
N ASP L 190 19.19 -29.21 7.02
CA ASP L 190 19.53 -30.63 6.91
C ASP L 190 18.31 -31.41 6.48
N TYR L 191 18.47 -32.23 5.43
CA TYR L 191 17.38 -33.11 5.03
C TYR L 191 17.33 -34.38 5.85
N LYS L 192 18.43 -34.72 6.52
CA LYS L 192 18.63 -35.98 7.25
C LYS L 192 18.30 -37.23 6.41
N LEU L 202 24.75 -40.34 -2.27
CA LEU L 202 24.93 -39.19 -3.16
C LEU L 202 25.86 -38.15 -2.56
N PRO L 203 26.94 -37.82 -3.27
CA PRO L 203 27.84 -36.76 -2.81
C PRO L 203 27.15 -35.41 -2.85
N CYS L 204 27.24 -34.68 -1.74
CA CYS L 204 26.63 -33.37 -1.63
C CYS L 204 27.57 -32.30 -2.18
N ASN L 205 26.98 -31.19 -2.61
CA ASN L 205 27.70 -30.07 -3.19
C ASN L 205 27.81 -28.91 -2.20
N CYS L 206 27.99 -29.23 -0.93
CA CYS L 206 28.13 -28.22 0.11
C CYS L 206 29.58 -27.94 0.45
N GLY L 207 30.40 -28.98 0.52
CA GLY L 207 31.81 -28.83 0.84
C GLY L 207 32.04 -28.46 2.29
N ALA L 208 31.42 -29.20 3.20
CA ALA L 208 31.49 -28.87 4.62
C ALA L 208 32.84 -29.28 5.21
N LYS L 209 33.13 -28.72 6.38
CA LYS L 209 34.38 -29.04 7.08
C LYS L 209 34.37 -30.47 7.60
N LYS L 210 33.20 -31.00 7.96
CA LYS L 210 33.03 -32.36 8.45
C LYS L 210 31.88 -33.02 7.71
N CYS L 211 31.92 -32.94 6.38
CA CYS L 211 30.81 -33.37 5.55
C CYS L 211 30.61 -34.88 5.59
N ARG L 212 29.34 -35.28 5.48
CA ARG L 212 28.97 -36.68 5.49
C ARG L 212 28.99 -37.30 4.09
N LYS L 213 28.66 -36.51 3.07
CA LYS L 213 28.66 -36.87 1.65
C LYS L 213 27.70 -37.99 1.29
N PHE L 214 26.75 -38.32 2.18
CA PHE L 214 25.78 -39.38 1.94
C PHE L 214 24.48 -38.96 2.60
N LEU L 215 23.45 -38.70 1.80
CA LEU L 215 22.22 -38.07 2.27
C LEU L 215 21.19 -39.08 2.76
N ASN L 216 21.62 -40.25 3.22
CA ASN L 216 20.73 -41.24 3.81
C ASN L 216 21.03 -41.45 5.30
N PRO M 33 -0.21 -23.47 -59.62
CA PRO M 33 -0.43 -24.81 -60.13
C PRO M 33 0.49 -25.14 -61.30
N ASN M 34 0.97 -24.10 -61.97
CA ASN M 34 1.85 -24.21 -63.12
C ASN M 34 3.01 -23.23 -63.00
N TYR M 35 3.66 -23.24 -61.84
CA TYR M 35 4.76 -22.34 -61.57
C TYR M 35 5.98 -22.70 -62.42
N ALA M 36 6.47 -21.73 -63.17
CA ALA M 36 7.55 -21.92 -64.13
C ALA M 36 8.68 -20.93 -63.87
N LEU M 37 9.91 -21.39 -64.03
CA LEU M 37 11.07 -20.54 -63.80
C LEU M 37 11.20 -19.48 -64.89
N LYS M 38 11.39 -18.23 -64.48
CA LYS M 38 11.63 -17.13 -65.39
C LYS M 38 13.09 -16.73 -65.46
N PHE M 39 13.72 -16.51 -64.31
CA PHE M 39 15.10 -16.02 -64.23
C PHE M 39 15.82 -16.72 -63.09
N THR M 40 17.11 -16.98 -63.29
CA THR M 40 17.97 -17.52 -62.25
C THR M 40 18.95 -16.42 -61.83
N LEU M 41 18.82 -15.94 -60.60
CA LEU M 41 19.62 -14.82 -60.09
C LEU M 41 20.73 -15.39 -59.21
N ALA M 42 21.82 -15.76 -59.87
CA ALA M 42 23.03 -16.19 -59.18
C ALA M 42 24.03 -15.04 -59.14
N GLY M 43 25.02 -15.18 -58.26
CA GLY M 43 26.05 -14.18 -58.14
C GLY M 43 26.53 -13.94 -56.73
N HIS M 44 25.87 -14.55 -55.75
CA HIS M 44 26.29 -14.43 -54.36
C HIS M 44 27.63 -15.14 -54.15
N THR M 45 28.59 -14.42 -53.57
CA THR M 45 29.93 -14.97 -53.41
C THR M 45 30.05 -15.96 -52.28
N LYS M 46 29.09 -15.96 -51.35
CA LYS M 46 29.07 -16.92 -50.24
C LYS M 46 27.64 -17.43 -50.13
N ALA M 47 27.32 -18.04 -48.99
CA ALA M 47 26.00 -18.62 -48.77
C ALA M 47 24.92 -17.54 -48.75
N VAL M 48 23.88 -17.77 -49.54
CA VAL M 48 22.76 -16.83 -49.66
C VAL M 48 22.02 -16.79 -48.34
N SER M 49 21.92 -15.61 -47.75
CA SER M 49 21.39 -15.49 -46.39
C SER M 49 19.88 -15.70 -46.37
N SER M 50 19.13 -14.82 -47.02
CA SER M 50 17.68 -14.87 -46.99
C SER M 50 17.13 -14.08 -48.15
N VAL M 51 16.00 -14.54 -48.68
CA VAL M 51 15.23 -13.81 -49.67
C VAL M 51 14.00 -13.22 -48.97
N LYS M 52 13.87 -11.89 -49.05
CA LYS M 52 12.75 -11.18 -48.48
C LYS M 52 12.25 -10.17 -49.50
N PHE M 53 10.96 -10.23 -49.79
CA PHE M 53 10.35 -9.27 -50.70
C PHE M 53 10.22 -7.91 -50.03
N SER M 54 9.81 -6.96 -50.83
CA SER M 54 9.45 -5.67 -50.28
C SER M 54 8.07 -5.75 -49.63
N PRO M 55 7.87 -5.05 -48.50
CA PRO M 55 6.56 -5.10 -47.82
C PRO M 55 5.44 -4.51 -48.65
N ASN M 56 5.71 -3.49 -49.46
CA ASN M 56 4.72 -3.01 -50.41
C ASN M 56 4.65 -3.86 -51.68
N GLY M 57 5.53 -4.84 -51.84
CA GLY M 57 5.39 -5.84 -52.88
C GLY M 57 5.89 -5.44 -54.25
N GLU M 58 7.12 -4.92 -54.35
CA GLU M 58 7.72 -4.65 -55.65
C GLU M 58 9.16 -5.10 -55.80
N TRP M 59 9.92 -5.26 -54.71
CA TRP M 59 11.29 -5.71 -54.77
C TRP M 59 11.39 -7.18 -54.38
N LEU M 60 12.46 -7.82 -54.87
CA LEU M 60 13.02 -9.00 -54.22
C LEU M 60 14.54 -8.82 -54.23
N ALA M 61 15.05 -8.13 -53.22
CA ALA M 61 16.49 -8.06 -53.03
C ALA M 61 16.95 -9.27 -52.24
N SER M 62 18.16 -9.72 -52.54
CA SER M 62 18.74 -10.89 -51.89
C SER M 62 20.12 -10.55 -51.36
N SER M 63 20.36 -10.92 -50.11
CA SER M 63 21.64 -10.73 -49.45
C SER M 63 22.31 -12.07 -49.25
N SER M 64 23.55 -12.03 -48.77
CA SER M 64 24.31 -13.23 -48.48
C SER M 64 25.10 -13.01 -47.20
N ALA M 65 25.73 -14.08 -46.73
CA ALA M 65 26.57 -14.00 -45.54
C ALA M 65 27.96 -13.46 -45.83
N ASP M 66 28.19 -12.89 -47.01
CA ASP M 66 29.49 -12.37 -47.41
C ASP M 66 29.68 -10.90 -47.02
N LYS M 67 28.91 -10.43 -46.04
CA LYS M 67 28.90 -9.03 -45.57
C LYS M 67 28.52 -8.05 -46.69
N LEU M 68 27.75 -8.54 -47.66
CA LEU M 68 27.38 -7.76 -48.84
C LEU M 68 25.90 -7.97 -49.11
N ILE M 69 25.14 -6.88 -49.19
CA ILE M 69 23.70 -6.93 -49.38
C ILE M 69 23.39 -6.28 -50.72
N LYS M 70 22.92 -7.08 -51.68
CA LYS M 70 22.60 -6.59 -53.00
C LYS M 70 21.13 -6.21 -53.10
N ILE M 71 20.81 -5.40 -54.11
CA ILE M 71 19.45 -4.93 -54.33
C ILE M 71 19.02 -5.45 -55.69
N TRP M 72 18.28 -6.56 -55.69
CA TRP M 72 17.78 -7.18 -56.91
C TRP M 72 16.29 -6.91 -57.07
N GLY M 73 15.80 -7.11 -58.30
CA GLY M 73 14.39 -6.96 -58.58
C GLY M 73 13.58 -8.20 -58.25
N ALA M 74 12.28 -8.12 -58.54
CA ALA M 74 11.37 -9.22 -58.29
C ALA M 74 10.73 -9.81 -59.54
N TYR M 75 10.76 -9.09 -60.66
CA TYR M 75 10.06 -9.51 -61.87
C TYR M 75 11.00 -9.82 -63.02
N ASP M 76 12.20 -9.24 -63.03
CA ASP M 76 13.20 -9.54 -64.03
C ASP M 76 14.60 -9.62 -63.45
N GLY M 77 14.75 -9.46 -62.14
CA GLY M 77 16.06 -9.43 -61.52
C GLY M 77 16.78 -8.12 -61.78
N LYS M 78 16.10 -7.00 -61.56
CA LYS M 78 16.67 -5.69 -61.84
C LYS M 78 17.59 -5.29 -60.69
N PHE M 79 18.86 -5.08 -61.00
CA PHE M 79 19.88 -4.81 -60.00
C PHE M 79 20.09 -3.31 -59.80
N GLU M 80 20.28 -2.91 -58.54
CA GLU M 80 20.51 -1.52 -58.19
C GLU M 80 21.90 -1.26 -57.62
N LYS M 81 22.25 -1.91 -56.51
CA LYS M 81 23.51 -1.64 -55.81
C LYS M 81 23.78 -2.74 -54.80
N THR M 82 25.00 -2.75 -54.28
CA THR M 82 25.45 -3.71 -53.27
C THR M 82 25.88 -2.95 -52.02
N ILE M 83 25.33 -3.33 -50.88
CA ILE M 83 25.67 -2.67 -49.62
C ILE M 83 27.03 -3.19 -49.13
N SER M 84 27.93 -2.27 -48.79
CA SER M 84 29.23 -2.59 -48.23
C SER M 84 29.48 -1.73 -47.00
N GLY M 85 30.22 -2.28 -46.05
CA GLY M 85 30.52 -1.57 -44.82
C GLY M 85 30.18 -2.28 -43.53
N HIS M 86 30.14 -3.62 -43.55
CA HIS M 86 29.94 -4.42 -42.36
C HIS M 86 31.30 -4.88 -41.81
N LYS M 87 31.27 -5.53 -40.66
CA LYS M 87 32.47 -6.11 -40.07
C LYS M 87 32.40 -7.62 -39.92
N LEU M 88 31.26 -8.18 -39.53
CA LEU M 88 31.09 -9.63 -39.51
C LEU M 88 29.81 -10.04 -40.22
N GLY M 89 29.44 -11.32 -40.08
CA GLY M 89 28.44 -11.94 -40.92
C GLY M 89 27.03 -11.40 -40.77
N ILE M 90 26.14 -11.93 -41.60
CA ILE M 90 24.76 -11.47 -41.72
C ILE M 90 23.83 -12.67 -41.60
N SER M 91 22.89 -12.59 -40.66
CA SER M 91 21.86 -13.62 -40.49
C SER M 91 20.52 -13.19 -41.08
N ASP M 92 20.01 -12.03 -40.68
CA ASP M 92 18.74 -11.51 -41.15
C ASP M 92 18.91 -10.09 -41.69
N VAL M 93 18.05 -9.72 -42.63
CA VAL M 93 17.99 -8.37 -43.18
C VAL M 93 16.53 -7.96 -43.25
N ALA M 94 16.26 -6.66 -43.21
CA ALA M 94 14.89 -6.19 -43.09
C ALA M 94 14.67 -5.02 -44.05
N TRP M 95 13.54 -4.33 -43.89
CA TRP M 95 13.06 -3.34 -44.85
C TRP M 95 12.45 -2.13 -44.16
N SER M 96 11.74 -1.30 -44.92
CA SER M 96 10.92 -0.20 -44.39
C SER M 96 9.49 -0.37 -44.88
N SER M 97 8.64 0.62 -44.57
CA SER M 97 7.28 0.60 -45.09
C SER M 97 7.23 1.07 -46.54
N ASP M 98 8.17 1.92 -46.94
CA ASP M 98 8.29 2.36 -48.32
C ASP M 98 9.41 1.63 -49.06
N SER M 99 9.97 0.57 -48.44
CA SER M 99 10.91 -0.36 -49.05
C SER M 99 12.23 0.33 -49.46
N ASN M 100 12.64 1.33 -48.69
CA ASN M 100 13.91 2.02 -48.93
C ASN M 100 14.87 1.89 -47.76
N LEU M 101 14.43 2.24 -46.55
CA LEU M 101 15.29 2.20 -45.38
C LEU M 101 15.53 0.75 -44.97
N LEU M 102 16.78 0.41 -44.67
CA LEU M 102 17.13 -0.98 -44.44
C LEU M 102 17.86 -1.14 -43.12
N VAL M 103 17.95 -2.38 -42.66
CA VAL M 103 18.72 -2.76 -41.50
C VAL M 103 19.00 -4.25 -41.64
N SER M 104 20.12 -4.70 -41.07
CA SER M 104 20.50 -6.11 -41.14
C SER M 104 20.95 -6.59 -39.77
N ALA M 105 20.66 -7.87 -39.50
CA ALA M 105 21.06 -8.51 -38.24
C ALA M 105 22.49 -8.99 -38.38
N SER M 106 23.42 -8.07 -38.15
CA SER M 106 24.83 -8.33 -38.33
C SER M 106 25.38 -9.18 -37.19
N ASP M 107 26.39 -9.98 -37.49
CA ASP M 107 26.97 -10.93 -36.54
C ASP M 107 28.23 -10.40 -35.89
N ASP M 108 28.31 -9.09 -35.68
CA ASP M 108 29.34 -8.48 -34.85
C ASP M 108 28.69 -7.75 -33.69
N LYS M 109 27.58 -8.32 -33.18
CA LYS M 109 26.75 -7.77 -32.11
C LYS M 109 26.14 -6.42 -32.49
N THR M 110 25.94 -6.18 -33.79
CA THR M 110 25.42 -4.90 -34.26
C THR M 110 24.22 -5.11 -35.17
N LEU M 111 23.48 -4.03 -35.39
CA LEU M 111 22.43 -3.95 -36.39
C LEU M 111 22.61 -2.63 -37.13
N LYS M 112 23.42 -2.64 -38.19
CA LYS M 112 23.65 -1.44 -38.97
C LYS M 112 22.42 -1.10 -39.78
N ILE M 113 22.04 0.19 -39.76
CA ILE M 113 20.82 0.66 -40.40
C ILE M 113 21.19 1.27 -41.74
N TRP M 114 20.46 0.90 -42.80
CA TRP M 114 20.84 1.25 -44.16
C TRP M 114 19.71 1.90 -44.93
N ASP M 115 19.91 2.12 -46.23
CA ASP M 115 18.91 2.76 -47.08
C ASP M 115 19.12 2.31 -48.52
N VAL M 116 18.03 2.28 -49.30
CA VAL M 116 18.14 2.01 -50.73
C VAL M 116 18.43 3.30 -51.50
N SER M 117 17.64 4.33 -51.25
CA SER M 117 17.68 5.55 -52.06
C SER M 117 18.85 6.47 -51.71
N SER M 118 19.47 6.31 -50.55
CA SER M 118 20.67 7.07 -50.21
C SER M 118 21.88 6.20 -49.92
N GLY M 119 21.68 5.01 -49.34
CA GLY M 119 22.76 4.08 -49.12
C GLY M 119 23.66 4.36 -47.93
N LYS M 120 23.40 5.44 -47.20
CA LYS M 120 24.22 5.76 -46.04
C LYS M 120 23.95 4.78 -44.90
N CYS M 121 25.02 4.32 -44.27
CA CYS M 121 24.90 3.49 -43.08
C CYS M 121 24.38 4.38 -41.96
N LEU M 122 23.08 4.28 -41.68
CA LEU M 122 22.38 5.30 -40.89
C LEU M 122 22.83 5.27 -39.44
N LYS M 123 22.58 4.16 -38.74
CA LYS M 123 23.02 4.01 -37.36
C LYS M 123 23.58 2.61 -37.19
N THR M 124 23.95 2.28 -35.96
CA THR M 124 24.48 0.96 -35.62
C THR M 124 24.06 0.63 -34.19
N LEU M 125 23.29 -0.44 -34.03
CA LEU M 125 22.68 -0.78 -32.74
C LEU M 125 23.65 -1.61 -31.92
N LYS M 126 24.17 -1.03 -30.84
CA LYS M 126 24.92 -1.75 -29.83
C LYS M 126 23.97 -2.39 -28.83
N GLY M 127 24.49 -2.82 -27.68
CA GLY M 127 23.67 -3.40 -26.64
C GLY M 127 23.57 -4.91 -26.67
N HIS M 128 24.38 -5.58 -27.48
CA HIS M 128 24.39 -7.03 -27.55
C HIS M 128 25.70 -7.55 -26.96
N SER M 129 25.61 -8.69 -26.27
CA SER M 129 26.78 -9.41 -25.80
C SER M 129 26.92 -10.76 -26.49
N ASN M 130 26.22 -10.95 -27.60
CA ASN M 130 26.27 -12.19 -28.35
C ASN M 130 25.77 -11.89 -29.76
N TYR M 131 25.81 -12.89 -30.63
CA TYR M 131 25.42 -12.73 -32.02
C TYR M 131 23.92 -12.43 -32.14
N VAL M 132 23.55 -11.83 -33.27
CA VAL M 132 22.16 -11.46 -33.54
C VAL M 132 21.70 -12.24 -34.75
N PHE M 133 20.54 -12.88 -34.63
CA PHE M 133 20.03 -13.74 -35.69
C PHE M 133 18.79 -13.20 -36.39
N CYS M 134 17.93 -12.44 -35.69
CA CYS M 134 16.68 -12.00 -36.31
C CYS M 134 16.21 -10.69 -35.68
N CYS M 135 15.50 -9.91 -36.49
CA CYS M 135 14.90 -8.65 -36.09
C CYS M 135 13.76 -8.31 -37.04
N ASN M 136 12.73 -7.64 -36.51
CA ASN M 136 11.58 -7.23 -37.30
C ASN M 136 11.03 -5.92 -36.76
N PHE M 137 9.95 -5.47 -37.40
CA PHE M 137 9.32 -4.19 -37.08
C PHE M 137 7.86 -4.42 -36.72
N ASN M 138 7.34 -3.53 -35.88
CA ASN M 138 5.91 -3.35 -35.77
C ASN M 138 5.36 -2.75 -37.08
N PRO M 139 4.08 -2.95 -37.37
CA PRO M 139 3.50 -2.32 -38.58
C PRO M 139 3.46 -0.80 -38.53
N GLN M 140 3.59 -0.19 -37.34
CA GLN M 140 3.76 1.26 -37.26
C GLN M 140 5.17 1.69 -37.65
N SER M 141 6.12 0.74 -37.71
CA SER M 141 7.44 0.89 -38.33
C SER M 141 8.30 1.92 -37.59
N ASN M 142 8.34 1.81 -36.27
CA ASN M 142 9.25 2.63 -35.48
C ASN M 142 9.83 1.88 -34.28
N LEU M 143 9.69 0.56 -34.23
CA LEU M 143 10.28 -0.26 -33.18
C LEU M 143 11.02 -1.44 -33.79
N ILE M 144 12.01 -1.94 -33.06
CA ILE M 144 12.80 -3.08 -33.50
C ILE M 144 12.80 -4.12 -32.39
N VAL M 145 12.19 -5.26 -32.66
CA VAL M 145 12.34 -6.43 -31.80
C VAL M 145 13.70 -7.07 -32.07
N SER M 146 14.35 -7.54 -31.02
CA SER M 146 15.70 -8.11 -31.14
C SER M 146 15.77 -9.40 -30.34
N GLY M 147 15.49 -10.52 -31.00
CA GLY M 147 15.75 -11.82 -30.40
C GLY M 147 17.11 -12.33 -30.84
N SER M 148 18.12 -12.09 -30.00
CA SER M 148 19.50 -12.35 -30.33
C SER M 148 19.98 -13.59 -29.59
N PHE M 149 21.27 -13.93 -29.76
CA PHE M 149 21.82 -15.10 -29.09
C PHE M 149 22.20 -14.83 -27.65
N ASP M 150 22.04 -13.60 -27.16
CA ASP M 150 22.18 -13.34 -25.73
C ASP M 150 20.91 -13.59 -24.94
N GLU M 151 19.86 -14.09 -25.61
CA GLU M 151 18.72 -14.81 -25.03
C GLU M 151 17.75 -13.92 -24.25
N SER M 152 18.03 -12.63 -24.14
CA SER M 152 17.14 -11.68 -23.50
C SER M 152 16.57 -10.78 -24.60
N VAL M 153 15.28 -10.96 -24.89
CA VAL M 153 14.64 -10.29 -26.02
C VAL M 153 14.45 -8.81 -25.68
N ARG M 154 15.28 -7.96 -26.26
CA ARG M 154 15.20 -6.52 -26.03
C ARG M 154 14.22 -5.89 -27.00
N ILE M 155 13.89 -4.63 -26.74
CA ILE M 155 12.91 -3.87 -27.52
C ILE M 155 13.57 -2.56 -27.93
N TRP M 156 13.93 -2.44 -29.20
CA TRP M 156 14.69 -1.32 -29.71
C TRP M 156 13.79 -0.40 -30.53
N ASP M 157 14.31 0.79 -30.82
CA ASP M 157 13.58 1.84 -31.48
C ASP M 157 14.21 2.14 -32.84
N VAL M 158 13.47 2.84 -33.69
CA VAL M 158 13.97 3.29 -34.99
C VAL M 158 14.26 4.79 -34.97
N LYS M 159 13.34 5.59 -34.42
CA LYS M 159 13.51 7.04 -34.38
C LYS M 159 14.67 7.43 -33.46
N THR M 160 14.71 6.86 -32.25
CA THR M 160 15.79 7.13 -31.33
C THR M 160 16.84 6.03 -31.28
N GLY M 161 16.49 4.80 -31.68
CA GLY M 161 17.44 3.70 -31.59
C GLY M 161 17.73 3.28 -30.17
N LYS M 162 16.71 3.26 -29.31
CA LYS M 162 16.88 3.12 -27.88
C LYS M 162 16.22 1.84 -27.38
N CYS M 163 16.92 1.12 -26.50
CA CYS M 163 16.39 -0.10 -25.91
C CYS M 163 15.31 0.24 -24.90
N LEU M 164 14.06 0.01 -25.27
CA LEU M 164 12.95 0.32 -24.37
C LEU M 164 12.91 -0.67 -23.20
N LYS M 165 12.67 -1.94 -23.48
CA LYS M 165 12.47 -2.93 -22.44
C LYS M 165 13.28 -4.18 -22.71
N THR M 166 13.07 -5.21 -21.90
CA THR M 166 13.80 -6.47 -22.03
C THR M 166 12.87 -7.61 -21.67
N LEU M 167 12.83 -8.65 -22.51
CA LEU M 167 12.09 -9.87 -22.22
C LEU M 167 13.07 -10.99 -21.97
N PRO M 168 13.48 -11.24 -20.72
CA PRO M 168 14.34 -12.40 -20.45
C PRO M 168 13.54 -13.69 -20.50
N ALA M 169 13.36 -14.22 -21.72
CA ALA M 169 12.44 -15.32 -21.95
C ALA M 169 13.10 -16.69 -21.73
N HIS M 170 14.14 -17.00 -22.51
CA HIS M 170 14.65 -18.34 -22.61
C HIS M 170 16.09 -18.43 -22.12
N SER M 171 16.48 -19.66 -21.77
CA SER M 171 17.88 -20.02 -21.54
C SER M 171 18.52 -20.61 -22.79
N ASP M 172 17.85 -20.47 -23.94
CA ASP M 172 18.34 -20.92 -25.24
C ASP M 172 18.31 -19.76 -26.21
N PRO M 173 19.20 -19.74 -27.21
CA PRO M 173 19.21 -18.65 -28.18
C PRO M 173 17.93 -18.59 -29.02
N VAL M 174 17.61 -17.38 -29.46
CA VAL M 174 16.35 -17.11 -30.15
C VAL M 174 16.48 -17.56 -31.59
N SER M 175 15.50 -18.33 -32.07
CA SER M 175 15.46 -18.73 -33.46
C SER M 175 14.70 -17.74 -34.33
N ALA M 176 13.56 -17.24 -33.85
CA ALA M 176 12.76 -16.29 -34.60
C ALA M 176 11.93 -15.46 -33.64
N VAL M 177 11.56 -14.25 -34.10
CA VAL M 177 10.61 -13.39 -33.40
C VAL M 177 9.61 -12.88 -34.43
N HIS M 178 8.43 -12.50 -33.94
CA HIS M 178 7.37 -12.01 -34.81
C HIS M 178 6.36 -11.22 -33.98
N PHE M 179 5.92 -10.07 -34.51
CA PHE M 179 4.76 -9.38 -33.97
C PHE M 179 3.48 -10.01 -34.49
N ASN M 180 2.35 -9.68 -33.86
CA ASN M 180 1.09 -10.09 -34.44
C ASN M 180 0.64 -9.11 -35.52
N ARG M 181 -0.63 -9.18 -35.91
CA ARG M 181 -1.13 -8.41 -37.04
C ARG M 181 -1.11 -6.91 -36.77
N ASP M 182 -1.61 -6.49 -35.61
CA ASP M 182 -1.62 -5.06 -35.30
C ASP M 182 -0.28 -4.58 -34.73
N GLY M 183 0.40 -5.42 -33.96
CA GLY M 183 1.62 -5.02 -33.30
C GLY M 183 1.51 -5.08 -31.79
N SER M 184 0.76 -6.07 -31.28
CA SER M 184 0.41 -6.13 -29.88
C SER M 184 0.87 -7.39 -29.15
N LEU M 185 1.37 -8.41 -29.86
CA LEU M 185 1.80 -9.65 -29.24
C LEU M 185 3.05 -10.17 -29.94
N ILE M 186 3.98 -10.70 -29.16
CA ILE M 186 5.23 -11.25 -29.66
C ILE M 186 5.31 -12.72 -29.29
N VAL M 187 5.61 -13.57 -30.28
CA VAL M 187 5.78 -14.99 -30.06
C VAL M 187 7.25 -15.26 -29.83
N SER M 188 7.55 -16.27 -29.02
CA SER M 188 8.92 -16.64 -28.68
C SER M 188 9.17 -18.07 -29.15
N SER M 189 9.99 -18.21 -30.18
CA SER M 189 10.37 -19.51 -30.73
C SER M 189 11.82 -19.76 -30.37
N SER M 190 12.07 -20.88 -29.68
CA SER M 190 13.40 -21.14 -29.12
C SER M 190 13.71 -22.63 -29.23
N TYR M 191 14.91 -23.00 -28.77
CA TYR M 191 15.38 -24.37 -28.89
C TYR M 191 14.64 -25.32 -27.98
N ASP M 192 14.23 -24.85 -26.80
CA ASP M 192 13.62 -25.73 -25.81
C ASP M 192 12.22 -26.20 -26.20
N GLY M 193 11.55 -25.50 -27.09
CA GLY M 193 10.22 -25.91 -27.49
C GLY M 193 9.13 -25.31 -26.61
N LEU M 194 9.25 -24.02 -26.32
CA LEU M 194 8.25 -23.29 -25.54
C LEU M 194 7.81 -22.09 -26.38
N CYS M 195 6.64 -22.19 -27.00
CA CYS M 195 6.11 -21.09 -27.81
C CYS M 195 5.24 -20.18 -26.94
N ARG M 196 5.93 -19.39 -26.10
CA ARG M 196 5.25 -18.44 -25.26
C ARG M 196 4.78 -17.24 -26.07
N ILE M 197 3.79 -16.54 -25.54
CA ILE M 197 3.26 -15.33 -26.15
C ILE M 197 3.40 -14.21 -25.12
N TRP M 198 4.00 -13.10 -25.54
CA TRP M 198 4.46 -12.07 -24.61
C TRP M 198 3.67 -10.79 -24.80
N ASP M 199 3.41 -10.11 -23.69
CA ASP M 199 2.76 -8.81 -23.69
C ASP M 199 3.72 -7.75 -24.25
N THR M 200 3.14 -6.67 -24.79
CA THR M 200 3.90 -5.56 -25.34
C THR M 200 3.84 -4.31 -24.46
N ALA M 201 2.75 -4.12 -23.72
CA ALA M 201 2.57 -2.92 -22.91
C ALA M 201 3.57 -2.86 -21.76
N SER M 202 3.57 -3.87 -20.90
CA SER M 202 4.52 -3.95 -19.81
C SER M 202 5.42 -5.18 -19.92
N GLY M 203 5.24 -6.03 -20.91
CA GLY M 203 6.18 -7.09 -21.22
C GLY M 203 6.16 -8.28 -20.29
N GLN M 204 5.07 -9.06 -20.30
CA GLN M 204 4.97 -10.23 -19.44
C GLN M 204 4.45 -11.42 -20.24
N CYS M 205 4.74 -12.61 -19.72
CA CYS M 205 4.26 -13.83 -20.34
C CYS M 205 2.77 -13.98 -20.11
N LEU M 206 2.10 -14.55 -21.10
CA LEU M 206 0.66 -14.77 -21.02
C LEU M 206 0.27 -16.23 -21.07
N LYS M 207 1.12 -17.09 -21.62
CA LYS M 207 0.82 -18.47 -21.94
C LYS M 207 2.13 -19.14 -22.33
N THR M 208 2.25 -20.43 -22.02
CA THR M 208 3.42 -21.21 -22.41
C THR M 208 2.95 -22.47 -23.14
N LEU M 209 3.35 -22.59 -24.39
CA LEU M 209 3.06 -23.76 -25.20
C LEU M 209 4.10 -24.84 -24.90
N ILE M 210 3.62 -26.07 -24.69
CA ILE M 210 4.44 -27.13 -24.14
C ILE M 210 4.26 -28.38 -25.01
N ASP M 211 5.19 -29.32 -24.87
CA ASP M 211 5.19 -30.54 -25.68
C ASP M 211 5.97 -31.61 -24.94
N ASP M 212 5.62 -32.87 -25.21
CA ASP M 212 6.30 -33.98 -24.54
C ASP M 212 7.74 -34.15 -25.06
N ASP M 213 7.92 -34.12 -26.37
CA ASP M 213 9.25 -34.07 -26.94
C ASP M 213 9.83 -32.68 -26.73
N ASN M 214 11.15 -32.55 -26.93
CA ASN M 214 11.86 -31.28 -26.87
C ASN M 214 12.49 -30.94 -28.22
N PRO M 215 11.69 -30.49 -29.20
CA PRO M 215 12.27 -30.16 -30.48
C PRO M 215 12.73 -28.72 -30.51
N PRO M 216 13.71 -28.39 -31.35
CA PRO M 216 14.08 -26.97 -31.54
C PRO M 216 13.10 -26.31 -32.50
N VAL M 217 12.45 -25.26 -32.03
CA VAL M 217 11.52 -24.52 -32.89
C VAL M 217 12.36 -23.65 -33.82
N SER M 218 12.02 -23.68 -35.12
CA SER M 218 12.85 -23.03 -36.13
C SER M 218 12.31 -21.67 -36.55
N PHE M 219 11.08 -21.63 -37.06
CA PHE M 219 10.51 -20.39 -37.57
C PHE M 219 9.00 -20.52 -37.61
N VAL M 220 8.30 -19.72 -36.81
CA VAL M 220 6.85 -19.72 -36.78
C VAL M 220 6.36 -18.31 -37.09
N LYS M 221 5.08 -18.19 -37.40
CA LYS M 221 4.45 -16.89 -37.56
C LYS M 221 2.97 -17.00 -37.25
N PHE M 222 2.32 -15.85 -37.14
CA PHE M 222 0.91 -15.79 -36.77
C PHE M 222 0.03 -16.06 -37.99
N SER M 223 -1.26 -15.80 -37.84
CA SER M 223 -2.26 -15.92 -38.88
C SER M 223 -2.78 -14.53 -39.25
N PRO M 224 -3.52 -14.41 -40.36
CA PRO M 224 -4.20 -13.13 -40.64
C PRO M 224 -5.33 -12.77 -39.67
N ASN M 225 -5.69 -13.64 -38.74
CA ASN M 225 -6.56 -13.25 -37.63
C ASN M 225 -5.84 -13.24 -36.29
N GLY M 226 -4.59 -13.68 -36.23
CA GLY M 226 -3.86 -13.73 -34.98
C GLY M 226 -4.21 -14.89 -34.09
N LYS M 227 -4.99 -15.84 -34.58
CA LYS M 227 -5.48 -16.95 -33.77
C LYS M 227 -4.97 -18.30 -34.24
N TYR M 228 -3.97 -18.34 -35.13
CA TYR M 228 -3.38 -19.58 -35.58
C TYR M 228 -1.89 -19.39 -35.79
N ILE M 229 -1.10 -20.38 -35.37
CA ILE M 229 0.34 -20.37 -35.58
C ILE M 229 0.76 -21.75 -36.07
N LEU M 230 1.33 -21.81 -37.27
CA LEU M 230 1.93 -23.03 -37.78
C LEU M 230 3.29 -23.23 -37.13
N ALA M 231 3.49 -24.41 -36.53
CA ALA M 231 4.74 -24.72 -35.84
C ALA M 231 5.69 -25.42 -36.80
N ALA M 232 6.95 -24.99 -36.81
CA ALA M 232 8.01 -25.59 -37.60
C ALA M 232 9.14 -25.94 -36.64
N THR M 233 9.05 -27.12 -36.04
CA THR M 233 10.05 -27.62 -35.09
C THR M 233 10.85 -28.73 -35.75
N LEU M 234 12.03 -28.99 -35.19
CA LEU M 234 12.95 -29.96 -35.79
C LEU M 234 12.64 -31.37 -35.28
N ASP M 235 11.51 -31.89 -35.75
CA ASP M 235 11.08 -33.24 -35.38
C ASP M 235 10.47 -34.03 -36.53
N ASN M 236 10.56 -33.51 -37.77
CA ASN M 236 9.91 -34.07 -38.96
C ASN M 236 8.40 -34.24 -38.79
N THR M 237 7.78 -33.29 -38.08
CA THR M 237 6.33 -33.27 -37.88
C THR M 237 5.91 -31.82 -37.65
N LEU M 238 5.23 -31.23 -38.62
CA LEU M 238 4.72 -29.88 -38.45
C LEU M 238 3.48 -29.91 -37.57
N LYS M 239 3.14 -28.73 -37.01
CA LYS M 239 1.95 -28.58 -36.18
C LYS M 239 1.28 -27.24 -36.47
N LEU M 240 -0.05 -27.23 -36.37
CA LEU M 240 -0.85 -26.02 -36.44
C LEU M 240 -1.63 -25.87 -35.15
N TRP M 241 -1.53 -24.71 -34.51
CA TRP M 241 -2.01 -24.52 -33.16
C TRP M 241 -3.29 -23.69 -33.12
N ASP M 242 -4.29 -24.21 -32.40
CA ASP M 242 -5.40 -23.40 -31.92
C ASP M 242 -4.86 -22.46 -30.84
N TYR M 243 -4.84 -21.16 -31.12
CA TYR M 243 -4.24 -20.22 -30.20
C TYR M 243 -5.11 -19.96 -28.98
N SER M 244 -6.42 -19.77 -29.18
CA SER M 244 -7.29 -19.34 -28.09
C SER M 244 -7.53 -20.46 -27.07
N LYS M 245 -7.36 -21.71 -27.47
CA LYS M 245 -7.53 -22.84 -26.58
C LYS M 245 -6.20 -23.51 -26.23
N GLY M 246 -5.41 -23.88 -27.22
CA GLY M 246 -4.10 -24.46 -26.94
C GLY M 246 -3.91 -25.88 -27.42
N LYS M 247 -4.54 -26.26 -28.53
CA LYS M 247 -4.42 -27.62 -29.06
C LYS M 247 -3.93 -27.58 -30.49
N CYS M 248 -3.49 -28.75 -30.96
CA CYS M 248 -3.05 -28.91 -32.35
C CYS M 248 -4.20 -29.41 -33.20
N LEU M 249 -4.27 -28.92 -34.44
CA LEU M 249 -5.41 -29.21 -35.31
C LEU M 249 -5.05 -30.05 -36.53
N LYS M 250 -4.15 -29.57 -37.39
CA LYS M 250 -3.87 -30.23 -38.67
C LYS M 250 -2.38 -30.19 -38.94
N THR M 251 -1.82 -31.33 -39.34
CA THR M 251 -0.38 -31.53 -39.46
C THR M 251 -0.03 -31.96 -40.89
N TYR M 252 1.23 -32.35 -41.07
CA TYR M 252 1.72 -32.94 -42.31
C TYR M 252 2.58 -34.15 -42.01
N THR M 253 2.83 -34.96 -43.04
CA THR M 253 3.72 -36.11 -42.95
C THR M 253 4.58 -36.17 -44.20
N GLY M 254 5.74 -36.84 -44.07
CA GLY M 254 6.62 -37.06 -45.19
C GLY M 254 7.41 -35.83 -45.59
N HIS M 255 8.26 -35.34 -44.70
CA HIS M 255 9.05 -34.14 -44.96
C HIS M 255 10.32 -34.17 -44.12
N LYS M 256 11.32 -33.44 -44.60
CA LYS M 256 12.65 -33.38 -43.98
C LYS M 256 12.79 -32.05 -43.26
N ASN M 257 12.58 -32.06 -41.94
CA ASN M 257 12.63 -30.88 -41.08
C ASN M 257 13.53 -31.21 -39.90
N GLU M 258 14.86 -31.09 -40.09
CA GLU M 258 15.77 -31.58 -39.05
C GLU M 258 16.88 -30.62 -38.63
N LYS M 259 17.48 -29.89 -39.57
CA LYS M 259 18.81 -29.35 -39.32
C LYS M 259 18.82 -27.87 -38.93
N TYR M 260 18.32 -26.99 -39.79
CA TYR M 260 18.50 -25.56 -39.64
C TYR M 260 17.17 -24.88 -39.31
N CYS M 261 17.20 -23.55 -39.30
CA CYS M 261 16.02 -22.72 -39.11
C CYS M 261 15.22 -22.72 -40.41
N ILE M 262 14.33 -23.70 -40.56
CA ILE M 262 13.58 -23.90 -41.79
C ILE M 262 12.35 -23.00 -41.78
N PHE M 263 12.21 -22.18 -42.82
CA PHE M 263 11.20 -21.14 -42.88
C PHE M 263 9.90 -21.68 -43.46
N ALA M 264 8.80 -21.01 -43.11
CA ALA M 264 7.48 -21.32 -43.62
C ALA M 264 6.79 -20.04 -44.03
N ASN M 265 5.85 -20.14 -44.98
CA ASN M 265 5.21 -18.98 -45.57
C ASN M 265 3.71 -19.24 -45.66
N PHE M 266 3.01 -18.35 -46.36
CA PHE M 266 1.62 -18.54 -46.73
C PHE M 266 1.47 -18.44 -48.24
N SER M 267 0.32 -18.91 -48.73
CA SER M 267 -0.04 -18.72 -50.13
C SER M 267 -1.56 -18.63 -50.25
N VAL M 268 -2.05 -17.49 -50.70
CA VAL M 268 -3.46 -17.31 -51.04
C VAL M 268 -3.65 -16.87 -52.48
N THR M 269 -2.57 -16.69 -53.23
CA THR M 269 -2.69 -16.25 -54.62
C THR M 269 -3.21 -17.39 -55.50
N GLY M 270 -2.66 -18.58 -55.34
CA GLY M 270 -3.18 -19.76 -55.99
C GLY M 270 -4.21 -20.43 -55.10
N GLY M 271 -3.93 -21.65 -54.67
CA GLY M 271 -4.70 -22.29 -53.63
C GLY M 271 -4.26 -21.84 -52.26
N LYS M 272 -4.62 -22.63 -51.25
CA LYS M 272 -4.20 -22.36 -49.87
C LYS M 272 -2.93 -23.14 -49.54
N TRP M 273 -1.92 -22.94 -50.40
CA TRP M 273 -0.66 -23.66 -50.29
C TRP M 273 0.14 -23.15 -49.09
N ILE M 274 1.05 -24.00 -48.61
CA ILE M 274 1.91 -23.66 -47.48
C ILE M 274 3.35 -23.75 -47.97
N VAL M 275 3.92 -22.61 -48.33
CA VAL M 275 5.28 -22.56 -48.86
C VAL M 275 6.27 -22.71 -47.71
N SER M 276 7.16 -23.70 -47.83
CA SER M 276 8.12 -23.99 -46.77
C SER M 276 9.43 -24.45 -47.39
N GLY M 277 10.53 -24.19 -46.67
CA GLY M 277 11.83 -24.66 -47.10
C GLY M 277 11.97 -26.16 -47.01
N SER M 278 13.00 -26.69 -47.66
CA SER M 278 13.18 -28.13 -47.74
C SER M 278 14.67 -28.46 -47.91
N GLU M 279 15.09 -29.57 -47.30
CA GLU M 279 16.50 -29.93 -47.28
C GLU M 279 16.91 -30.87 -48.40
N ASP M 280 15.96 -31.38 -49.17
CA ASP M 280 16.21 -32.43 -50.15
C ASP M 280 16.07 -31.93 -51.59
N ASN M 281 16.58 -30.71 -51.85
CA ASN M 281 16.57 -30.04 -53.16
C ASN M 281 15.15 -29.83 -53.68
N LEU M 282 14.20 -29.60 -52.79
CA LEU M 282 12.82 -29.37 -53.15
C LEU M 282 12.37 -28.07 -52.48
N VAL M 283 11.10 -27.71 -52.69
CA VAL M 283 10.46 -26.65 -51.91
C VAL M 283 9.14 -27.22 -51.42
N TYR M 284 9.00 -27.34 -50.10
CA TYR M 284 7.80 -27.92 -49.49
C TYR M 284 6.62 -26.98 -49.66
N ILE M 285 5.73 -27.31 -50.59
CA ILE M 285 4.54 -26.52 -50.89
C ILE M 285 3.37 -27.49 -51.00
N TRP M 286 2.46 -27.46 -50.01
CA TRP M 286 1.23 -28.23 -50.06
C TRP M 286 0.10 -27.44 -49.40
N ASN M 287 -1.12 -27.92 -49.62
CA ASN M 287 -2.33 -27.31 -49.09
C ASN M 287 -2.69 -27.95 -47.74
N LEU M 288 -3.46 -27.22 -46.94
CA LEU M 288 -3.76 -27.64 -45.59
C LEU M 288 -5.17 -28.20 -45.43
N GLN M 289 -6.08 -27.91 -46.37
CA GLN M 289 -7.31 -28.68 -46.44
C GLN M 289 -7.03 -30.10 -46.91
N THR M 290 -6.10 -30.25 -47.85
CA THR M 290 -5.86 -31.55 -48.46
C THR M 290 -4.97 -32.43 -47.59
N LYS M 291 -3.85 -31.88 -47.12
CA LYS M 291 -2.83 -32.58 -46.33
C LYS M 291 -2.29 -33.80 -47.08
N GLU M 292 -1.80 -33.55 -48.29
CA GLU M 292 -1.38 -34.62 -49.18
C GLU M 292 -0.03 -34.33 -49.81
N ILE M 293 0.36 -35.14 -50.80
CA ILE M 293 1.59 -34.92 -51.56
C ILE M 293 1.14 -34.71 -53.01
N VAL M 294 0.98 -33.45 -53.42
CA VAL M 294 0.31 -33.15 -54.68
C VAL M 294 1.20 -32.38 -55.65
N GLN M 295 2.16 -31.60 -55.14
CA GLN M 295 3.04 -30.83 -56.01
C GLN M 295 4.40 -30.67 -55.34
N LYS M 296 5.46 -31.03 -56.08
CA LYS M 296 6.82 -30.96 -55.57
C LYS M 296 7.70 -30.26 -56.60
N LEU M 297 8.11 -29.03 -56.30
CA LEU M 297 9.05 -28.32 -57.14
C LEU M 297 10.46 -28.82 -56.88
N GLN M 298 11.36 -28.55 -57.83
CA GLN M 298 12.68 -29.15 -57.82
C GLN M 298 13.59 -28.31 -58.71
N GLY M 299 14.89 -28.41 -58.46
CA GLY M 299 15.88 -27.77 -59.31
C GLY M 299 17.07 -27.25 -58.54
N HIS M 300 16.90 -27.05 -57.24
CA HIS M 300 17.98 -26.54 -56.40
C HIS M 300 19.06 -27.59 -56.21
N THR M 301 20.25 -27.13 -55.83
CA THR M 301 21.39 -28.03 -55.63
C THR M 301 21.94 -27.99 -54.22
N ASP M 302 21.22 -27.37 -53.27
CA ASP M 302 21.63 -27.41 -51.88
C ASP M 302 20.36 -27.35 -51.02
N VAL M 303 20.53 -27.23 -49.71
CA VAL M 303 19.41 -27.20 -48.77
C VAL M 303 18.69 -25.87 -48.89
N VAL M 304 17.40 -25.92 -49.26
CA VAL M 304 16.62 -24.70 -49.40
C VAL M 304 16.14 -24.26 -48.02
N ILE M 305 16.48 -23.04 -47.64
CA ILE M 305 16.25 -22.58 -46.27
C ILE M 305 15.42 -21.30 -46.18
N SER M 306 15.32 -20.49 -47.24
CA SER M 306 14.57 -19.25 -47.21
C SER M 306 13.64 -19.19 -48.41
N THR M 307 12.34 -19.11 -48.14
CA THR M 307 11.33 -18.91 -49.18
C THR M 307 10.39 -17.78 -48.74
N ALA M 308 9.77 -17.16 -49.73
CA ALA M 308 8.82 -16.08 -49.50
C ALA M 308 7.96 -15.92 -50.75
N CYS M 309 6.73 -15.45 -50.55
CA CYS M 309 5.83 -15.17 -51.65
C CYS M 309 5.68 -13.67 -51.87
N HIS M 310 5.47 -13.29 -53.11
CA HIS M 310 5.01 -11.94 -53.41
C HIS M 310 3.58 -11.81 -52.90
N PRO M 311 3.21 -10.66 -52.31
CA PRO M 311 1.89 -10.58 -51.64
C PRO M 311 0.69 -10.64 -52.59
N THR M 312 0.86 -10.25 -53.84
CA THR M 312 -0.22 -10.36 -54.81
C THR M 312 0.11 -11.30 -55.96
N GLU M 313 1.35 -11.28 -56.45
CA GLU M 313 1.72 -12.03 -57.63
C GLU M 313 1.90 -13.51 -57.31
N ASN M 314 2.05 -14.30 -58.36
CA ASN M 314 2.36 -15.73 -58.23
C ASN M 314 3.87 -15.96 -58.24
N ILE M 315 4.60 -15.21 -57.41
CA ILE M 315 6.05 -15.29 -57.33
C ILE M 315 6.42 -15.90 -55.99
N ILE M 316 7.09 -17.04 -56.04
CA ILE M 316 7.59 -17.72 -54.85
C ILE M 316 9.11 -17.63 -54.88
N ALA M 317 9.68 -16.95 -53.89
CA ALA M 317 11.12 -16.85 -53.79
C ALA M 317 11.71 -18.15 -53.26
N SER M 318 12.94 -18.45 -53.67
CA SER M 318 13.61 -19.68 -53.26
C SER M 318 15.11 -19.49 -53.43
N ALA M 319 15.86 -19.77 -52.37
CA ALA M 319 17.32 -19.64 -52.40
C ALA M 319 17.90 -20.62 -51.41
N ALA M 320 18.70 -21.56 -51.90
CA ALA M 320 19.26 -22.60 -51.07
C ALA M 320 20.56 -22.12 -50.41
N LEU M 321 21.28 -23.06 -49.80
CA LEU M 321 22.52 -22.78 -49.08
C LEU M 321 23.73 -22.64 -50.00
N GLU M 322 24.93 -22.76 -49.40
CA GLU M 322 26.19 -22.32 -49.99
C GLU M 322 26.52 -23.05 -51.29
N ASN M 323 26.13 -24.31 -51.44
CA ASN M 323 26.48 -25.06 -52.63
C ASN M 323 25.50 -24.87 -53.78
N ASP M 324 24.56 -23.93 -53.67
CA ASP M 324 23.67 -23.61 -54.77
C ASP M 324 23.87 -22.19 -55.28
N LYS M 325 23.74 -21.19 -54.42
CA LYS M 325 24.00 -19.76 -54.71
C LYS M 325 23.16 -19.22 -55.86
N THR M 326 21.93 -19.72 -56.01
CA THR M 326 21.03 -19.33 -57.08
C THR M 326 19.68 -18.93 -56.51
N ILE M 327 18.86 -18.27 -57.34
CA ILE M 327 17.52 -17.85 -56.99
C ILE M 327 16.58 -18.36 -58.07
N LYS M 328 15.60 -19.16 -57.68
CA LYS M 328 14.67 -19.76 -58.62
C LYS M 328 13.28 -19.20 -58.38
N LEU M 329 12.82 -18.35 -59.30
CA LEU M 329 11.49 -17.73 -59.23
C LEU M 329 10.55 -18.52 -60.14
N TRP M 330 9.85 -19.47 -59.56
CA TRP M 330 8.89 -20.29 -60.29
C TRP M 330 7.58 -19.52 -60.37
N LYS M 331 7.20 -19.10 -61.56
CA LYS M 331 6.08 -18.19 -61.79
C LYS M 331 4.94 -18.92 -62.49
N SER M 332 3.74 -18.81 -61.93
CA SER M 332 2.56 -19.42 -62.52
C SER M 332 2.03 -18.59 -63.67
N VAL N 287 -18.91 -59.04 16.84
CA VAL N 287 -17.45 -58.99 16.93
C VAL N 287 -16.98 -57.55 16.91
N LEU N 288 -16.25 -57.17 17.96
CA LEU N 288 -15.76 -55.80 18.08
C LEU N 288 -14.62 -55.55 17.09
N LEU N 289 -14.38 -54.27 16.82
CA LEU N 289 -13.33 -53.87 15.90
C LEU N 289 -12.03 -53.59 16.67
N ALA N 290 -11.06 -52.99 16.00
CA ALA N 290 -9.74 -52.75 16.57
C ALA N 290 -9.70 -51.45 17.36
N LEU N 291 -8.61 -51.26 18.09
CA LEU N 291 -8.32 -50.03 18.81
C LEU N 291 -7.17 -49.25 18.20
N HIS N 292 -6.09 -49.93 17.85
CA HIS N 292 -4.91 -49.29 17.27
C HIS N 292 -4.73 -49.58 15.79
N ASP N 293 -5.04 -50.80 15.34
CA ASP N 293 -4.89 -51.18 13.94
C ASP N 293 -6.11 -50.66 13.17
N ARG N 294 -6.08 -49.37 12.87
CA ARG N 294 -7.17 -48.71 12.17
C ARG N 294 -6.63 -47.42 11.59
N ALA N 295 -7.36 -46.87 10.62
CA ALA N 295 -7.05 -45.55 10.09
C ALA N 295 -7.54 -44.49 11.07
N PRO N 296 -6.64 -43.67 11.63
CA PRO N 296 -7.04 -42.85 12.79
C PRO N 296 -7.97 -41.69 12.45
N GLN N 297 -7.79 -41.02 11.32
CA GLN N 297 -8.55 -39.82 11.04
C GLN N 297 -9.93 -40.08 10.45
N LEU N 298 -10.38 -41.34 10.39
CA LEU N 298 -11.74 -41.61 9.92
C LEU N 298 -12.75 -41.31 11.03
N LYS N 299 -14.00 -41.13 10.61
CA LYS N 299 -15.11 -40.86 11.54
C LYS N 299 -15.49 -42.16 12.22
N ILE N 300 -14.91 -42.40 13.40
CA ILE N 300 -15.17 -43.62 14.16
C ILE N 300 -16.52 -43.50 14.83
N SER N 301 -17.44 -44.39 14.48
CA SER N 301 -18.78 -44.37 15.04
C SER N 301 -18.82 -45.14 16.37
N ASP N 302 -19.71 -44.68 17.27
CA ASP N 302 -19.74 -45.21 18.63
C ASP N 302 -20.44 -46.56 18.75
N ASP N 303 -21.19 -47.00 17.72
CA ASP N 303 -21.84 -48.30 17.79
C ASP N 303 -20.89 -49.47 17.59
N ARG N 304 -19.64 -49.20 17.20
CA ARG N 304 -18.53 -50.15 17.12
C ARG N 304 -18.77 -51.25 16.10
N LEU N 305 -19.68 -51.01 15.15
CA LEU N 305 -19.94 -51.94 14.05
C LEU N 305 -20.12 -51.20 12.74
N THR N 306 -19.74 -49.93 12.67
CA THR N 306 -20.02 -49.10 11.51
C THR N 306 -18.83 -48.18 11.25
N VAL N 307 -18.28 -48.25 10.04
CA VAL N 307 -17.19 -47.38 9.62
C VAL N 307 -17.77 -46.21 8.83
N VAL N 308 -17.31 -45.00 9.16
CA VAL N 308 -17.72 -43.79 8.47
C VAL N 308 -16.45 -43.06 8.02
N GLY N 309 -16.38 -42.72 6.75
CA GLY N 309 -15.14 -42.30 6.12
C GLY N 309 -14.86 -40.81 6.17
N GLU N 310 -14.14 -40.34 5.15
CA GLU N 310 -13.62 -38.98 5.04
C GLU N 310 -13.63 -38.57 3.57
N LYS N 311 -12.88 -37.53 3.24
CA LYS N 311 -12.57 -37.17 1.85
C LYS N 311 -11.21 -37.75 1.50
N GLY N 312 -11.21 -38.77 0.66
CA GLY N 312 -9.98 -39.41 0.22
C GLY N 312 -9.94 -40.89 0.59
N TYR N 313 -8.90 -41.54 0.05
CA TYR N 313 -8.74 -42.99 0.15
C TYR N 313 -7.75 -43.34 1.26
N SER N 314 -8.21 -43.19 2.51
CA SER N 314 -7.46 -43.63 3.68
C SER N 314 -8.10 -44.92 4.18
N MET N 315 -7.38 -46.03 4.02
CA MET N 315 -7.96 -47.36 4.15
C MET N 315 -7.78 -47.91 5.55
N VAL N 316 -8.90 -48.20 6.22
CA VAL N 316 -8.87 -48.87 7.51
C VAL N 316 -8.80 -50.38 7.28
N ARG N 317 -7.95 -51.05 8.06
CA ARG N 317 -7.86 -52.51 8.08
C ARG N 317 -8.26 -52.97 9.48
N ALA N 318 -9.46 -53.51 9.60
CA ALA N 318 -9.91 -54.08 10.87
C ALA N 318 -9.09 -55.31 11.20
N SER N 319 -8.66 -55.41 12.47
CA SER N 319 -7.58 -56.29 12.88
C SER N 319 -8.02 -57.74 13.10
N HIS N 320 -9.14 -58.18 12.52
CA HIS N 320 -9.60 -59.56 12.67
C HIS N 320 -9.88 -60.13 11.29
N GLY N 321 -8.90 -60.91 10.77
CA GLY N 321 -8.99 -61.49 9.46
C GLY N 321 -8.47 -62.91 9.46
N VAL N 322 -8.38 -63.48 8.26
CA VAL N 322 -8.12 -64.92 8.14
C VAL N 322 -6.63 -65.22 8.31
N ARG N 323 -6.35 -66.46 8.70
CA ARG N 323 -5.03 -67.05 8.62
C ARG N 323 -5.05 -68.29 7.73
N LYS N 324 -6.03 -69.17 7.93
CA LYS N 324 -6.16 -70.42 7.21
C LYS N 324 -7.62 -70.83 7.26
N GLY N 325 -8.00 -71.71 6.34
CA GLY N 325 -9.33 -72.30 6.38
C GLY N 325 -10.44 -71.37 5.94
N ALA N 326 -11.31 -70.99 6.87
CA ALA N 326 -12.55 -70.29 6.52
C ALA N 326 -12.96 -69.34 7.63
N TRP N 327 -13.28 -68.10 7.23
CA TRP N 327 -13.95 -67.13 8.11
C TRP N 327 -14.88 -66.32 7.21
N TYR N 328 -16.19 -66.51 7.35
CA TYR N 328 -17.15 -65.75 6.56
C TYR N 328 -17.99 -64.86 7.45
N PHE N 329 -18.14 -63.61 7.02
CA PHE N 329 -19.03 -62.65 7.63
C PHE N 329 -19.68 -61.83 6.52
N GLU N 330 -20.80 -61.20 6.85
CA GLU N 330 -21.49 -60.34 5.90
C GLU N 330 -21.34 -58.88 6.31
N ILE N 331 -21.63 -58.01 5.34
CA ILE N 331 -21.51 -56.57 5.51
C ILE N 331 -22.88 -55.98 5.17
N THR N 332 -23.64 -55.62 6.19
CA THR N 332 -24.91 -54.95 6.00
C THR N 332 -24.66 -53.48 5.68
N VAL N 333 -25.37 -52.96 4.68
CA VAL N 333 -25.18 -51.58 4.22
C VAL N 333 -26.36 -50.75 4.67
N ASP N 334 -26.09 -49.71 5.46
CA ASP N 334 -27.15 -48.82 5.95
C ASP N 334 -27.36 -47.62 5.02
N GLU N 335 -26.33 -46.80 4.88
CA GLU N 335 -26.42 -45.54 4.13
C GLU N 335 -25.31 -45.57 3.08
N MET N 336 -25.68 -45.85 1.83
CA MET N 336 -24.76 -45.77 0.70
C MET N 336 -25.26 -44.68 -0.24
N PRO N 337 -24.80 -43.44 -0.07
CA PRO N 337 -25.15 -42.38 -1.02
C PRO N 337 -24.43 -42.60 -2.34
N PRO N 338 -24.86 -41.92 -3.41
CA PRO N 338 -24.14 -42.05 -4.69
C PRO N 338 -22.78 -41.37 -4.69
N ASP N 339 -22.07 -41.49 -5.82
CA ASP N 339 -20.68 -41.01 -6.01
C ASP N 339 -19.75 -41.59 -4.93
N THR N 340 -19.71 -42.92 -4.86
CA THR N 340 -18.84 -43.64 -3.95
C THR N 340 -18.10 -44.73 -4.71
N ALA N 341 -16.82 -44.93 -4.36
CA ALA N 341 -16.01 -46.02 -4.90
C ALA N 341 -15.69 -46.94 -3.73
N ALA N 342 -16.58 -47.89 -3.47
CA ALA N 342 -16.44 -48.81 -2.34
C ALA N 342 -15.67 -50.04 -2.82
N ARG N 343 -14.37 -49.84 -3.02
CA ARG N 343 -13.48 -50.94 -3.37
C ARG N 343 -13.34 -51.88 -2.19
N LEU N 344 -13.84 -53.10 -2.35
CA LEU N 344 -13.90 -54.08 -1.28
C LEU N 344 -13.11 -55.33 -1.69
N GLY N 345 -12.57 -56.02 -0.69
CA GLY N 345 -11.76 -57.20 -0.98
C GLY N 345 -10.81 -57.60 0.13
N TRP N 346 -9.60 -58.00 -0.23
CA TRP N 346 -8.63 -58.55 0.70
C TRP N 346 -7.34 -57.76 0.64
N SER N 347 -6.68 -57.62 1.80
CA SER N 347 -5.39 -56.96 1.88
C SER N 347 -4.64 -57.50 3.10
N GLN N 348 -3.34 -57.26 3.11
CA GLN N 348 -2.45 -57.76 4.14
C GLN N 348 -1.99 -56.63 5.07
N PRO N 349 -1.49 -56.96 6.27
CA PRO N 349 -0.80 -55.94 7.09
C PRO N 349 0.55 -55.50 6.54
N LEU N 350 1.03 -56.06 5.43
CA LEU N 350 2.17 -55.48 4.73
C LEU N 350 1.82 -54.19 4.00
N GLY N 351 0.56 -54.03 3.60
CA GLY N 351 0.16 -52.86 2.86
C GLY N 351 0.11 -51.61 3.71
N ASN N 352 0.17 -50.47 3.02
CA ASN N 352 0.06 -49.17 3.66
C ASN N 352 -1.34 -48.95 4.19
N LEU N 353 -1.44 -48.17 5.27
CA LEU N 353 -2.75 -47.68 5.70
C LEU N 353 -3.33 -46.70 4.69
N GLN N 354 -2.47 -45.95 4.01
CA GLN N 354 -2.91 -45.02 2.98
C GLN N 354 -2.94 -45.68 1.60
N ALA N 355 -2.78 -46.98 1.52
CA ALA N 355 -2.93 -47.70 0.26
C ALA N 355 -4.41 -47.84 -0.08
N PRO N 356 -4.86 -47.35 -1.23
CA PRO N 356 -6.20 -47.71 -1.70
C PRO N 356 -6.26 -49.20 -2.04
N LEU N 357 -7.39 -49.82 -1.70
CA LEU N 357 -7.57 -51.24 -1.91
C LEU N 357 -7.66 -51.53 -3.41
N GLY N 358 -6.63 -52.16 -3.96
CA GLY N 358 -6.46 -52.26 -5.40
C GLY N 358 -5.16 -51.64 -5.88
N TYR N 359 -4.11 -51.73 -5.06
CA TYR N 359 -2.82 -51.13 -5.40
C TYR N 359 -1.82 -52.13 -5.97
N ASP N 360 -1.80 -53.37 -5.47
CA ASP N 360 -0.71 -54.29 -5.76
C ASP N 360 -1.26 -55.69 -6.00
N LYS N 361 -0.37 -56.67 -6.02
CA LYS N 361 -0.76 -58.07 -6.19
C LYS N 361 -1.46 -58.64 -4.96
N PHE N 362 -1.37 -57.97 -3.80
CA PHE N 362 -2.03 -58.43 -2.59
C PHE N 362 -3.44 -57.85 -2.44
N SER N 363 -3.63 -56.59 -2.83
CA SER N 363 -4.91 -55.93 -2.71
C SER N 363 -5.75 -56.11 -3.97
N TYR N 364 -7.06 -56.21 -3.77
CA TYR N 364 -8.01 -56.45 -4.84
C TYR N 364 -8.85 -55.21 -5.09
N SER N 365 -9.59 -55.23 -6.20
CA SER N 365 -10.30 -54.03 -6.65
C SER N 365 -11.64 -54.40 -7.29
N TRP N 366 -12.64 -53.56 -7.03
CA TRP N 366 -13.99 -53.72 -7.57
C TRP N 366 -14.60 -52.32 -7.70
N ARG N 367 -14.46 -51.73 -8.88
CA ARG N 367 -14.89 -50.36 -9.07
C ARG N 367 -16.39 -50.29 -9.27
N SER N 368 -17.00 -49.21 -8.76
CA SER N 368 -18.42 -48.97 -8.96
C SER N 368 -18.72 -48.75 -10.44
N LYS N 369 -18.09 -47.74 -11.04
CA LYS N 369 -18.35 -47.42 -12.44
C LYS N 369 -17.66 -48.43 -13.34
N LYS N 370 -18.47 -49.14 -14.15
CA LYS N 370 -18.03 -50.09 -15.19
C LYS N 370 -17.23 -51.26 -14.64
N GLY N 371 -17.40 -51.57 -13.34
CA GLY N 371 -16.93 -52.81 -12.72
C GLY N 371 -15.45 -53.10 -12.81
N THR N 372 -14.63 -52.08 -12.99
CA THR N 372 -13.27 -52.26 -13.50
C THR N 372 -12.33 -52.75 -12.41
N LYS N 373 -11.50 -53.72 -12.76
CA LYS N 373 -10.45 -54.19 -11.87
C LYS N 373 -9.20 -53.34 -12.04
N PHE N 374 -8.53 -53.08 -10.92
CA PHE N 374 -7.26 -52.33 -10.88
C PHE N 374 -6.34 -53.13 -9.97
N HIS N 375 -5.55 -54.02 -10.58
CA HIS N 375 -4.72 -54.96 -9.84
C HIS N 375 -3.37 -54.97 -10.52
N GLN N 376 -2.31 -54.74 -9.73
CA GLN N 376 -0.94 -54.50 -10.24
C GLN N 376 -0.90 -53.33 -11.22
N SER N 377 -1.73 -52.30 -10.92
CA SER N 377 -1.91 -51.10 -11.75
C SER N 377 -2.32 -51.44 -13.18
N ILE N 378 -3.27 -52.35 -13.32
CA ILE N 378 -3.79 -52.78 -14.62
C ILE N 378 -5.27 -52.46 -14.67
N GLY N 379 -5.65 -51.55 -15.57
CA GLY N 379 -7.03 -51.15 -15.71
C GLY N 379 -7.75 -51.79 -16.88
N LYS N 380 -8.59 -52.78 -16.59
CA LYS N 380 -9.34 -53.51 -17.60
C LYS N 380 -10.80 -53.53 -17.17
N HIS N 381 -11.69 -53.01 -18.01
CA HIS N 381 -13.10 -52.86 -17.68
C HIS N 381 -13.75 -54.23 -17.59
N TYR N 382 -13.99 -54.67 -16.35
CA TYR N 382 -14.21 -56.08 -16.02
C TYR N 382 -15.69 -56.46 -16.02
N SER N 383 -16.48 -55.78 -15.18
CA SER N 383 -17.85 -56.21 -14.90
C SER N 383 -18.77 -55.00 -14.97
N SER N 384 -19.99 -55.15 -14.45
CA SER N 384 -20.94 -54.06 -14.36
C SER N 384 -20.88 -53.44 -12.96
N GLY N 385 -21.81 -52.53 -12.68
CA GLY N 385 -21.90 -51.88 -11.38
C GLY N 385 -22.56 -52.75 -10.33
N TYR N 386 -23.18 -52.09 -9.35
CA TYR N 386 -23.83 -52.82 -8.27
C TYR N 386 -24.95 -51.98 -7.68
N GLY N 387 -25.95 -52.67 -7.14
CA GLY N 387 -27.13 -52.02 -6.59
C GLY N 387 -26.87 -51.38 -5.24
N GLN N 388 -27.91 -50.70 -4.76
CA GLN N 388 -27.87 -49.99 -3.48
C GLN N 388 -28.84 -50.63 -2.51
N GLY N 389 -28.36 -50.94 -1.31
CA GLY N 389 -29.21 -51.43 -0.25
C GLY N 389 -29.26 -52.94 -0.09
N ASP N 390 -28.31 -53.67 -0.67
CA ASP N 390 -28.24 -55.11 -0.50
C ASP N 390 -27.44 -55.45 0.75
N VAL N 391 -27.09 -56.72 0.89
CA VAL N 391 -26.17 -57.17 1.94
C VAL N 391 -24.96 -57.77 1.24
N LEU N 392 -23.82 -57.09 1.33
CA LEU N 392 -22.61 -57.51 0.64
C LEU N 392 -21.86 -58.54 1.48
N GLY N 393 -20.66 -58.89 1.03
CA GLY N 393 -19.86 -59.87 1.74
C GLY N 393 -19.02 -60.73 0.81
N PHE N 394 -17.74 -60.86 1.10
CA PHE N 394 -16.81 -61.64 0.31
C PHE N 394 -16.32 -62.84 1.11
N TYR N 395 -15.69 -63.78 0.41
CA TYR N 395 -15.26 -65.03 1.01
C TYR N 395 -14.12 -65.64 0.19
N ILE N 396 -13.17 -66.25 0.89
CA ILE N 396 -12.12 -67.04 0.28
C ILE N 396 -12.23 -68.47 0.81
N ASN N 397 -12.06 -69.45 -0.08
CA ASN N 397 -12.12 -70.86 0.28
C ASN N 397 -10.77 -71.47 -0.05
N LEU N 398 -10.02 -71.85 0.99
CA LEU N 398 -8.68 -72.43 0.82
C LEU N 398 -8.56 -73.65 1.73
N PRO N 399 -8.70 -74.86 1.16
CA PRO N 399 -8.31 -76.06 1.92
C PRO N 399 -6.80 -76.11 2.06
N GLU N 400 -6.33 -76.35 3.28
CA GLU N 400 -4.90 -76.37 3.57
C GLU N 400 -4.21 -77.57 2.95
N PRO N 443 -2.68 -73.05 -2.94
CA PRO N 443 -3.89 -73.76 -2.48
C PRO N 443 -5.07 -73.57 -3.43
N HIS N 444 -6.00 -74.53 -3.43
CA HIS N 444 -7.20 -74.42 -4.25
C HIS N 444 -8.06 -73.28 -3.75
N SER N 445 -8.40 -72.37 -4.66
CA SER N 445 -8.93 -71.06 -4.29
C SER N 445 -10.33 -70.85 -4.83
N GLU N 446 -11.13 -70.11 -4.06
CA GLU N 446 -12.36 -69.49 -4.54
C GLU N 446 -12.23 -67.99 -4.29
N ILE N 447 -11.57 -67.31 -5.22
CA ILE N 447 -11.47 -65.85 -5.19
C ILE N 447 -12.42 -65.36 -6.27
N ILE N 448 -13.67 -65.12 -5.89
CA ILE N 448 -14.78 -64.94 -6.82
C ILE N 448 -15.70 -63.88 -6.21
N PHE N 449 -16.18 -62.94 -7.04
CA PHE N 449 -17.04 -61.86 -6.56
C PHE N 449 -18.36 -62.40 -6.01
N TYR N 450 -18.62 -62.08 -4.75
CA TYR N 450 -19.73 -62.65 -3.98
C TYR N 450 -20.66 -61.52 -3.56
N LYS N 451 -21.94 -61.63 -3.90
CA LYS N 451 -22.92 -60.61 -3.56
C LYS N 451 -24.28 -61.29 -3.51
N ASN N 452 -24.79 -61.50 -2.28
CA ASN N 452 -26.06 -62.20 -2.00
C ASN N 452 -26.09 -63.61 -2.61
N GLY N 453 -24.93 -64.25 -2.74
CA GLY N 453 -24.84 -65.51 -3.44
C GLY N 453 -24.86 -65.42 -4.95
N VAL N 454 -24.95 -64.21 -5.52
CA VAL N 454 -24.95 -64.00 -6.96
C VAL N 454 -23.54 -63.64 -7.39
N ASN N 455 -23.02 -64.37 -8.37
CA ASN N 455 -21.67 -64.14 -8.84
C ASN N 455 -21.63 -62.97 -9.80
N GLN N 456 -20.70 -62.04 -9.56
CA GLN N 456 -20.38 -60.96 -10.49
C GLN N 456 -19.11 -61.23 -11.28
N GLY N 457 -18.31 -62.21 -10.87
CA GLY N 457 -17.11 -62.57 -11.60
C GLY N 457 -16.13 -63.39 -10.79
N VAL N 458 -15.40 -64.28 -11.45
CA VAL N 458 -14.27 -64.98 -10.83
C VAL N 458 -13.11 -64.00 -10.76
N ALA N 459 -12.69 -63.64 -9.56
CA ALA N 459 -11.75 -62.53 -9.43
C ALA N 459 -10.32 -62.95 -9.78
N TYR N 460 -9.70 -63.77 -8.94
CA TYR N 460 -8.26 -64.08 -9.08
C TYR N 460 -8.04 -65.50 -8.59
N LYS N 461 -6.77 -65.88 -8.36
CA LYS N 461 -6.43 -67.28 -8.16
C LYS N 461 -5.05 -67.42 -7.54
N ASP N 462 -4.93 -68.36 -6.59
CA ASP N 462 -3.66 -68.91 -6.08
C ASP N 462 -2.76 -67.86 -5.44
N ILE N 463 -3.24 -67.34 -4.30
CA ILE N 463 -2.46 -66.44 -3.47
C ILE N 463 -1.37 -67.19 -2.71
N PHE N 464 -0.47 -66.44 -2.08
CA PHE N 464 0.45 -66.97 -1.10
C PHE N 464 -0.21 -66.98 0.28
N GLU N 465 0.45 -67.59 1.25
CA GLU N 465 -0.11 -67.73 2.59
C GLU N 465 0.41 -66.62 3.51
N GLY N 466 -0.50 -66.00 4.25
CA GLY N 466 -0.15 -64.96 5.20
C GLY N 466 -1.33 -64.52 6.06
N VAL N 467 -1.38 -63.23 6.39
CA VAL N 467 -2.47 -62.65 7.18
C VAL N 467 -3.26 -61.73 6.25
N TYR N 468 -4.59 -61.90 6.24
CA TYR N 468 -5.46 -61.12 5.38
C TYR N 468 -6.55 -60.45 6.23
N PHE N 469 -6.24 -59.26 6.74
CA PHE N 469 -7.25 -58.47 7.42
C PHE N 469 -8.20 -57.84 6.41
N PRO N 470 -9.49 -57.71 6.72
CA PRO N 470 -10.41 -57.05 5.81
C PRO N 470 -10.10 -55.57 5.69
N ALA N 471 -10.23 -55.05 4.47
CA ALA N 471 -9.79 -53.71 4.13
C ALA N 471 -10.96 -52.90 3.58
N ILE N 472 -11.10 -51.67 4.07
CA ILE N 472 -12.21 -50.79 3.70
C ILE N 472 -11.60 -49.46 3.28
N SER N 473 -11.75 -49.11 2.00
CA SER N 473 -11.29 -47.83 1.48
C SER N 473 -12.44 -47.18 0.72
N LEU N 474 -12.92 -46.04 1.22
CA LEU N 474 -14.13 -45.41 0.77
C LEU N 474 -13.83 -44.01 0.26
N TYR N 475 -14.76 -43.46 -0.52
CA TYR N 475 -14.59 -42.11 -1.07
C TYR N 475 -15.41 -41.06 -0.32
N LYS N 476 -16.61 -41.40 0.12
CA LYS N 476 -17.41 -40.53 0.97
C LYS N 476 -17.38 -41.06 2.40
N SER N 477 -18.13 -40.40 3.27
CA SER N 477 -18.29 -40.83 4.66
C SER N 477 -19.59 -41.62 4.82
N CYS N 478 -19.67 -42.75 4.12
CA CYS N 478 -20.91 -43.50 4.05
C CYS N 478 -21.05 -44.42 5.27
N THR N 479 -22.24 -44.41 5.85
CA THR N 479 -22.58 -45.22 7.02
C THR N 479 -22.87 -46.64 6.55
N VAL N 480 -21.94 -47.56 6.79
CA VAL N 480 -22.09 -48.97 6.42
C VAL N 480 -21.77 -49.83 7.63
N SER N 481 -22.64 -50.81 7.89
CA SER N 481 -22.53 -51.66 9.07
C SER N 481 -21.78 -52.94 8.75
N ILE N 482 -21.79 -53.89 9.68
CA ILE N 482 -21.11 -55.18 9.51
C ILE N 482 -21.90 -56.23 10.28
N ASN N 483 -21.84 -57.48 9.80
CA ASN N 483 -22.59 -58.59 10.37
C ASN N 483 -21.64 -59.73 10.72
N PHE N 484 -22.00 -60.49 11.76
CA PHE N 484 -21.20 -61.63 12.16
C PHE N 484 -22.02 -62.86 12.54
N GLY N 485 -23.35 -62.81 12.45
CA GLY N 485 -24.18 -63.88 12.93
C GLY N 485 -24.17 -65.12 12.04
N PRO N 486 -24.61 -66.26 12.60
CA PRO N 486 -24.68 -67.48 11.79
C PRO N 486 -25.89 -67.51 10.86
N CYS N 487 -26.97 -66.84 11.26
CA CYS N 487 -28.18 -66.74 10.44
C CYS N 487 -28.05 -65.53 9.53
N PHE N 488 -27.48 -65.77 8.36
CA PHE N 488 -27.14 -64.68 7.43
C PHE N 488 -28.40 -64.15 6.75
N LYS N 489 -28.23 -63.03 6.04
CA LYS N 489 -29.33 -62.50 5.24
C LYS N 489 -29.45 -63.23 3.90
N TYR N 490 -28.41 -63.12 3.06
CA TYR N 490 -28.30 -63.89 1.83
C TYR N 490 -26.89 -64.46 1.78
N PRO N 491 -26.66 -65.61 2.38
CA PRO N 491 -25.32 -66.20 2.37
C PRO N 491 -25.01 -66.82 1.02
N PRO N 492 -23.74 -67.12 0.75
CA PRO N 492 -23.43 -68.08 -0.32
C PRO N 492 -24.02 -69.44 0.03
N LYS N 493 -24.76 -70.02 -0.92
CA LYS N 493 -25.54 -71.22 -0.65
C LYS N 493 -24.61 -72.43 -0.54
N ASP N 494 -24.86 -73.26 0.48
CA ASP N 494 -24.02 -74.41 0.85
C ASP N 494 -22.56 -74.00 1.05
N LEU N 495 -22.35 -73.15 2.05
CA LEU N 495 -21.05 -72.56 2.32
C LEU N 495 -20.31 -73.34 3.40
N THR N 496 -19.02 -73.56 3.16
CA THR N 496 -18.11 -74.08 4.18
C THR N 496 -17.48 -72.88 4.89
N TYR N 497 -17.80 -72.71 6.17
CA TYR N 497 -17.40 -71.53 6.92
C TYR N 497 -17.12 -71.91 8.36
N ARG N 498 -16.83 -70.90 9.18
CA ARG N 498 -16.64 -71.04 10.60
C ARG N 498 -17.34 -69.87 11.28
N PRO N 499 -17.97 -70.08 12.43
CA PRO N 499 -18.68 -68.98 13.09
C PRO N 499 -17.71 -68.00 13.74
N MET N 500 -18.13 -66.74 13.81
CA MET N 500 -17.32 -65.67 14.38
C MET N 500 -17.38 -65.62 15.91
N SER N 501 -17.88 -66.68 16.56
CA SER N 501 -17.89 -66.78 18.01
C SER N 501 -16.69 -67.56 18.54
N ASP N 502 -15.61 -67.64 17.77
CA ASP N 502 -14.43 -68.39 18.17
C ASP N 502 -13.18 -67.53 18.29
N MET N 503 -12.94 -66.63 17.32
CA MET N 503 -11.74 -65.80 17.29
C MET N 503 -12.12 -64.35 17.02
N GLY N 504 -13.12 -63.86 17.74
CA GLY N 504 -13.56 -62.48 17.58
C GLY N 504 -14.77 -62.12 18.40
#